data_9S96
#
_entry.id   9S96
#
_cell.length_a   61.267
_cell.length_b   81.848
_cell.length_c   122.382
_cell.angle_alpha   106.963
_cell.angle_beta   91.770
_cell.angle_gamma   112.835
#
_symmetry.space_group_name_H-M   'P 1'
#
loop_
_entity.id
_entity.type
_entity.pdbx_description
1 polymer 'Receptor-like protein kinase BRI1-like 3'
2 branched 2-acetamido-2-deoxy-beta-D-glucopyranose-(1-4)-2-acetamido-2-deoxy-beta-D-glucopyranose
3 branched alpha-D-mannopyranose-(1-2)-alpha-D-mannopyranose-(1-2)-alpha-D-mannopyranose-(1-3)-[alpha-D-mannopyranose-(1-2)-alpha-D-mannopyranose-(1-3)-[alpha-D-mannopyranose-(1-2)-alpha-D-mannopyranose-(1-6)]alpha-D-mannopyranose-(1-6)]beta-D-mannopyranose-(1-4)-2-acetamido-2-deoxy-beta-D-glucopyranose-(1-4)-2-acetamido-2-deoxy-beta-D-glucopyranose
4 branched 2-acetamido-2-deoxy-beta-D-glucopyranose-(1-4)-[alpha-D-mannopyranose-(1-6)]2-acetamido-2-deoxy-beta-D-glucopyranose
5 branched alpha-D-mannopyranose-(1-2)-alpha-D-mannopyranose-(1-2)-alpha-D-mannopyranose-(1-3)-[alpha-D-mannopyranose-(1-2)-alpha-D-mannopyranose-(1-6)-alpha-D-mannopyranose-(1-6)]beta-D-mannopyranose-(1-4)-2-acetamido-2-deoxy-beta-D-glucopyranose-(1-4)-2-acetamido-2-deoxy-beta-D-glucopyranose
6 branched alpha-D-mannopyranose-(1-2)-alpha-D-mannopyranose
7 branched 2-acetamido-2-deoxy-beta-D-glucopyranose-(1-4)-[alpha-L-fucopyranose-(1-6)]2-acetamido-2-deoxy-beta-D-glucopyranose
8 non-polymer Typhasterol
9 non-polymer 2-acetamido-2-deoxy-beta-D-glucopyranose
10 non-polymer 'SULFATE ION'
11 non-polymer 'TRIETHYLENE GLYCOL'
12 non-polymer 'ACETATE ION'
13 water water
#
_entity_poly.entity_id   1
_entity_poly.type   'polypeptide(L)'
_entity_poly.pdbx_seq_one_letter_code
;MKQQWQFLILCLLVLFLTVDSRGRRLLSDDVNDTALLTAFKQTSIKSDPTNFLGNWRYGSGRDPCTWRGVSCSSDGRVIG
LDLRNGGLTGTLNLNNLTALSNLRSLYLQGNNFSSGDSSSSSGCSLEVLDLSSNSLTDSSIVDYVFSTCLNLVSVNFSHN
KLAGKLKSSPSASNKRITTVDLSNNRFSDEIPETFIADFPNSLKHLDLSGNNVTGDFSRLSFGLCENLTVFSLSQNSISG
DRFPVSLSNCKLLETLNLSRNSLIGKIPGDDYWGNFQNLRQLSLAHNLYSGEIPPELSLLCRTLEVLDLSGNSLTGQLPQ
SFTSCGSLQSLNLGNNKLSGDFLSTVVSKLSRITNLYLPFNNISGSVPISLTNCSNLRVLDLSSNEFTGEVPSGFCSLQS
SSVLEKLLIANNYLSGTVPVELGKCKSLKTIDLSFNALTGLIPKEIWTLPKLSDLVMWANNLTGGIPESICVDGGNLETL
ILNNNLLTGSLPESISKCTNMLWISLSSNLLTGEIPVGIGKLEKLAILQLGNNSLTGNIPSELGNCKNLIWLDLNSNNLT
GNLPGELASQAGLVMPGSVSGKQFAFVRNEGGTDCRGAGGLVEFEGIRAERLEHFPMVHSCPKTRIYSGMTMYMFSSNGS
MIYLDLSYNAVSGSIPLGYGAMGYLQVLNLGHNLLTGTIPDSFGGLKAIGVLDLSHNDLQGFLPGSLGGLSFLSDLDVSN
NNLTGPIPFGGQLTTFPLTRYANNSGLCGVPLPPCSSGSRPTRSHAHPKKAAAENLYFQ
;
_entity_poly.pdbx_strand_id   A,B
#
loop_
_chem_comp.id
_chem_comp.type
_chem_comp.name
_chem_comp.formula
A1JMF non-polymer Typhasterol 'C28 H48 O4'
ACT non-polymer 'ACETATE ION' 'C2 H3 O2 -1'
BMA D-saccharide, beta linking beta-D-mannopyranose 'C6 H12 O6'
FUC L-saccharide, alpha linking alpha-L-fucopyranose 'C6 H12 O5'
MAN D-saccharide, alpha linking alpha-D-mannopyranose 'C6 H12 O6'
NAG D-saccharide, beta linking 2-acetamido-2-deoxy-beta-D-glucopyranose 'C8 H15 N O6'
PGE non-polymer 'TRIETHYLENE GLYCOL' 'C6 H14 O4'
SO4 non-polymer 'SULFATE ION' 'O4 S -2'
#
# COMPACT_ATOMS: atom_id res chain seq x y z
N ASN A 32 16.85 -49.88 54.27
CA ASN A 32 15.40 -50.03 54.22
C ASN A 32 14.77 -48.84 53.50
N ASP A 33 13.95 -49.14 52.49
CA ASP A 33 13.30 -48.08 51.71
C ASP A 33 12.30 -47.31 52.57
N THR A 34 11.48 -48.03 53.34
CA THR A 34 10.52 -47.37 54.23
C THR A 34 11.22 -46.37 55.14
N ALA A 35 12.42 -46.68 55.59
CA ALA A 35 13.14 -45.77 56.48
C ALA A 35 13.60 -44.52 55.75
N LEU A 36 13.92 -44.63 54.46
CA LEU A 36 14.34 -43.46 53.69
C LEU A 36 13.18 -42.51 53.46
N LEU A 37 12.04 -43.03 52.99
CA LEU A 37 10.89 -42.18 52.72
C LEU A 37 10.42 -41.46 53.97
N THR A 38 10.49 -42.13 55.13
CA THR A 38 10.15 -41.47 56.38
C THR A 38 11.17 -40.40 56.73
N ALA A 39 12.46 -40.68 56.51
CA ALA A 39 13.49 -39.67 56.73
C ALA A 39 13.37 -38.51 55.75
N PHE A 40 12.72 -38.71 54.60
CA PHE A 40 12.48 -37.62 53.68
C PHE A 40 11.34 -36.73 54.15
N LYS A 41 10.24 -37.33 54.60
CA LYS A 41 9.08 -36.56 55.05
C LYS A 41 9.48 -35.60 56.17
N GLN A 42 10.06 -36.13 57.24
CA GLN A 42 10.30 -35.31 58.43
C GLN A 42 11.48 -34.37 58.23
N THR A 43 12.52 -34.81 57.50
CA THR A 43 13.71 -33.99 57.36
C THR A 43 13.54 -32.91 56.28
N SER A 44 12.92 -33.25 55.15
CA SER A 44 12.80 -32.33 54.04
C SER A 44 11.51 -31.52 54.08
N ILE A 45 10.37 -32.19 54.28
CA ILE A 45 9.08 -31.53 54.18
C ILE A 45 8.83 -30.70 55.43
N LYS A 46 8.39 -29.45 55.24
CA LYS A 46 8.09 -28.54 56.34
C LYS A 46 6.62 -28.15 56.40
N SER A 47 5.80 -28.58 55.44
CA SER A 47 4.38 -28.30 55.46
C SER A 47 3.67 -29.21 54.47
N ASP A 48 2.49 -29.67 54.85
CA ASP A 48 1.69 -30.57 54.01
C ASP A 48 0.21 -30.33 54.31
N PRO A 49 -0.30 -29.15 53.95
CA PRO A 49 -1.69 -28.82 54.33
C PRO A 49 -2.74 -29.74 53.73
N THR A 50 -2.46 -30.37 52.59
CA THR A 50 -3.40 -31.29 51.97
C THR A 50 -3.33 -32.70 52.56
N ASN A 51 -2.49 -32.91 53.57
CA ASN A 51 -2.29 -34.24 54.15
C ASN A 51 -1.89 -35.25 53.06
N PHE A 52 -1.10 -34.78 52.10
CA PHE A 52 -0.63 -35.64 51.02
C PHE A 52 0.15 -36.83 51.57
N LEU A 53 0.72 -36.70 52.76
CA LEU A 53 1.58 -37.72 53.35
C LEU A 53 0.91 -38.47 54.48
N GLY A 54 -0.39 -38.28 54.68
CA GLY A 54 -1.10 -38.83 55.83
C GLY A 54 -0.74 -40.26 56.18
N ASN A 55 -0.94 -41.18 55.25
CA ASN A 55 -0.74 -42.61 55.50
C ASN A 55 0.72 -43.01 55.58
N TRP A 56 1.68 -42.09 55.53
CA TRP A 56 3.09 -42.45 55.56
C TRP A 56 3.48 -42.96 56.95
N PRO A 64 5.72 -49.71 52.57
CA PRO A 64 5.52 -48.28 52.29
C PRO A 64 4.73 -48.06 51.01
N CYS A 65 4.54 -49.13 50.24
CA CYS A 65 3.86 -49.05 48.96
C CYS A 65 2.39 -48.68 49.09
N THR A 66 1.86 -48.62 50.30
CA THR A 66 0.52 -48.10 50.56
C THR A 66 0.50 -46.59 50.73
N TRP A 67 1.65 -45.94 50.67
CA TRP A 67 1.76 -44.50 50.93
C TRP A 67 1.46 -43.72 49.65
N ARG A 68 0.88 -42.53 49.84
CA ARG A 68 0.47 -41.72 48.70
C ARG A 68 1.69 -41.31 47.88
N GLY A 69 1.62 -41.58 46.58
CA GLY A 69 2.70 -41.30 45.66
C GLY A 69 3.72 -42.40 45.57
N VAL A 70 3.98 -43.08 46.70
CA VAL A 70 4.92 -44.18 46.73
C VAL A 70 4.36 -45.34 45.91
N SER A 71 5.19 -45.91 45.05
CA SER A 71 4.85 -47.09 44.28
C SER A 71 6.07 -47.99 44.20
N CYS A 72 5.82 -49.30 44.15
CA CYS A 72 6.88 -50.29 44.20
C CYS A 72 6.64 -51.35 43.13
N SER A 73 7.64 -52.21 42.96
CA SER A 73 7.51 -53.37 42.10
C SER A 73 6.80 -54.49 42.84
N SER A 74 6.68 -55.65 42.20
CA SER A 74 6.16 -56.83 42.90
C SER A 74 7.08 -57.21 44.06
N ASP A 75 8.39 -57.01 43.89
CA ASP A 75 9.34 -57.26 44.97
C ASP A 75 9.00 -56.43 46.21
N GLY A 76 8.45 -55.24 46.01
CA GLY A 76 8.29 -54.29 47.09
C GLY A 76 9.37 -53.24 47.16
N ARG A 77 10.07 -52.99 46.05
CA ARG A 77 11.18 -52.05 46.00
C ARG A 77 10.70 -50.75 45.37
N VAL A 78 10.98 -49.63 46.03
CA VAL A 78 10.52 -48.34 45.55
C VAL A 78 11.02 -48.12 44.13
N ILE A 79 10.09 -47.82 43.22
CA ILE A 79 10.43 -47.48 41.84
C ILE A 79 9.94 -46.11 41.42
N GLY A 80 9.07 -45.46 42.20
CA GLY A 80 8.55 -44.17 41.83
C GLY A 80 7.86 -43.43 42.96
N LEU A 81 8.30 -42.20 43.22
CA LEU A 81 7.69 -41.33 44.22
C LEU A 81 7.07 -40.14 43.48
N ASP A 82 5.74 -40.05 43.51
CA ASP A 82 5.00 -39.02 42.79
C ASP A 82 4.24 -38.17 43.80
N LEU A 83 4.68 -36.92 43.97
CA LEU A 83 4.07 -35.97 44.87
C LEU A 83 3.77 -34.66 44.14
N ARG A 84 3.16 -34.77 42.96
CA ARG A 84 2.91 -33.60 42.14
C ARG A 84 1.69 -32.83 42.64
N ASN A 85 1.71 -31.51 42.43
CA ASN A 85 0.61 -30.62 42.78
C ASN A 85 0.09 -30.91 44.19
N GLY A 86 1.01 -30.97 45.14
CA GLY A 86 0.66 -31.30 46.50
C GLY A 86 0.69 -30.11 47.44
N GLY A 87 1.19 -28.98 46.97
CA GLY A 87 1.33 -27.82 47.83
C GLY A 87 2.24 -28.06 49.02
N LEU A 88 3.31 -28.83 48.82
CA LEU A 88 4.27 -29.13 49.87
C LEU A 88 5.33 -28.04 49.92
N THR A 89 5.69 -27.64 51.14
CA THR A 89 6.79 -26.71 51.37
C THR A 89 7.90 -27.46 52.07
N GLY A 90 9.10 -27.42 51.52
CA GLY A 90 10.21 -28.15 52.12
C GLY A 90 11.52 -27.80 51.46
N THR A 91 12.58 -28.42 51.96
CA THR A 91 13.93 -28.29 51.43
C THR A 91 14.34 -29.63 50.85
N LEU A 92 14.67 -29.64 49.57
CA LEU A 92 14.98 -30.87 48.85
C LEU A 92 16.49 -31.06 48.74
N ASN A 93 16.96 -32.25 49.11
CA ASN A 93 18.29 -32.72 48.77
C ASN A 93 18.09 -34.05 48.05
N LEU A 94 18.33 -34.06 46.74
CA LEU A 94 18.03 -35.24 45.94
C LEU A 94 18.73 -36.49 46.46
N ASN A 95 19.80 -36.34 47.23
CA ASN A 95 20.51 -37.50 47.75
C ASN A 95 19.64 -38.31 48.70
N ASN A 96 18.86 -37.62 49.56
CA ASN A 96 17.99 -38.33 50.48
C ASN A 96 16.99 -39.23 49.76
N LEU A 97 16.73 -38.99 48.47
CA LEU A 97 15.84 -39.83 47.68
C LEU A 97 16.59 -40.75 46.71
N THR A 98 17.69 -40.29 46.12
CA THR A 98 18.48 -41.17 45.27
C THR A 98 19.10 -42.31 46.06
N ALA A 99 19.13 -42.21 47.39
CA ALA A 99 19.56 -43.34 48.21
C ALA A 99 18.68 -44.56 47.98
N LEU A 100 17.40 -44.33 47.61
CA LEU A 100 16.52 -45.42 47.23
C LEU A 100 17.13 -46.16 46.03
N SER A 101 17.58 -47.40 46.26
CA SER A 101 18.38 -48.09 45.26
C SER A 101 17.63 -48.35 43.97
N ASN A 102 16.30 -48.42 44.02
CA ASN A 102 15.48 -48.81 42.87
C ASN A 102 14.65 -47.68 42.30
N LEU A 103 14.80 -46.46 42.82
CA LEU A 103 13.94 -45.35 42.38
C LEU A 103 14.26 -45.01 40.92
N ARG A 104 13.27 -45.16 40.04
CA ARG A 104 13.42 -44.85 38.63
C ARG A 104 12.57 -43.67 38.17
N SER A 105 11.59 -43.25 38.97
CA SER A 105 10.77 -42.09 38.68
C SER A 105 10.68 -41.21 39.93
N LEU A 106 10.75 -39.89 39.73
CA LEU A 106 10.52 -38.94 40.81
C LEU A 106 9.73 -37.76 40.25
N TYR A 107 8.57 -37.49 40.85
CA TYR A 107 7.69 -36.42 40.40
C TYR A 107 7.38 -35.52 41.59
N LEU A 108 8.08 -34.39 41.67
CA LEU A 108 7.84 -33.39 42.71
C LEU A 108 7.38 -32.06 42.12
N GLN A 109 6.91 -32.05 40.87
CA GLN A 109 6.57 -30.80 40.21
C GLN A 109 5.26 -30.24 40.77
N GLY A 110 5.19 -28.91 40.81
CA GLY A 110 4.00 -28.23 41.29
C GLY A 110 3.94 -28.04 42.79
N ASN A 111 5.08 -27.89 43.45
CA ASN A 111 5.12 -27.69 44.89
C ASN A 111 5.99 -26.48 45.22
N ASN A 112 6.62 -26.49 46.40
CA ASN A 112 7.41 -25.37 46.89
C ASN A 112 8.62 -25.91 47.63
N PHE A 113 9.47 -26.64 46.91
CA PHE A 113 10.71 -27.17 47.46
C PHE A 113 11.84 -26.17 47.21
N SER A 114 12.64 -25.92 48.24
CA SER A 114 13.85 -25.12 48.12
C SER A 114 15.06 -26.05 48.03
N SER A 115 16.21 -25.46 47.69
CA SER A 115 17.44 -26.22 47.58
C SER A 115 18.05 -26.45 48.96
N GLY A 116 18.55 -27.66 49.18
CA GLY A 116 19.10 -28.04 50.46
C GLY A 116 20.56 -28.43 50.40
N ASP A 117 21.25 -28.34 51.54
CA ASP A 117 22.66 -28.71 51.60
C ASP A 117 22.87 -30.11 51.04
N SER A 118 24.04 -30.33 50.45
CA SER A 118 24.37 -31.59 49.80
C SER A 118 24.82 -32.60 50.85
N SER A 119 23.87 -33.02 51.68
CA SER A 119 24.13 -34.03 52.69
C SER A 119 24.15 -35.40 52.06
N SER A 120 25.21 -36.17 52.33
CA SER A 120 25.36 -37.52 51.81
C SER A 120 25.61 -37.49 50.31
N SER A 121 25.99 -38.64 49.74
CA SER A 121 26.25 -38.75 48.31
C SER A 121 26.01 -40.19 47.91
N SER A 122 24.96 -40.41 47.13
CA SER A 122 24.56 -41.74 46.68
C SER A 122 24.59 -41.79 45.15
N GLY A 123 24.43 -43.01 44.63
CA GLY A 123 24.25 -43.19 43.21
C GLY A 123 22.82 -42.92 42.78
N CYS A 124 22.64 -42.80 41.47
CA CYS A 124 21.35 -42.42 40.90
C CYS A 124 20.91 -43.45 39.88
N SER A 125 19.67 -43.94 40.03
CA SER A 125 19.07 -44.88 39.09
C SER A 125 17.83 -44.30 38.42
N LEU A 126 17.67 -42.98 38.45
CA LEU A 126 16.47 -42.36 37.92
C LEU A 126 16.44 -42.39 36.40
N GLU A 127 15.24 -42.59 35.84
CA GLU A 127 15.02 -42.48 34.41
C GLU A 127 14.12 -41.31 34.02
N VAL A 128 13.24 -40.88 34.92
CA VAL A 128 12.38 -39.72 34.70
C VAL A 128 12.43 -38.87 35.97
N LEU A 129 12.85 -37.62 35.83
CA LEU A 129 12.91 -36.68 36.94
C LEU A 129 12.16 -35.41 36.55
N ASP A 130 11.23 -34.99 37.40
CA ASP A 130 10.43 -33.80 37.16
C ASP A 130 10.40 -32.99 38.45
N LEU A 131 11.21 -31.94 38.50
CA LEU A 131 11.30 -31.04 39.64
C LEU A 131 10.86 -29.62 39.25
N SER A 132 9.84 -29.54 38.40
CA SER A 132 9.42 -28.25 37.85
C SER A 132 8.52 -27.51 38.82
N SER A 133 8.25 -26.25 38.50
CA SER A 133 7.31 -25.42 39.24
C SER A 133 7.60 -25.47 40.74
N ASN A 134 8.87 -25.30 41.08
CA ASN A 134 9.31 -25.29 42.47
C ASN A 134 10.13 -24.02 42.70
N SER A 135 10.88 -23.97 43.80
CA SER A 135 11.66 -22.80 44.16
C SER A 135 13.15 -23.14 44.30
N LEU A 136 13.61 -24.12 43.53
CA LEU A 136 15.00 -24.54 43.63
C LEU A 136 15.93 -23.44 43.12
N THR A 137 17.01 -23.21 43.84
CA THR A 137 17.97 -22.16 43.51
C THR A 137 19.37 -22.68 43.26
N ASP A 138 19.78 -23.77 43.90
CA ASP A 138 21.12 -24.30 43.73
C ASP A 138 21.16 -25.16 42.47
N SER A 139 21.96 -24.73 41.49
CA SER A 139 22.09 -25.50 40.25
C SER A 139 22.89 -26.77 40.42
N SER A 140 23.47 -27.01 41.62
CA SER A 140 24.19 -28.27 41.84
C SER A 140 23.30 -29.47 41.59
N ILE A 141 21.97 -29.30 41.73
CA ILE A 141 21.04 -30.39 41.46
C ILE A 141 21.14 -30.83 40.00
N VAL A 142 21.44 -29.89 39.10
CA VAL A 142 21.59 -30.25 37.69
C VAL A 142 22.94 -30.93 37.45
N ASP A 143 24.00 -30.40 38.07
CA ASP A 143 25.32 -31.03 37.92
C ASP A 143 25.31 -32.44 38.45
N TYR A 144 24.63 -32.67 39.59
CA TYR A 144 24.52 -34.01 40.14
C TYR A 144 23.80 -34.94 39.17
N VAL A 145 22.61 -34.51 38.69
CA VAL A 145 21.83 -35.34 37.78
C VAL A 145 22.59 -35.63 36.50
N PHE A 146 23.34 -34.63 36.00
CA PHE A 146 24.11 -34.83 34.78
C PHE A 146 25.33 -35.72 34.99
N SER A 147 25.79 -35.88 36.24
CA SER A 147 26.96 -36.69 36.54
C SER A 147 26.62 -38.07 37.07
N THR A 148 25.54 -38.18 37.85
CA THR A 148 25.22 -39.41 38.56
C THR A 148 24.09 -40.20 37.91
N CYS A 149 23.06 -39.52 37.40
CA CYS A 149 21.93 -40.18 36.76
C CYS A 149 22.32 -40.47 35.30
N LEU A 150 22.96 -41.62 35.09
CA LEU A 150 23.47 -42.01 33.79
C LEU A 150 22.44 -42.78 32.97
N ASN A 151 21.36 -43.25 33.58
CA ASN A 151 20.25 -43.86 32.85
C ASN A 151 19.12 -42.86 32.61
N LEU A 152 19.32 -41.59 32.96
CA LEU A 152 18.24 -40.61 32.88
C LEU A 152 17.82 -40.41 31.43
N VAL A 153 16.51 -40.47 31.19
CA VAL A 153 15.95 -40.31 29.86
C VAL A 153 15.35 -38.92 29.66
N SER A 154 14.51 -38.48 30.60
CA SER A 154 13.87 -37.17 30.52
C SER A 154 14.01 -36.47 31.87
N VAL A 155 14.41 -35.20 31.84
CA VAL A 155 14.56 -34.39 33.04
C VAL A 155 13.94 -33.03 32.76
N ASN A 156 13.28 -32.47 33.78
CA ASN A 156 12.62 -31.17 33.66
C ASN A 156 12.89 -30.37 34.91
N PHE A 157 13.75 -29.35 34.80
CA PHE A 157 14.01 -28.42 35.89
C PHE A 157 13.29 -27.09 35.67
N SER A 158 12.30 -27.06 34.78
CA SER A 158 11.73 -25.78 34.35
C SER A 158 10.95 -25.12 35.48
N HIS A 159 10.75 -23.81 35.32
CA HIS A 159 9.96 -23.00 36.25
C HIS A 159 10.46 -23.16 37.68
N ASN A 160 11.75 -22.88 37.85
CA ASN A 160 12.40 -22.81 39.16
C ASN A 160 13.18 -21.51 39.19
N LYS A 161 14.10 -21.39 40.15
CA LYS A 161 14.96 -20.22 40.28
C LYS A 161 16.44 -20.56 40.11
N LEU A 162 16.74 -21.69 39.47
CA LEU A 162 18.13 -22.12 39.33
C LEU A 162 18.99 -20.99 38.77
N ALA A 163 20.01 -20.60 39.52
CA ALA A 163 20.84 -19.47 39.18
C ALA A 163 22.25 -19.91 38.84
N GLY A 164 23.06 -18.95 38.41
CA GLY A 164 24.43 -19.23 38.03
C GLY A 164 24.56 -19.58 36.56
N LYS A 165 25.81 -19.76 36.13
CA LYS A 165 26.09 -20.07 34.75
C LYS A 165 25.83 -21.55 34.46
N LEU A 166 25.46 -21.84 33.22
CA LEU A 166 25.43 -23.22 32.76
C LEU A 166 26.85 -23.72 32.60
N LYS A 167 27.11 -24.94 33.07
CA LYS A 167 28.47 -25.48 33.05
C LYS A 167 28.47 -26.91 32.56
N SER A 168 27.88 -27.81 33.34
CA SER A 168 27.94 -29.23 33.04
C SER A 168 26.88 -29.63 32.02
N SER A 169 27.27 -30.51 31.11
CA SER A 169 26.36 -31.20 30.22
C SER A 169 26.21 -32.63 30.68
N PRO A 170 25.13 -33.32 30.30
CA PRO A 170 24.96 -34.72 30.72
C PRO A 170 26.21 -35.53 30.41
N SER A 171 26.53 -36.44 31.33
CA SER A 171 27.76 -37.21 31.25
C SER A 171 27.82 -38.00 29.94
N ALA A 172 29.05 -38.17 29.44
CA ALA A 172 29.26 -38.99 28.26
C ALA A 172 28.92 -40.46 28.50
N SER A 173 28.88 -40.89 29.77
CA SER A 173 28.43 -42.25 30.07
C SER A 173 26.93 -42.39 29.89
N ASN A 174 26.18 -41.29 29.95
CA ASN A 174 24.76 -41.32 29.64
C ASN A 174 24.61 -41.42 28.13
N LYS A 175 23.95 -42.47 27.66
CA LYS A 175 23.71 -42.68 26.23
C LYS A 175 22.22 -42.73 25.92
N ARG A 176 21.37 -42.23 26.82
CA ARG A 176 19.93 -42.39 26.70
C ARG A 176 19.12 -41.14 26.95
N ILE A 177 19.72 -40.04 27.38
CA ILE A 177 18.96 -38.84 27.72
C ILE A 177 18.37 -38.25 26.44
N THR A 178 17.04 -38.20 26.36
CA THR A 178 16.34 -37.68 25.19
C THR A 178 15.72 -36.31 25.42
N THR A 179 15.42 -35.94 26.66
CA THR A 179 14.68 -34.72 26.94
C THR A 179 15.32 -34.00 28.12
N VAL A 180 15.65 -32.72 27.92
CA VAL A 180 16.23 -31.88 28.96
C VAL A 180 15.57 -30.51 28.84
N ASP A 181 14.86 -30.10 29.90
CA ASP A 181 14.15 -28.82 29.93
C ASP A 181 14.69 -28.02 31.11
N LEU A 182 15.49 -26.99 30.81
CA LEU A 182 16.02 -26.08 31.80
C LEU A 182 15.41 -24.68 31.67
N SER A 183 14.24 -24.58 31.06
CA SER A 183 13.66 -23.28 30.73
C SER A 183 13.10 -22.61 31.98
N ASN A 184 12.81 -21.32 31.84
CA ASN A 184 12.18 -20.52 32.89
C ASN A 184 12.92 -20.69 34.23
N ASN A 185 14.19 -20.29 34.22
CA ASN A 185 15.00 -20.25 35.42
C ASN A 185 15.76 -18.93 35.44
N ARG A 186 16.91 -18.89 36.10
CA ARG A 186 17.68 -17.65 36.25
C ARG A 186 19.14 -17.88 35.86
N PHE A 187 19.38 -18.69 34.83
CA PHE A 187 20.73 -18.92 34.34
C PHE A 187 21.25 -17.65 33.64
N SER A 188 22.56 -17.46 33.71
CA SER A 188 23.14 -16.18 33.34
C SER A 188 24.49 -16.37 32.67
N ASP A 189 25.02 -15.26 32.16
CA ASP A 189 26.33 -15.24 31.51
C ASP A 189 26.34 -16.07 30.24
N GLU A 190 27.52 -16.30 29.67
CA GLU A 190 27.61 -17.01 28.40
C GLU A 190 27.46 -18.51 28.61
N ILE A 191 27.02 -19.18 27.55
CA ILE A 191 26.90 -20.64 27.54
C ILE A 191 28.21 -21.21 27.03
N PRO A 192 28.70 -22.31 27.59
CA PRO A 192 29.93 -22.92 27.06
C PRO A 192 29.77 -23.28 25.59
N GLU A 193 30.80 -22.99 24.79
CA GLU A 193 30.76 -23.33 23.38
C GLU A 193 30.37 -24.78 23.17
N THR A 194 30.93 -25.68 23.96
CA THR A 194 30.70 -27.11 23.82
C THR A 194 29.49 -27.60 24.60
N PHE A 195 28.77 -26.70 25.27
CA PHE A 195 27.63 -27.10 26.11
C PHE A 195 26.66 -27.97 25.32
N ILE A 196 26.08 -27.43 24.25
CA ILE A 196 25.12 -28.19 23.46
C ILE A 196 25.78 -29.41 22.84
N ALA A 197 26.98 -29.23 22.26
CA ALA A 197 27.66 -30.33 21.60
C ALA A 197 28.10 -31.41 22.57
N ASP A 198 28.27 -31.08 23.85
CA ASP A 198 28.71 -32.06 24.83
C ASP A 198 27.59 -32.95 25.34
N PHE A 199 26.33 -32.58 25.12
CA PHE A 199 25.23 -33.50 25.37
C PHE A 199 25.45 -34.75 24.51
N PRO A 200 25.01 -35.91 24.98
CA PRO A 200 25.16 -37.12 24.17
C PRO A 200 24.30 -37.03 22.90
N ASN A 201 24.48 -38.03 22.04
CA ASN A 201 23.93 -37.97 20.69
C ASN A 201 22.45 -38.37 20.61
N SER A 202 21.89 -38.93 21.68
CA SER A 202 20.50 -39.34 21.66
C SER A 202 19.54 -38.22 22.04
N LEU A 203 20.04 -37.02 22.34
CA LEU A 203 19.18 -35.93 22.77
C LEU A 203 18.25 -35.51 21.65
N LYS A 204 16.98 -35.34 21.98
CA LYS A 204 15.97 -34.90 21.03
C LYS A 204 15.32 -33.57 21.38
N HIS A 205 15.26 -33.21 22.66
CA HIS A 205 14.60 -31.99 23.11
C HIS A 205 15.48 -31.27 24.12
N LEU A 206 15.91 -30.05 23.78
CA LEU A 206 16.61 -29.19 24.71
C LEU A 206 15.92 -27.83 24.72
N ASP A 207 15.50 -27.38 25.90
CA ASP A 207 14.81 -26.10 26.05
C ASP A 207 15.62 -25.24 27.03
N LEU A 208 16.23 -24.18 26.51
CA LEU A 208 17.01 -23.25 27.31
C LEU A 208 16.29 -21.90 27.47
N SER A 209 15.01 -21.85 27.13
CA SER A 209 14.32 -20.57 27.04
C SER A 209 14.03 -20.01 28.43
N GLY A 210 13.65 -18.74 28.46
CA GLY A 210 13.23 -18.12 29.70
C GLY A 210 14.32 -17.93 30.74
N ASN A 211 15.55 -17.68 30.29
CA ASN A 211 16.65 -17.39 31.20
C ASN A 211 17.26 -16.03 30.85
N ASN A 212 18.48 -15.76 31.33
CA ASN A 212 19.15 -14.49 31.09
C ASN A 212 20.58 -14.71 30.63
N VAL A 213 20.78 -15.65 29.72
CA VAL A 213 22.11 -15.98 29.22
C VAL A 213 22.43 -15.09 28.03
N THR A 214 23.71 -14.76 27.88
CA THR A 214 24.20 -13.84 26.86
C THR A 214 25.19 -14.56 25.95
N GLY A 215 25.69 -13.82 24.96
CA GLY A 215 26.76 -14.33 24.12
C GLY A 215 26.45 -14.37 22.64
N ASP A 216 27.48 -14.20 21.82
CA ASP A 216 27.33 -14.31 20.38
C ASP A 216 26.86 -15.72 20.02
N PHE A 217 25.80 -15.79 19.21
CA PHE A 217 25.20 -17.08 18.87
C PHE A 217 26.14 -17.93 18.04
N SER A 218 27.03 -17.30 17.26
CA SER A 218 27.95 -18.06 16.43
C SER A 218 28.94 -18.89 17.24
N ARG A 219 29.13 -18.55 18.51
CA ARG A 219 30.11 -19.27 19.33
C ARG A 219 29.63 -20.66 19.70
N LEU A 220 28.31 -20.86 19.77
CA LEU A 220 27.76 -22.09 20.33
C LEU A 220 27.88 -23.23 19.32
N SER A 221 28.59 -24.28 19.71
CA SER A 221 28.71 -25.48 18.89
C SER A 221 27.56 -26.42 19.21
N PHE A 222 26.91 -26.92 18.16
CA PHE A 222 25.84 -27.90 18.31
C PHE A 222 26.33 -29.33 18.16
N GLY A 223 27.60 -29.53 17.82
CA GLY A 223 28.11 -30.88 17.65
C GLY A 223 27.54 -31.55 16.41
N LEU A 224 27.52 -32.89 16.44
CA LEU A 224 26.98 -33.64 15.32
C LEU A 224 25.47 -33.47 15.19
N CYS A 225 24.78 -33.25 16.31
CA CYS A 225 23.35 -32.93 16.32
C CYS A 225 22.56 -33.97 15.53
N GLU A 226 22.76 -35.24 15.89
CA GLU A 226 22.21 -36.33 15.09
C GLU A 226 20.71 -36.46 15.28
N ASN A 227 20.22 -36.38 16.52
CA ASN A 227 18.83 -36.72 16.84
C ASN A 227 18.02 -35.54 17.38
N LEU A 228 18.55 -34.32 17.31
CA LEU A 228 17.86 -33.17 17.89
C LEU A 228 16.67 -32.76 17.02
N THR A 229 15.48 -32.69 17.63
CA THR A 229 14.27 -32.34 16.92
C THR A 229 13.62 -31.04 17.40
N VAL A 230 13.86 -30.63 18.66
CA VAL A 230 13.25 -29.42 19.20
C VAL A 230 14.33 -28.68 20.00
N PHE A 231 14.58 -27.43 19.64
CA PHE A 231 15.54 -26.61 20.33
C PHE A 231 15.00 -25.20 20.51
N SER A 232 15.11 -24.67 21.72
CA SER A 232 14.70 -23.30 21.99
C SER A 232 15.74 -22.61 22.85
N LEU A 233 16.17 -21.43 22.39
CA LEU A 233 16.91 -20.48 23.21
C LEU A 233 16.10 -19.21 23.43
N SER A 234 14.77 -19.33 23.39
CA SER A 234 13.90 -18.17 23.36
C SER A 234 13.89 -17.42 24.68
N GLN A 235 13.75 -16.11 24.59
CA GLN A 235 13.63 -15.23 25.75
C GLN A 235 14.91 -15.27 26.60
N ASN A 236 16.02 -14.92 25.95
CA ASN A 236 17.29 -14.69 26.64
C ASN A 236 17.88 -13.38 26.11
N SER A 237 19.20 -13.29 26.03
CA SER A 237 19.89 -12.11 25.52
C SER A 237 21.00 -12.51 24.55
N ILE A 238 20.68 -13.45 23.66
CA ILE A 238 21.66 -13.89 22.67
C ILE A 238 21.80 -12.83 21.60
N SER A 239 23.04 -12.57 21.19
CA SER A 239 23.36 -11.57 20.18
C SER A 239 24.06 -12.23 19.00
N GLY A 240 24.44 -11.41 18.02
CA GLY A 240 25.18 -11.88 16.87
C GLY A 240 24.46 -11.70 15.55
N ASP A 241 25.20 -11.76 14.44
CA ASP A 241 24.63 -11.62 13.11
C ASP A 241 24.85 -12.87 12.25
N ARG A 242 25.23 -13.99 12.86
CA ARG A 242 25.47 -15.23 12.15
C ARG A 242 24.98 -16.38 13.01
N PHE A 243 24.47 -17.43 12.36
CA PHE A 243 24.18 -18.66 13.08
C PHE A 243 25.47 -19.49 13.15
N PRO A 244 25.64 -20.27 14.21
CA PRO A 244 26.79 -21.18 14.25
C PRO A 244 26.70 -22.21 13.15
N VAL A 245 27.85 -22.50 12.53
CA VAL A 245 27.86 -23.43 11.40
C VAL A 245 27.32 -24.79 11.80
N SER A 246 27.53 -25.20 13.07
CA SER A 246 27.10 -26.51 13.50
C SER A 246 25.59 -26.67 13.55
N LEU A 247 24.85 -25.55 13.55
CA LEU A 247 23.39 -25.65 13.59
C LEU A 247 22.84 -26.34 12.35
N SER A 248 23.50 -26.22 11.21
CA SER A 248 23.06 -26.90 10.00
C SER A 248 23.15 -28.42 10.12
N ASN A 249 23.91 -28.93 11.10
CA ASN A 249 24.00 -30.37 11.29
C ASN A 249 22.70 -30.98 11.80
N CYS A 250 21.83 -30.17 12.41
CA CYS A 250 20.58 -30.66 13.00
C CYS A 250 19.55 -30.91 11.89
N LYS A 251 19.79 -31.97 11.12
CA LYS A 251 18.96 -32.24 9.95
C LYS A 251 17.54 -32.63 10.35
N LEU A 252 17.36 -33.21 11.54
CA LEU A 252 16.07 -33.72 11.97
C LEU A 252 15.25 -32.69 12.74
N LEU A 253 15.67 -31.43 12.74
CA LEU A 253 15.03 -30.41 13.56
C LEU A 253 13.59 -30.18 13.12
N GLU A 254 12.67 -30.17 14.08
CA GLU A 254 11.26 -29.91 13.82
C GLU A 254 10.79 -28.59 14.39
N THR A 255 11.43 -28.09 15.45
CA THR A 255 11.09 -26.80 16.03
C THR A 255 12.39 -26.07 16.35
N LEU A 256 12.54 -24.86 15.81
CA LEU A 256 13.66 -23.98 16.12
C LEU A 256 13.07 -22.66 16.61
N ASN A 257 13.29 -22.35 17.89
CA ASN A 257 12.69 -21.19 18.53
C ASN A 257 13.81 -20.31 19.07
N LEU A 258 14.07 -19.18 18.39
CA LEU A 258 15.14 -18.25 18.76
C LEU A 258 14.58 -16.88 19.13
N SER A 259 13.33 -16.84 19.59
CA SER A 259 12.64 -15.56 19.76
C SER A 259 13.14 -14.81 20.99
N ARG A 260 12.85 -13.51 21.01
CA ARG A 260 13.10 -12.65 22.16
C ARG A 260 14.58 -12.65 22.56
N ASN A 261 15.43 -12.37 21.60
CA ASN A 261 16.86 -12.16 21.84
C ASN A 261 17.30 -10.90 21.12
N SER A 262 18.57 -10.81 20.75
CA SER A 262 19.08 -9.64 20.04
C SER A 262 19.79 -10.04 18.75
N LEU A 263 19.30 -11.09 18.09
CA LEU A 263 19.86 -11.48 16.81
C LEU A 263 19.64 -10.36 15.80
N ILE A 264 20.67 -10.05 15.02
CA ILE A 264 20.70 -8.86 14.18
C ILE A 264 21.07 -9.27 12.76
N GLY A 265 20.86 -8.34 11.84
CA GLY A 265 21.15 -8.57 10.45
C GLY A 265 19.93 -8.95 9.63
N LYS A 266 20.19 -9.64 8.53
CA LYS A 266 19.12 -10.11 7.65
C LYS A 266 18.89 -11.59 7.88
N ILE A 267 17.64 -12.01 7.71
CA ILE A 267 17.32 -13.43 7.91
C ILE A 267 18.14 -14.26 6.93
N PRO A 268 18.79 -15.34 7.37
CA PRO A 268 19.58 -16.15 6.43
C PRO A 268 18.76 -16.59 5.23
N GLY A 269 19.34 -16.39 4.04
CA GLY A 269 18.69 -16.78 2.81
C GLY A 269 19.48 -17.84 2.05
N ASP A 270 19.63 -17.66 0.75
CA ASP A 270 20.42 -18.57 -0.10
C ASP A 270 19.85 -19.98 0.06
N ASP A 271 20.67 -21.00 0.33
CA ASP A 271 20.22 -22.38 0.47
C ASP A 271 20.11 -22.82 1.92
N TYR A 272 20.28 -21.89 2.87
CA TYR A 272 20.44 -22.28 4.27
C TYR A 272 19.27 -23.14 4.74
N TRP A 273 18.05 -22.68 4.53
CA TRP A 273 16.88 -23.37 5.07
C TRP A 273 16.62 -24.71 4.40
N GLY A 274 17.40 -25.07 3.37
CA GLY A 274 17.35 -26.44 2.85
C GLY A 274 17.93 -27.47 3.79
N ASN A 275 18.65 -27.05 4.82
CA ASN A 275 19.22 -27.99 5.79
C ASN A 275 18.14 -28.62 6.67
N PHE A 276 16.97 -28.00 6.76
CA PHE A 276 15.93 -28.38 7.73
C PHE A 276 14.70 -28.85 6.96
N GLN A 277 14.83 -30.01 6.32
CA GLN A 277 13.75 -30.57 5.51
C GLN A 277 12.58 -31.09 6.34
N ASN A 278 12.69 -31.07 7.67
CA ASN A 278 11.61 -31.51 8.54
C ASN A 278 11.05 -30.39 9.41
N LEU A 279 11.59 -29.18 9.31
CA LEU A 279 11.22 -28.13 10.24
C LEU A 279 9.74 -27.81 10.13
N ARG A 280 9.03 -27.90 11.26
CA ARG A 280 7.61 -27.59 11.33
C ARG A 280 7.32 -26.22 11.90
N GLN A 281 8.15 -25.75 12.84
CA GLN A 281 7.91 -24.50 13.52
C GLN A 281 9.21 -23.71 13.58
N LEU A 282 9.15 -22.43 13.20
CA LEU A 282 10.29 -21.53 13.26
C LEU A 282 9.83 -20.22 13.86
N SER A 283 10.60 -19.70 14.82
CA SER A 283 10.33 -18.37 15.37
C SER A 283 11.64 -17.61 15.49
N LEU A 284 11.76 -16.54 14.71
CA LEU A 284 12.81 -15.55 14.87
C LEU A 284 12.25 -14.25 15.43
N ALA A 285 11.10 -14.33 16.10
CA ALA A 285 10.38 -13.14 16.50
C ALA A 285 11.13 -12.38 17.57
N HIS A 286 10.84 -11.08 17.65
CA HIS A 286 11.36 -10.19 18.69
C HIS A 286 12.89 -10.26 18.76
N ASN A 287 13.51 -10.19 17.59
CA ASN A 287 14.94 -9.93 17.46
C ASN A 287 15.12 -8.61 16.72
N LEU A 288 16.31 -8.36 16.16
CA LEU A 288 16.59 -7.11 15.47
C LEU A 288 16.81 -7.31 13.97
N TYR A 289 16.13 -8.29 13.38
CA TYR A 289 16.30 -8.56 11.97
C TYR A 289 15.70 -7.44 11.13
N SER A 290 16.36 -7.13 10.01
CA SER A 290 15.94 -6.07 9.12
C SER A 290 16.04 -6.55 7.68
N GLY A 291 15.65 -5.68 6.75
CA GLY A 291 15.61 -6.05 5.35
C GLY A 291 14.30 -6.76 5.00
N GLU A 292 14.31 -7.38 3.82
CA GLU A 292 13.16 -8.11 3.33
C GLU A 292 13.19 -9.55 3.82
N ILE A 293 12.02 -10.19 3.77
CA ILE A 293 11.90 -11.61 4.12
C ILE A 293 12.50 -12.42 2.97
N PRO A 294 13.48 -13.27 3.21
CA PRO A 294 14.13 -14.01 2.11
C PRO A 294 13.12 -14.87 1.37
N PRO A 295 13.06 -14.77 0.04
CA PRO A 295 12.23 -15.73 -0.71
C PRO A 295 12.67 -17.16 -0.50
N GLU A 296 13.97 -17.36 -0.23
CA GLU A 296 14.51 -18.70 -0.04
C GLU A 296 14.07 -19.32 1.27
N LEU A 297 13.49 -18.53 2.19
CA LEU A 297 12.87 -19.11 3.36
C LEU A 297 11.71 -20.04 2.99
N SER A 298 11.20 -19.92 1.76
CA SER A 298 10.12 -20.77 1.29
C SER A 298 10.56 -22.22 1.08
N LEU A 299 11.84 -22.54 1.26
CA LEU A 299 12.28 -23.93 1.18
C LEU A 299 11.72 -24.78 2.32
N LEU A 300 11.26 -24.15 3.40
CA LEU A 300 10.63 -24.87 4.50
C LEU A 300 9.18 -25.24 4.20
N CYS A 301 8.61 -24.74 3.10
CA CYS A 301 7.17 -24.81 2.87
C CYS A 301 6.65 -26.23 2.65
N ARG A 302 7.52 -27.22 2.51
CA ARG A 302 7.04 -28.59 2.40
C ARG A 302 6.51 -29.10 3.73
N THR A 303 7.01 -28.56 4.84
CA THR A 303 6.68 -29.05 6.16
C THR A 303 6.31 -27.95 7.16
N LEU A 304 6.57 -26.68 6.84
CA LEU A 304 6.41 -25.61 7.82
C LEU A 304 4.94 -25.46 8.19
N GLU A 305 4.66 -25.53 9.49
CA GLU A 305 3.31 -25.37 10.03
C GLU A 305 3.14 -24.09 10.84
N VAL A 306 4.21 -23.57 11.42
CA VAL A 306 4.16 -22.37 12.25
C VAL A 306 5.35 -21.50 11.92
N LEU A 307 5.09 -20.23 11.64
CA LEU A 307 6.13 -19.24 11.38
C LEU A 307 5.80 -18.00 12.19
N ASP A 308 6.79 -17.50 12.93
CA ASP A 308 6.65 -16.28 13.72
C ASP A 308 7.87 -15.41 13.49
N LEU A 309 7.72 -14.39 12.64
CA LEU A 309 8.75 -13.40 12.38
C LEU A 309 8.38 -12.03 12.95
N SER A 310 7.44 -12.00 13.89
CA SER A 310 6.95 -10.74 14.41
C SER A 310 8.04 -10.05 15.23
N GLY A 311 7.81 -8.77 15.51
CA GLY A 311 8.68 -8.02 16.39
C GLY A 311 10.09 -7.78 15.88
N ASN A 312 10.24 -7.54 14.57
CA ASN A 312 11.54 -7.17 14.01
C ASN A 312 11.40 -5.85 13.25
N SER A 313 12.26 -5.62 12.26
CA SER A 313 12.19 -4.44 11.39
C SER A 313 12.18 -4.88 9.93
N LEU A 314 11.35 -5.88 9.63
CA LEU A 314 11.27 -6.43 8.29
C LEU A 314 10.42 -5.52 7.40
N THR A 315 10.89 -5.30 6.17
CA THR A 315 10.22 -4.46 5.19
C THR A 315 9.85 -5.32 3.98
N GLY A 316 9.13 -4.70 3.05
CA GLY A 316 8.65 -5.42 1.89
C GLY A 316 7.39 -6.21 2.22
N GLN A 317 7.26 -7.36 1.58
CA GLN A 317 6.10 -8.23 1.77
C GLN A 317 6.55 -9.68 1.83
N LEU A 318 5.61 -10.55 2.14
CA LEU A 318 5.89 -11.98 2.10
C LEU A 318 6.16 -12.38 0.66
N PRO A 319 7.32 -12.94 0.34
CA PRO A 319 7.63 -13.24 -1.07
C PRO A 319 6.59 -14.14 -1.71
N GLN A 320 6.47 -14.03 -3.04
CA GLN A 320 5.53 -14.85 -3.78
C GLN A 320 5.86 -16.33 -3.66
N SER A 321 7.14 -16.67 -3.54
CA SER A 321 7.53 -18.07 -3.43
C SER A 321 6.81 -18.80 -2.30
N PHE A 322 6.23 -18.06 -1.36
CA PHE A 322 5.54 -18.67 -0.23
C PHE A 322 4.17 -19.24 -0.59
N THR A 323 3.72 -19.12 -1.84
CA THR A 323 2.49 -19.79 -2.24
C THR A 323 2.59 -21.30 -2.13
N SER A 324 3.80 -21.84 -1.98
CA SER A 324 4.02 -23.28 -1.84
C SER A 324 3.75 -23.79 -0.43
N CYS A 325 3.43 -22.92 0.53
CA CYS A 325 3.30 -23.30 1.93
C CYS A 325 1.90 -23.86 2.18
N GLY A 326 1.65 -25.04 1.61
CA GLY A 326 0.38 -25.70 1.75
C GLY A 326 0.08 -26.23 3.14
N SER A 327 1.08 -26.26 4.04
CA SER A 327 0.91 -26.80 5.37
C SER A 327 0.96 -25.73 6.45
N LEU A 328 1.06 -24.45 6.08
CA LEU A 328 1.22 -23.38 7.04
C LEU A 328 -0.11 -23.11 7.73
N GLN A 329 -0.14 -23.28 9.05
CA GLN A 329 -1.33 -23.05 9.87
C GLN A 329 -1.31 -21.71 10.57
N SER A 330 -0.16 -21.27 11.07
CA SER A 330 -0.05 -20.04 11.85
C SER A 330 1.04 -19.18 11.23
N LEU A 331 0.66 -17.99 10.76
CA LEU A 331 1.58 -17.02 10.19
C LEU A 331 1.47 -15.74 11.00
N ASN A 332 2.58 -15.35 11.64
CA ASN A 332 2.62 -14.16 12.49
C ASN A 332 3.78 -13.29 12.04
N LEU A 333 3.45 -12.14 11.42
CA LEU A 333 4.45 -11.17 10.99
C LEU A 333 4.19 -9.80 11.62
N GLY A 334 3.56 -9.76 12.78
CA GLY A 334 3.21 -8.50 13.40
C GLY A 334 4.42 -7.70 13.83
N ASN A 335 4.18 -6.41 14.07
CA ASN A 335 5.21 -5.49 14.56
C ASN A 335 6.45 -5.51 13.67
N ASN A 336 6.23 -5.35 12.36
CA ASN A 336 7.29 -5.14 11.39
C ASN A 336 6.94 -3.86 10.63
N LYS A 337 7.45 -3.75 9.41
CA LYS A 337 7.20 -2.62 8.52
C LYS A 337 6.75 -3.11 7.15
N LEU A 338 5.92 -4.15 7.13
CA LEU A 338 5.51 -4.76 5.88
C LEU A 338 4.39 -3.95 5.21
N SER A 339 4.30 -4.10 3.89
CA SER A 339 3.31 -3.36 3.11
C SER A 339 3.07 -4.12 1.81
N GLY A 340 2.03 -3.70 1.10
CA GLY A 340 1.71 -4.25 -0.20
C GLY A 340 0.49 -5.16 -0.14
N ASP A 341 0.19 -5.74 -1.30
CA ASP A 341 -0.98 -6.57 -1.49
C ASP A 341 -0.72 -8.06 -1.29
N PHE A 342 0.32 -8.41 -0.53
CA PHE A 342 0.66 -9.83 -0.38
C PHE A 342 -0.45 -10.60 0.33
N LEU A 343 -1.32 -9.92 1.08
CA LEU A 343 -2.51 -10.59 1.58
C LEU A 343 -3.27 -11.25 0.44
N SER A 344 -3.36 -10.57 -0.71
CA SER A 344 -4.11 -11.03 -1.85
C SER A 344 -3.29 -11.93 -2.77
N THR A 345 -2.06 -11.53 -3.08
CA THR A 345 -1.24 -12.25 -4.05
C THR A 345 -0.58 -13.49 -3.47
N VAL A 346 -0.56 -13.66 -2.14
CA VAL A 346 0.17 -14.75 -1.52
C VAL A 346 -0.68 -15.41 -0.44
N VAL A 347 -1.01 -14.67 0.62
CA VAL A 347 -1.63 -15.28 1.79
C VAL A 347 -2.97 -15.92 1.43
N SER A 348 -3.72 -15.31 0.52
CA SER A 348 -5.00 -15.88 0.12
C SER A 348 -4.84 -17.22 -0.59
N LYS A 349 -3.65 -17.52 -1.10
CA LYS A 349 -3.37 -18.79 -1.75
C LYS A 349 -2.84 -19.84 -0.78
N LEU A 350 -2.75 -19.53 0.50
CA LEU A 350 -2.32 -20.49 1.53
C LEU A 350 -3.58 -21.17 2.07
N SER A 351 -3.81 -22.42 1.65
CA SER A 351 -5.11 -23.04 1.83
C SER A 351 -5.38 -23.49 3.27
N ARG A 352 -4.33 -23.71 4.07
CA ARG A 352 -4.49 -24.33 5.39
C ARG A 352 -4.31 -23.36 6.56
N ILE A 353 -4.26 -22.05 6.31
CA ILE A 353 -4.08 -21.11 7.40
C ILE A 353 -5.28 -21.17 8.34
N THR A 354 -5.00 -21.12 9.64
CA THR A 354 -6.01 -20.95 10.66
C THR A 354 -5.79 -19.71 11.51
N ASN A 355 -4.56 -19.21 11.60
CA ASN A 355 -4.21 -18.07 12.45
C ASN A 355 -3.29 -17.15 11.67
N LEU A 356 -3.73 -15.90 11.49
CA LEU A 356 -3.02 -14.94 10.67
C LEU A 356 -2.90 -13.63 11.44
N TYR A 357 -1.66 -13.22 11.71
CA TYR A 357 -1.39 -12.01 12.49
C TYR A 357 -0.48 -11.11 11.67
N LEU A 358 -1.00 -9.96 11.27
CA LEU A 358 -0.18 -8.93 10.63
C LEU A 358 -0.37 -7.56 11.28
N PRO A 359 -0.62 -7.48 12.59
CA PRO A 359 -0.83 -6.17 13.19
C PRO A 359 0.47 -5.40 13.32
N PHE A 360 0.34 -4.07 13.37
CA PHE A 360 1.48 -3.16 13.52
C PHE A 360 2.42 -3.27 12.32
N ASN A 361 1.86 -3.03 11.14
CA ASN A 361 2.63 -2.98 9.90
C ASN A 361 2.21 -1.72 9.13
N ASN A 362 2.48 -1.70 7.83
CA ASN A 362 2.25 -0.55 6.97
C ASN A 362 1.41 -0.93 5.76
N ILE A 363 0.40 -1.77 5.97
CA ILE A 363 -0.42 -2.27 4.88
C ILE A 363 -1.59 -1.32 4.67
N SER A 364 -1.64 -0.72 3.49
CA SER A 364 -2.65 0.26 3.12
C SER A 364 -3.63 -0.34 2.11
N GLY A 365 -4.69 0.40 1.83
CA GLY A 365 -5.74 -0.06 0.94
C GLY A 365 -6.80 -0.85 1.67
N SER A 366 -7.76 -1.35 0.89
CA SER A 366 -8.87 -2.11 1.44
C SER A 366 -8.42 -3.51 1.81
N VAL A 367 -9.07 -4.08 2.83
CA VAL A 367 -8.85 -5.48 3.20
C VAL A 367 -9.19 -6.32 1.98
N PRO A 368 -8.26 -7.13 1.45
CA PRO A 368 -8.57 -7.87 0.23
C PRO A 368 -9.70 -8.86 0.45
N ILE A 369 -10.63 -8.90 -0.49
CA ILE A 369 -11.73 -9.84 -0.41
C ILE A 369 -11.26 -11.27 -0.64
N SER A 370 -10.14 -11.45 -1.34
CA SER A 370 -9.62 -12.79 -1.58
C SER A 370 -9.23 -13.49 -0.28
N LEU A 371 -9.08 -12.75 0.81
CA LEU A 371 -8.76 -13.38 2.09
C LEU A 371 -9.80 -14.43 2.47
N THR A 372 -11.03 -14.29 1.97
CA THR A 372 -12.07 -15.27 2.24
C THR A 372 -11.75 -16.63 1.61
N ASN A 373 -10.88 -16.66 0.60
CA ASN A 373 -10.39 -17.93 0.08
C ASN A 373 -9.80 -18.81 1.18
N CYS A 374 -9.33 -18.21 2.27
CA CYS A 374 -8.80 -18.95 3.41
C CYS A 374 -9.99 -19.44 4.23
N SER A 375 -10.41 -20.68 3.94
CA SER A 375 -11.65 -21.20 4.53
C SER A 375 -11.46 -21.71 5.96
N ASN A 376 -10.22 -21.94 6.40
CA ASN A 376 -9.95 -22.44 7.73
C ASN A 376 -9.56 -21.33 8.70
N LEU A 377 -9.64 -20.07 8.28
CA LEU A 377 -9.16 -18.97 9.08
C LEU A 377 -9.98 -18.85 10.37
N ARG A 378 -9.31 -19.06 11.51
CA ARG A 378 -9.93 -18.92 12.82
CA ARG A 378 -9.93 -18.92 12.82
C ARG A 378 -9.68 -17.57 13.45
N VAL A 379 -8.45 -17.05 13.33
CA VAL A 379 -8.05 -15.79 13.94
C VAL A 379 -7.44 -14.91 12.87
N LEU A 380 -7.96 -13.69 12.75
CA LEU A 380 -7.43 -12.69 11.82
C LEU A 380 -7.15 -11.43 12.61
N ASP A 381 -5.90 -10.95 12.55
CA ASP A 381 -5.49 -9.74 13.25
C ASP A 381 -4.79 -8.82 12.26
N LEU A 382 -5.49 -7.77 11.83
CA LEU A 382 -4.94 -6.75 10.94
C LEU A 382 -4.90 -5.38 11.62
N SER A 383 -4.89 -5.35 12.95
CA SER A 383 -4.92 -4.10 13.68
C SER A 383 -3.69 -3.24 13.38
N SER A 384 -3.84 -1.95 13.61
CA SER A 384 -2.73 -0.99 13.52
C SER A 384 -2.01 -1.08 12.18
N ASN A 385 -2.79 -1.07 11.10
CA ASN A 385 -2.24 -0.93 9.75
C ASN A 385 -2.76 0.39 9.17
N GLU A 386 -2.86 0.49 7.86
CA GLU A 386 -3.40 1.66 7.19
C GLU A 386 -4.58 1.30 6.30
N PHE A 387 -5.39 0.32 6.73
CA PHE A 387 -6.48 -0.16 5.90
C PHE A 387 -7.58 0.89 5.77
N THR A 388 -8.10 1.01 4.56
CA THR A 388 -9.23 1.88 4.24
C THR A 388 -10.40 1.01 3.78
N GLY A 389 -11.50 1.66 3.42
CA GLY A 389 -12.65 0.93 2.93
C GLY A 389 -13.57 0.43 4.02
N GLU A 390 -14.19 -0.73 3.80
CA GLU A 390 -15.22 -1.26 4.69
C GLU A 390 -14.75 -2.50 5.42
N VAL A 391 -15.46 -2.81 6.50
CA VAL A 391 -15.13 -3.96 7.35
C VAL A 391 -15.19 -5.24 6.51
N PRO A 392 -14.22 -6.15 6.63
CA PRO A 392 -14.29 -7.42 5.90
C PRO A 392 -15.29 -8.36 6.54
N SER A 393 -16.41 -8.58 5.85
CA SER A 393 -17.45 -9.48 6.33
C SER A 393 -17.62 -10.72 5.45
N GLY A 394 -16.92 -10.79 4.32
CA GLY A 394 -17.12 -11.88 3.38
C GLY A 394 -16.90 -13.26 3.95
N PHE A 395 -16.11 -13.36 5.04
CA PHE A 395 -15.79 -14.68 5.59
C PHE A 395 -17.04 -15.46 5.98
N CYS A 396 -18.16 -14.79 6.20
CA CYS A 396 -19.36 -15.43 6.73
C CYS A 396 -20.29 -15.96 5.66
N SER A 397 -20.09 -15.56 4.39
CA SER A 397 -20.95 -15.98 3.30
C SER A 397 -20.32 -17.09 2.46
N LEU A 398 -19.38 -17.84 3.02
CA LEU A 398 -18.78 -18.94 2.29
C LEU A 398 -19.80 -20.06 2.08
N GLN A 399 -19.49 -20.96 1.16
CA GLN A 399 -20.35 -22.12 0.94
C GLN A 399 -20.45 -23.01 2.18
N SER A 400 -19.63 -22.75 3.21
CA SER A 400 -19.73 -23.40 4.50
C SER A 400 -19.82 -22.34 5.58
N SER A 401 -20.43 -22.70 6.71
CA SER A 401 -20.44 -21.82 7.86
C SER A 401 -19.00 -21.50 8.26
N SER A 402 -18.72 -20.21 8.45
CA SER A 402 -17.36 -19.79 8.72
C SER A 402 -16.88 -20.26 10.08
N VAL A 403 -15.59 -20.55 10.17
CA VAL A 403 -14.95 -20.90 11.43
C VAL A 403 -14.28 -19.70 12.09
N LEU A 404 -14.46 -18.51 11.53
CA LEU A 404 -13.81 -17.32 12.05
C LEU A 404 -14.25 -17.04 13.48
N GLU A 405 -13.29 -17.02 14.41
CA GLU A 405 -13.56 -16.77 15.81
C GLU A 405 -13.14 -15.38 16.27
N LYS A 406 -12.10 -14.79 15.68
CA LYS A 406 -11.58 -13.50 16.11
C LYS A 406 -11.33 -12.63 14.90
N LEU A 407 -12.11 -11.57 14.74
CA LEU A 407 -11.81 -10.50 13.80
C LEU A 407 -11.26 -9.33 14.59
N LEU A 408 -10.01 -8.97 14.31
CA LEU A 408 -9.32 -7.89 15.03
C LEU A 408 -8.73 -6.96 13.99
N ILE A 409 -9.33 -5.77 13.84
CA ILE A 409 -8.85 -4.78 12.88
C ILE A 409 -8.99 -3.40 13.50
N ALA A 410 -8.27 -3.16 14.59
CA ALA A 410 -8.31 -1.89 15.29
C ALA A 410 -7.20 -0.97 14.80
N ASN A 411 -7.35 0.32 15.11
CA ASN A 411 -6.39 1.36 14.73
C ASN A 411 -6.10 1.32 13.23
N ASN A 412 -7.18 1.34 12.44
CA ASN A 412 -7.08 1.53 11.00
C ASN A 412 -7.95 2.72 10.60
N TYR A 413 -8.27 2.86 9.31
CA TYR A 413 -9.12 3.93 8.82
C TYR A 413 -10.36 3.38 8.13
N LEU A 414 -10.94 2.32 8.70
CA LEU A 414 -12.16 1.77 8.15
C LEU A 414 -13.30 2.75 8.31
N SER A 415 -14.25 2.70 7.38
CA SER A 415 -15.39 3.61 7.36
C SER A 415 -16.65 2.81 7.03
N GLY A 416 -17.77 3.52 6.96
CA GLY A 416 -19.05 2.88 6.75
C GLY A 416 -19.67 2.44 8.06
N THR A 417 -20.40 1.33 8.03
CA THR A 417 -21.12 0.83 9.19
C THR A 417 -20.70 -0.60 9.49
N VAL A 418 -20.94 -1.03 10.72
CA VAL A 418 -20.73 -2.43 11.11
C VAL A 418 -21.63 -3.27 10.22
N PRO A 419 -21.10 -4.02 9.25
CA PRO A 419 -21.96 -4.72 8.30
C PRO A 419 -22.81 -5.80 8.95
N VAL A 420 -24.03 -5.96 8.45
CA VAL A 420 -24.92 -7.00 8.95
C VAL A 420 -24.41 -8.39 8.58
N GLU A 421 -23.61 -8.49 7.52
CA GLU A 421 -23.08 -9.78 7.11
C GLU A 421 -22.27 -10.46 8.19
N LEU A 422 -21.76 -9.70 9.18
CA LEU A 422 -21.04 -10.30 10.29
C LEU A 422 -21.94 -11.20 11.13
N GLY A 423 -23.26 -10.99 11.10
CA GLY A 423 -24.17 -11.84 11.84
C GLY A 423 -24.15 -13.28 11.39
N LYS A 424 -23.68 -13.56 10.16
CA LYS A 424 -23.64 -14.92 9.66
C LYS A 424 -22.45 -15.70 10.18
N CYS A 425 -21.43 -15.02 10.71
CA CYS A 425 -20.28 -15.68 11.31
C CYS A 425 -20.67 -16.15 12.72
N LYS A 426 -21.36 -17.29 12.76
CA LYS A 426 -21.89 -17.81 14.01
C LYS A 426 -20.80 -18.26 14.97
N SER A 427 -19.56 -18.36 14.52
CA SER A 427 -18.45 -18.79 15.37
C SER A 427 -17.68 -17.62 15.96
N LEU A 428 -18.06 -16.38 15.66
CA LEU A 428 -17.32 -15.23 16.17
C LEU A 428 -17.44 -15.15 17.68
N LYS A 429 -16.29 -14.99 18.35
CA LYS A 429 -16.24 -14.78 19.78
C LYS A 429 -15.71 -13.40 20.15
N THR A 430 -14.86 -12.81 19.32
CA THR A 430 -14.22 -11.53 19.62
C THR A 430 -14.24 -10.66 18.36
N ILE A 431 -14.82 -9.48 18.47
CA ILE A 431 -14.81 -8.47 17.40
C ILE A 431 -14.17 -7.21 17.97
N ASP A 432 -13.11 -6.75 17.32
CA ASP A 432 -12.39 -5.55 17.75
C ASP A 432 -12.27 -4.61 16.56
N LEU A 433 -13.17 -3.62 16.49
CA LEU A 433 -13.19 -2.62 15.42
C LEU A 433 -12.85 -1.22 15.94
N SER A 434 -12.12 -1.16 17.05
CA SER A 434 -11.90 0.11 17.71
C SER A 434 -10.95 1.01 16.91
N PHE A 435 -11.05 2.31 17.16
CA PHE A 435 -10.19 3.32 16.54
C PHE A 435 -10.24 3.25 15.01
N ASN A 436 -11.46 3.21 14.48
CA ASN A 436 -11.69 3.42 13.05
C ASN A 436 -12.57 4.64 12.87
N ALA A 437 -13.21 4.77 11.70
CA ALA A 437 -14.13 5.85 11.43
C ALA A 437 -15.52 5.30 11.12
N LEU A 438 -15.92 4.24 11.82
CA LEU A 438 -17.22 3.64 11.59
C LEU A 438 -18.33 4.56 12.12
N THR A 439 -19.50 4.43 11.51
CA THR A 439 -20.66 5.23 11.87
C THR A 439 -21.88 4.32 11.90
N GLY A 440 -23.03 4.91 12.24
CA GLY A 440 -24.28 4.22 12.17
C GLY A 440 -24.57 3.36 13.37
N LEU A 441 -25.67 2.61 13.26
CA LEU A 441 -26.12 1.74 14.33
C LEU A 441 -25.37 0.41 14.29
N ILE A 442 -25.28 -0.22 15.45
CA ILE A 442 -24.70 -1.57 15.55
C ILE A 442 -25.82 -2.55 15.23
N PRO A 443 -25.74 -3.27 14.11
CA PRO A 443 -26.86 -4.14 13.72
C PRO A 443 -27.30 -5.07 14.83
N LYS A 444 -28.60 -5.38 14.85
CA LYS A 444 -29.11 -6.35 15.80
C LYS A 444 -28.55 -7.74 15.56
N GLU A 445 -28.06 -8.01 14.35
CA GLU A 445 -27.45 -9.30 14.06
C GLU A 445 -26.14 -9.49 14.82
N ILE A 446 -25.50 -8.41 15.25
CA ILE A 446 -24.31 -8.52 16.08
C ILE A 446 -24.69 -8.96 17.49
N TRP A 447 -25.68 -8.30 18.08
CA TRP A 447 -26.10 -8.62 19.43
C TRP A 447 -26.68 -10.03 19.57
N THR A 448 -26.97 -10.69 18.46
CA THR A 448 -27.53 -12.04 18.49
C THR A 448 -26.52 -13.11 18.12
N LEU A 449 -25.27 -12.75 17.84
CA LEU A 449 -24.23 -13.75 17.59
C LEU A 449 -24.16 -14.67 18.79
N PRO A 450 -24.47 -15.97 18.65
CA PRO A 450 -24.64 -16.81 19.84
C PRO A 450 -23.37 -17.02 20.64
N LYS A 451 -22.21 -17.12 19.99
CA LYS A 451 -20.97 -17.37 20.68
C LYS A 451 -20.20 -16.09 21.01
N LEU A 452 -20.79 -14.93 20.76
CA LEU A 452 -20.08 -13.68 20.96
C LEU A 452 -19.68 -13.50 22.42
N SER A 453 -18.48 -12.98 22.63
CA SER A 453 -17.95 -12.79 23.98
C SER A 453 -17.26 -11.45 24.19
N ASP A 454 -16.66 -10.85 23.17
CA ASP A 454 -15.95 -9.58 23.29
C ASP A 454 -16.42 -8.66 22.18
N LEU A 455 -17.18 -7.64 22.55
CA LEU A 455 -17.64 -6.62 21.60
C LEU A 455 -16.85 -5.36 21.92
N VAL A 456 -15.86 -5.06 21.10
CA VAL A 456 -14.87 -4.03 21.38
C VAL A 456 -14.81 -3.13 20.14
N MET A 457 -15.46 -1.96 20.23
CA MET A 457 -15.52 -1.04 19.11
C MET A 457 -15.44 0.40 19.58
N TRP A 458 -14.52 0.69 20.49
CA TRP A 458 -14.45 2.03 21.04
C TRP A 458 -13.69 2.97 20.11
N ALA A 459 -13.98 4.27 20.23
CA ALA A 459 -13.33 5.30 19.43
C ALA A 459 -13.84 5.30 17.98
N ASN A 460 -15.14 5.19 17.81
CA ASN A 460 -15.81 5.39 16.53
C ASN A 460 -16.88 6.49 16.71
N ASN A 461 -17.75 6.62 15.73
CA ASN A 461 -18.92 7.50 15.81
C ASN A 461 -20.20 6.67 15.70
N LEU A 462 -20.22 5.52 16.36
CA LEU A 462 -21.38 4.65 16.29
C LEU A 462 -22.54 5.23 17.08
N THR A 463 -23.75 5.11 16.54
CA THR A 463 -24.94 5.68 17.11
C THR A 463 -25.90 4.57 17.55
N GLY A 464 -27.10 4.96 17.95
CA GLY A 464 -28.07 4.01 18.43
C GLY A 464 -27.94 3.75 19.91
N GLY A 465 -28.53 2.64 20.36
CA GLY A 465 -28.55 2.28 21.76
C GLY A 465 -28.17 0.82 21.98
N ILE A 466 -28.10 0.46 23.26
CA ILE A 466 -27.87 -0.92 23.66
C ILE A 466 -29.24 -1.61 23.66
N PRO A 467 -29.44 -2.67 22.88
CA PRO A 467 -30.75 -3.33 22.86
C PRO A 467 -31.11 -3.91 24.23
N GLU A 468 -32.41 -3.96 24.51
CA GLU A 468 -32.92 -4.59 25.71
C GLU A 468 -32.82 -6.12 25.66
N SER A 469 -32.40 -6.69 24.53
CA SER A 469 -32.31 -8.13 24.36
C SER A 469 -30.87 -8.63 24.33
N ILE A 470 -29.97 -7.92 25.02
CA ILE A 470 -28.57 -8.32 25.05
C ILE A 470 -28.42 -9.55 25.95
N CYS A 471 -27.55 -10.46 25.55
CA CYS A 471 -27.14 -11.62 26.34
C CYS A 471 -28.27 -12.61 26.59
N VAL A 472 -29.41 -12.46 25.94
CA VAL A 472 -30.51 -13.41 26.04
C VAL A 472 -30.61 -14.27 24.78
N ASP A 473 -30.70 -13.63 23.61
CA ASP A 473 -30.66 -14.35 22.35
C ASP A 473 -29.25 -14.40 21.75
N GLY A 474 -28.36 -13.50 22.17
CA GLY A 474 -26.98 -13.53 21.78
C GLY A 474 -26.10 -14.15 22.85
N GLY A 475 -24.80 -13.98 22.67
CA GLY A 475 -23.84 -14.57 23.59
C GLY A 475 -23.81 -13.84 24.93
N ASN A 476 -23.41 -14.58 25.96
CA ASN A 476 -23.20 -14.02 27.28
C ASN A 476 -21.80 -13.42 27.30
N LEU A 477 -21.72 -12.09 27.28
CA LEU A 477 -20.49 -11.40 26.94
C LEU A 477 -19.54 -11.33 28.12
N GLU A 478 -18.24 -11.22 27.80
CA GLU A 478 -17.21 -10.96 28.78
C GLU A 478 -16.74 -9.51 28.78
N THR A 479 -16.71 -8.86 27.61
CA THR A 479 -16.34 -7.45 27.51
C THR A 479 -17.29 -6.73 26.58
N LEU A 480 -17.79 -5.60 27.03
CA LEU A 480 -18.61 -4.69 26.21
C LEU A 480 -17.93 -3.33 26.32
N ILE A 481 -17.16 -2.96 25.31
CA ILE A 481 -16.28 -1.80 25.34
C ILE A 481 -16.65 -0.93 24.15
N LEU A 482 -17.42 0.14 24.40
CA LEU A 482 -17.90 1.01 23.35
C LEU A 482 -17.75 2.48 23.72
N ASN A 483 -16.78 2.80 24.57
CA ASN A 483 -16.57 4.17 24.99
C ASN A 483 -16.15 5.04 23.82
N ASN A 484 -16.41 6.34 23.95
CA ASN A 484 -16.03 7.33 22.94
C ASN A 484 -16.77 7.11 21.61
N ASN A 485 -18.07 6.88 21.70
CA ASN A 485 -18.93 6.82 20.54
C ASN A 485 -20.04 7.87 20.68
N LEU A 486 -21.15 7.70 19.98
CA LEU A 486 -22.30 8.60 20.08
C LEU A 486 -23.55 7.83 20.46
N LEU A 487 -23.40 6.78 21.26
CA LEU A 487 -24.53 5.95 21.63
C LEU A 487 -25.49 6.72 22.52
N THR A 488 -26.78 6.45 22.35
CA THR A 488 -27.85 7.14 23.05
C THR A 488 -28.70 6.13 23.83
N GLY A 489 -29.69 6.64 24.54
CA GLY A 489 -30.58 5.78 25.30
C GLY A 489 -30.03 5.43 26.66
N SER A 490 -30.63 4.41 27.27
CA SER A 490 -30.29 3.97 28.61
C SER A 490 -29.60 2.62 28.56
N LEU A 491 -28.93 2.28 29.66
CA LEU A 491 -28.33 0.97 29.82
C LEU A 491 -29.43 -0.01 30.17
N PRO A 492 -29.77 -0.94 29.26
CA PRO A 492 -30.93 -1.81 29.51
C PRO A 492 -30.74 -2.67 30.76
N GLU A 493 -31.82 -2.85 31.51
CA GLU A 493 -31.81 -3.76 32.64
C GLU A 493 -31.37 -5.16 32.24
N SER A 494 -31.49 -5.50 30.96
CA SER A 494 -31.12 -6.83 30.48
C SER A 494 -29.63 -7.11 30.64
N ILE A 495 -28.82 -6.09 30.92
CA ILE A 495 -27.39 -6.32 31.14
C ILE A 495 -27.18 -7.34 32.25
N SER A 496 -28.15 -7.46 33.17
CA SER A 496 -28.05 -8.44 34.24
C SER A 496 -27.90 -9.86 33.73
N LYS A 497 -28.26 -10.11 32.48
CA LYS A 497 -28.10 -11.44 31.91
C LYS A 497 -26.67 -11.73 31.47
N CYS A 498 -25.84 -10.71 31.32
CA CYS A 498 -24.45 -10.90 30.89
C CYS A 498 -23.59 -11.33 32.09
N THR A 499 -23.94 -12.48 32.66
CA THR A 499 -23.34 -12.93 33.90
C THR A 499 -21.86 -13.25 33.76
N ASN A 500 -21.35 -13.42 32.53
CA ASN A 500 -19.92 -13.58 32.33
C ASN A 500 -19.18 -12.25 32.23
N MET A 501 -19.88 -11.13 32.33
CA MET A 501 -19.28 -9.84 32.02
C MET A 501 -18.10 -9.56 32.94
N LEU A 502 -16.99 -9.15 32.35
CA LEU A 502 -15.80 -8.74 33.07
C LEU A 502 -15.53 -7.26 33.00
N TRP A 503 -15.89 -6.61 31.88
CA TRP A 503 -15.48 -5.23 31.62
C TRP A 503 -16.55 -4.56 30.78
N ILE A 504 -17.17 -3.53 31.33
CA ILE A 504 -18.13 -2.69 30.62
C ILE A 504 -17.54 -1.29 30.54
N SER A 505 -17.41 -0.77 29.32
CA SER A 505 -16.96 0.60 29.11
C SER A 505 -17.91 1.29 28.14
N LEU A 506 -18.55 2.35 28.61
CA LEU A 506 -19.44 3.15 27.78
C LEU A 506 -19.23 4.64 28.03
N SER A 507 -18.06 5.02 28.52
CA SER A 507 -17.81 6.41 28.85
C SER A 507 -17.71 7.25 27.58
N SER A 508 -17.98 8.55 27.74
CA SER A 508 -17.93 9.50 26.62
C SER A 508 -18.88 9.11 25.50
N ASN A 509 -20.09 8.68 25.86
CA ASN A 509 -21.18 8.47 24.94
C ASN A 509 -22.27 9.51 25.25
N LEU A 510 -23.50 9.25 24.82
CA LEU A 510 -24.63 10.12 25.09
C LEU A 510 -25.74 9.36 25.82
N LEU A 511 -25.36 8.52 26.78
CA LEU A 511 -26.32 7.70 27.49
C LEU A 511 -27.10 8.51 28.52
N THR A 512 -28.35 8.13 28.71
CA THR A 512 -29.24 8.77 29.67
C THR A 512 -29.96 7.71 30.49
N GLY A 513 -30.86 8.15 31.35
CA GLY A 513 -31.56 7.24 32.21
C GLY A 513 -30.75 6.89 33.44
N GLU A 514 -31.25 5.89 34.16
CA GLU A 514 -30.65 5.46 35.41
C GLU A 514 -29.75 4.25 35.19
N ILE A 515 -28.86 4.02 36.15
CA ILE A 515 -28.02 2.83 36.17
C ILE A 515 -28.91 1.66 36.57
N PRO A 516 -29.04 0.62 35.74
CA PRO A 516 -29.93 -0.49 36.10
C PRO A 516 -29.44 -1.21 37.34
N VAL A 517 -30.37 -1.45 38.28
CA VAL A 517 -30.02 -2.16 39.49
C VAL A 517 -29.56 -3.58 39.19
N GLY A 518 -29.93 -4.10 38.01
CA GLY A 518 -29.50 -5.42 37.61
C GLY A 518 -28.00 -5.58 37.49
N ILE A 519 -27.25 -4.49 37.52
CA ILE A 519 -25.80 -4.57 37.46
C ILE A 519 -25.27 -5.47 38.58
N GLY A 520 -25.99 -5.55 39.70
CA GLY A 520 -25.54 -6.33 40.83
C GLY A 520 -25.54 -7.82 40.60
N LYS A 521 -26.22 -8.29 39.55
CA LYS A 521 -26.17 -9.71 39.20
C LYS A 521 -24.85 -10.11 38.56
N LEU A 522 -24.05 -9.15 38.13
CA LEU A 522 -22.79 -9.42 37.44
C LEU A 522 -21.71 -9.57 38.51
N GLU A 523 -21.54 -10.80 38.99
CA GLU A 523 -20.60 -11.08 40.07
C GLU A 523 -19.18 -11.34 39.57
N LYS A 524 -18.98 -11.42 38.26
CA LYS A 524 -17.64 -11.45 37.68
C LYS A 524 -17.21 -10.12 37.11
N LEU A 525 -18.11 -9.12 37.10
CA LEU A 525 -17.78 -7.80 36.60
C LEU A 525 -16.67 -7.21 37.45
N ALA A 526 -15.57 -6.82 36.79
CA ALA A 526 -14.42 -6.25 37.48
C ALA A 526 -14.25 -4.76 37.20
N ILE A 527 -14.63 -4.30 36.02
CA ILE A 527 -14.41 -2.92 35.60
C ILE A 527 -15.70 -2.38 35.01
N LEU A 528 -16.15 -1.23 35.53
CA LEU A 528 -17.36 -0.57 35.04
C LEU A 528 -17.05 0.91 34.85
N GLN A 529 -17.03 1.35 33.59
CA GLN A 529 -16.70 2.73 33.25
C GLN A 529 -17.89 3.36 32.55
N LEU A 530 -18.47 4.39 33.17
CA LEU A 530 -19.62 5.08 32.61
C LEU A 530 -19.45 6.60 32.64
N GLY A 531 -18.21 7.07 32.72
CA GLY A 531 -17.97 8.50 32.84
C GLY A 531 -18.41 9.27 31.62
N ASN A 532 -18.68 10.56 31.83
CA ASN A 532 -18.94 11.49 30.74
C ASN A 532 -20.20 11.12 29.96
N ASN A 533 -21.25 10.74 30.69
CA ASN A 533 -22.57 10.58 30.08
C ASN A 533 -23.54 11.55 30.77
N SER A 534 -24.83 11.29 30.69
CA SER A 534 -25.85 12.10 31.35
C SER A 534 -26.75 11.23 32.21
N LEU A 535 -26.17 10.19 32.82
CA LEU A 535 -26.96 9.29 33.65
C LEU A 535 -27.58 10.05 34.83
N THR A 536 -28.79 9.65 35.18
CA THR A 536 -29.52 10.28 36.28
C THR A 536 -29.90 9.23 37.30
N GLY A 537 -30.41 9.69 38.43
CA GLY A 537 -30.86 8.82 39.49
C GLY A 537 -29.81 8.57 40.55
N ASN A 538 -29.97 7.45 41.24
CA ASN A 538 -29.11 7.09 42.36
C ASN A 538 -27.98 6.19 41.87
N ILE A 539 -26.92 6.15 42.67
CA ILE A 539 -25.90 5.11 42.54
C ILE A 539 -26.51 3.86 43.16
N PRO A 540 -26.95 2.88 42.38
CA PRO A 540 -27.68 1.74 42.97
C PRO A 540 -26.86 1.03 44.03
N SER A 541 -27.48 0.83 45.20
CA SER A 541 -26.83 0.08 46.27
C SER A 541 -26.53 -1.36 45.86
N GLU A 542 -27.21 -1.87 44.83
CA GLU A 542 -26.96 -3.23 44.38
C GLU A 542 -25.57 -3.41 43.78
N LEU A 543 -24.84 -2.32 43.51
CA LEU A 543 -23.47 -2.45 43.05
C LEU A 543 -22.59 -3.17 44.06
N GLY A 544 -23.00 -3.19 45.33
CA GLY A 544 -22.23 -3.89 46.36
C GLY A 544 -22.26 -5.40 46.23
N ASN A 545 -23.17 -5.95 45.44
CA ASN A 545 -23.24 -7.39 45.20
C ASN A 545 -22.32 -7.84 44.07
N CYS A 546 -21.64 -6.91 43.40
CA CYS A 546 -20.65 -7.26 42.38
C CYS A 546 -19.41 -7.78 43.09
N LYS A 547 -19.31 -9.10 43.21
CA LYS A 547 -18.28 -9.70 44.05
C LYS A 547 -16.88 -9.26 43.64
N ASN A 548 -16.63 -9.10 42.34
CA ASN A 548 -15.29 -8.90 41.83
C ASN A 548 -15.03 -7.49 41.31
N LEU A 549 -15.93 -6.55 41.57
CA LEU A 549 -15.74 -5.19 41.06
C LEU A 549 -14.54 -4.54 41.74
N ILE A 550 -13.63 -3.98 40.93
CA ILE A 550 -12.43 -3.35 41.45
C ILE A 550 -12.20 -1.98 40.82
N TRP A 551 -12.95 -1.67 39.76
CA TRP A 551 -12.78 -0.42 39.04
C TRP A 551 -14.16 0.12 38.69
N LEU A 552 -14.53 1.26 39.27
CA LEU A 552 -15.85 1.86 39.08
C LEU A 552 -15.67 3.35 38.81
N ASP A 553 -16.13 3.79 37.65
CA ASP A 553 -15.97 5.17 37.21
C ASP A 553 -17.32 5.68 36.72
N LEU A 554 -17.93 6.59 37.49
CA LEU A 554 -19.20 7.19 37.14
C LEU A 554 -19.10 8.71 37.04
N ASN A 555 -17.91 9.24 36.81
CA ASN A 555 -17.69 10.67 36.91
C ASN A 555 -18.43 11.43 35.80
N SER A 556 -18.60 12.73 36.02
CA SER A 556 -19.15 13.63 35.02
C SER A 556 -20.48 13.14 34.46
N ASN A 557 -21.36 12.68 35.35
CA ASN A 557 -22.74 12.36 35.02
C ASN A 557 -23.65 13.33 35.76
N ASN A 558 -24.95 13.02 35.80
CA ASN A 558 -25.94 13.83 36.49
C ASN A 558 -26.61 13.05 37.62
N LEU A 559 -25.84 12.28 38.36
CA LEU A 559 -26.39 11.41 39.39
C LEU A 559 -26.64 12.20 40.67
N THR A 560 -27.66 11.76 41.42
CA THR A 560 -28.00 12.37 42.70
C THR A 560 -28.09 11.28 43.77
N GLY A 561 -28.69 11.60 44.90
CA GLY A 561 -28.84 10.64 45.97
C GLY A 561 -27.66 10.66 46.93
N ASN A 562 -27.49 9.55 47.64
CA ASN A 562 -26.44 9.39 48.63
C ASN A 562 -25.37 8.44 48.12
N LEU A 563 -24.20 8.51 48.74
CA LEU A 563 -23.15 7.53 48.52
C LEU A 563 -23.57 6.23 49.19
N PRO A 564 -23.85 5.17 48.44
CA PRO A 564 -24.24 3.90 49.09
C PRO A 564 -23.05 3.28 49.80
N GLY A 565 -23.23 3.01 51.09
CA GLY A 565 -22.19 2.35 51.86
C GLY A 565 -21.83 0.98 51.35
N GLU A 566 -22.74 0.34 50.59
CA GLU A 566 -22.52 -1.02 50.13
C GLU A 566 -21.36 -1.11 49.13
N LEU A 567 -20.98 0.00 48.49
CA LEU A 567 -19.87 -0.05 47.55
C LEU A 567 -18.61 -0.63 48.20
N ALA A 568 -18.48 -0.50 49.52
CA ALA A 568 -17.32 -1.00 50.24
C ALA A 568 -17.57 -2.34 50.92
N SER A 569 -18.69 -3.00 50.62
CA SER A 569 -19.05 -4.22 51.33
C SER A 569 -18.18 -5.41 50.93
N GLN A 570 -17.56 -5.39 49.75
CA GLN A 570 -16.68 -6.46 49.32
C GLN A 570 -15.25 -6.27 49.78
N ALA A 571 -14.94 -5.16 50.47
CA ALA A 571 -13.59 -4.91 50.95
C ALA A 571 -13.08 -6.09 51.76
N GLY A 572 -11.89 -6.57 51.41
CA GLY A 572 -11.30 -7.71 52.07
C GLY A 572 -11.77 -9.06 51.56
N LEU A 573 -12.64 -9.07 50.55
CA LEU A 573 -13.18 -10.32 50.03
C LEU A 573 -12.98 -10.49 48.53
N VAL A 574 -12.51 -9.46 47.83
CA VAL A 574 -12.48 -9.49 46.37
C VAL A 574 -11.51 -10.55 45.89
N MET A 575 -11.97 -11.38 44.96
CA MET A 575 -11.11 -12.38 44.35
C MET A 575 -10.65 -11.91 42.97
N PRO A 576 -9.40 -12.14 42.60
CA PRO A 576 -8.97 -11.85 41.23
C PRO A 576 -9.72 -12.74 40.24
N GLY A 577 -9.87 -12.24 39.01
CA GLY A 577 -10.61 -12.97 37.99
C GLY A 577 -10.00 -12.89 36.62
N SER A 578 -10.81 -13.17 35.59
CA SER A 578 -10.32 -13.33 34.22
C SER A 578 -10.14 -12.02 33.48
N VAL A 579 -10.46 -10.87 34.09
CA VAL A 579 -10.09 -9.59 33.48
C VAL A 579 -8.58 -9.42 33.43
N SER A 580 -7.84 -10.26 34.15
CA SER A 580 -6.39 -10.20 34.15
C SER A 580 -5.85 -10.61 32.78
N GLY A 581 -4.77 -9.95 32.36
CA GLY A 581 -4.08 -10.34 31.15
C GLY A 581 -4.57 -9.68 29.88
N LYS A 582 -5.11 -8.47 29.96
CA LYS A 582 -5.59 -7.74 28.80
C LYS A 582 -4.77 -6.47 28.62
N GLN A 583 -4.45 -6.16 27.37
CA GLN A 583 -3.71 -4.94 27.08
C GLN A 583 -4.55 -3.72 27.47
N PHE A 584 -3.89 -2.74 28.09
CA PHE A 584 -4.56 -1.52 28.50
C PHE A 584 -3.58 -0.36 28.39
N ALA A 585 -4.12 0.85 28.39
CA ALA A 585 -3.35 2.07 28.52
C ALA A 585 -4.04 2.97 29.54
N PHE A 586 -3.25 3.71 30.30
CA PHE A 586 -3.78 4.66 31.27
C PHE A 586 -3.10 6.00 31.02
N VAL A 587 -3.90 7.03 30.76
CA VAL A 587 -3.38 8.36 30.47
C VAL A 587 -3.58 9.21 31.72
N ARG A 588 -2.49 9.67 32.31
CA ARG A 588 -2.55 10.53 33.49
C ARG A 588 -2.52 11.98 33.05
N ASN A 589 -3.61 12.69 33.33
CA ASN A 589 -3.69 14.12 33.13
C ASN A 589 -3.27 14.82 34.42
N GLU A 590 -2.66 16.00 34.26
CA GLU A 590 -2.20 16.77 35.41
C GLU A 590 -2.91 18.13 35.45
N CYS A 595 -9.09 19.80 35.20
CA CYS A 595 -9.13 18.66 34.28
C CYS A 595 -9.99 17.55 34.85
N ARG A 596 -10.89 17.02 34.01
CA ARG A 596 -11.82 15.98 34.42
C ARG A 596 -11.25 14.60 34.10
N GLY A 597 -12.12 13.61 33.92
CA GLY A 597 -11.67 12.25 33.66
C GLY A 597 -10.92 12.06 32.36
N ALA A 598 -10.67 13.15 31.62
CA ALA A 598 -9.87 13.08 30.41
C ALA A 598 -8.67 12.18 30.62
N GLY A 599 -8.42 11.30 29.67
CA GLY A 599 -7.43 10.25 29.83
C GLY A 599 -8.04 9.01 30.42
N GLY A 600 -7.48 8.53 31.53
CA GLY A 600 -8.03 7.38 32.20
C GLY A 600 -7.62 6.07 31.54
N LEU A 601 -8.34 5.02 31.91
CA LEU A 601 -8.03 3.66 31.48
C LEU A 601 -8.78 3.32 30.21
N VAL A 602 -8.07 2.73 29.25
CA VAL A 602 -8.65 2.25 28.01
C VAL A 602 -8.14 0.85 27.69
N GLU A 603 -8.97 0.07 27.01
CA GLU A 603 -8.51 -1.19 26.43
C GLU A 603 -7.65 -0.85 25.22
N PHE A 604 -6.49 -1.52 25.11
CA PHE A 604 -5.47 -1.07 24.15
C PHE A 604 -4.92 -2.20 23.29
N GLU A 605 -5.73 -3.21 23.01
CA GLU A 605 -5.29 -4.27 22.10
C GLU A 605 -5.15 -3.72 20.69
N GLY A 606 -3.97 -3.92 20.11
CA GLY A 606 -3.77 -3.60 18.70
C GLY A 606 -3.79 -2.12 18.36
N ILE A 607 -3.54 -1.25 19.32
CA ILE A 607 -3.51 0.20 19.09
C ILE A 607 -2.12 0.73 19.41
N ARG A 608 -1.67 1.69 18.63
CA ARG A 608 -0.39 2.35 18.87
C ARG A 608 -0.60 3.48 19.87
N ALA A 609 0.41 3.70 20.72
CA ALA A 609 0.32 4.78 21.70
C ALA A 609 0.17 6.13 21.02
N GLU A 610 0.83 6.31 19.87
CA GLU A 610 0.73 7.57 19.13
C GLU A 610 -0.73 7.96 18.90
N ARG A 611 -1.55 6.99 18.50
CA ARG A 611 -2.95 7.27 18.22
C ARG A 611 -3.68 7.77 19.45
N LEU A 612 -3.20 7.41 20.65
CA LEU A 612 -3.77 7.94 21.88
C LEU A 612 -3.25 9.35 22.15
N GLU A 613 -1.95 9.57 21.88
CA GLU A 613 -1.36 10.87 22.14
C GLU A 613 -2.04 11.98 21.33
N HIS A 614 -2.64 11.63 20.20
CA HIS A 614 -3.23 12.62 19.30
C HIS A 614 -4.75 12.64 19.37
N PHE A 615 -5.37 11.64 19.97
CA PHE A 615 -6.77 11.75 20.38
C PHE A 615 -6.92 12.97 21.28
N PRO A 616 -8.06 13.66 21.25
CA PRO A 616 -8.30 14.69 22.25
C PRO A 616 -8.56 14.14 23.64
N MET A 617 -8.62 12.81 23.78
CA MET A 617 -8.57 12.17 25.08
C MET A 617 -7.22 12.38 25.77
N VAL A 618 -6.31 13.10 25.10
CA VAL A 618 -5.09 13.59 25.72
C VAL A 618 -5.09 15.11 25.84
N HIS A 619 -5.53 15.80 24.78
CA HIS A 619 -5.39 17.26 24.73
C HIS A 619 -6.34 17.98 25.67
N SER A 620 -7.43 17.33 26.10
CA SER A 620 -8.35 17.98 27.02
C SER A 620 -7.60 18.61 28.18
N CYS A 621 -6.87 17.79 28.94
CA CYS A 621 -5.93 18.33 29.91
C CYS A 621 -4.59 18.56 29.24
N PRO A 622 -3.95 19.72 29.40
CA PRO A 622 -2.72 19.99 28.65
C PRO A 622 -1.56 19.05 28.97
N LYS A 623 -1.38 18.66 30.22
CA LYS A 623 -0.21 17.89 30.66
C LYS A 623 -0.61 16.42 30.82
N THR A 624 0.08 15.54 30.11
CA THR A 624 -0.36 14.17 29.95
C THR A 624 0.83 13.21 29.94
N ARG A 625 0.53 11.93 30.22
CA ARG A 625 1.52 10.87 30.25
C ARG A 625 0.79 9.54 30.14
N ILE A 626 1.38 8.60 29.39
CA ILE A 626 0.71 7.37 29.00
C ILE A 626 1.44 6.19 29.63
N TYR A 627 0.80 5.54 30.60
CA TYR A 627 1.21 4.24 31.09
C TYR A 627 0.46 3.16 30.29
N SER A 628 1.12 2.04 30.06
CA SER A 628 0.48 0.93 29.35
C SER A 628 1.09 -0.39 29.81
N GLY A 629 0.33 -1.46 29.57
CA GLY A 629 0.76 -2.79 29.94
C GLY A 629 -0.38 -3.78 29.86
N MET A 630 -0.31 -4.80 30.70
CA MET A 630 -1.33 -5.84 30.78
C MET A 630 -1.98 -5.81 32.16
N THR A 631 -3.31 -5.87 32.20
CA THR A 631 -4.03 -5.82 33.47
C THR A 631 -3.50 -6.89 34.41
N MET A 632 -3.28 -6.50 35.66
CA MET A 632 -2.68 -7.40 36.65
C MET A 632 -3.18 -7.00 38.03
N TYR A 633 -3.52 -8.01 38.84
CA TYR A 633 -3.92 -7.79 40.22
C TYR A 633 -2.68 -7.73 41.10
N MET A 634 -2.71 -6.84 42.09
CA MET A 634 -1.66 -6.76 43.09
C MET A 634 -1.99 -7.56 44.34
N PHE A 635 -3.04 -8.37 44.31
CA PHE A 635 -3.37 -9.29 45.39
C PHE A 635 -3.86 -10.60 44.78
N SER A 636 -3.60 -11.70 45.48
CA SER A 636 -4.06 -13.01 45.04
C SER A 636 -5.38 -13.41 45.69
N SER A 637 -5.75 -12.77 46.79
CA SER A 637 -7.02 -13.01 47.45
C SER A 637 -7.28 -11.86 48.40
N ASN A 638 -8.50 -11.83 48.96
CA ASN A 638 -8.84 -10.91 50.03
C ASN A 638 -8.46 -9.47 49.69
N GLY A 639 -8.85 -9.04 48.48
CA GLY A 639 -8.59 -7.70 48.02
C GLY A 639 -9.79 -6.79 48.21
N SER A 640 -9.65 -5.57 47.69
CA SER A 640 -10.71 -4.57 47.73
C SER A 640 -10.77 -3.89 46.37
N MET A 641 -11.60 -2.86 46.27
CA MET A 641 -11.67 -2.07 45.07
C MET A 641 -10.37 -1.29 44.89
N ILE A 642 -10.08 -0.94 43.64
CA ILE A 642 -8.81 -0.34 43.27
C ILE A 642 -8.98 1.10 42.78
N TYR A 643 -10.05 1.38 42.05
CA TYR A 643 -10.25 2.69 41.43
C TYR A 643 -11.72 3.06 41.58
N LEU A 644 -11.98 4.24 42.14
CA LEU A 644 -13.35 4.70 42.37
C LEU A 644 -13.40 6.21 42.12
N ASP A 645 -14.05 6.60 41.03
CA ASP A 645 -14.21 8.00 40.65
C ASP A 645 -15.70 8.30 40.53
N LEU A 646 -16.21 9.16 41.41
CA LEU A 646 -17.60 9.59 41.40
C LEU A 646 -17.74 11.09 41.19
N SER A 647 -16.67 11.74 40.71
CA SER A 647 -16.62 13.19 40.69
C SER A 647 -17.59 13.77 39.65
N TYR A 648 -17.82 15.07 39.77
CA TYR A 648 -18.68 15.81 38.85
C TYR A 648 -20.05 15.14 38.71
N ASN A 649 -20.67 14.87 39.85
CA ASN A 649 -22.08 14.51 39.92
C ASN A 649 -22.75 15.49 40.88
N ALA A 650 -23.91 15.13 41.39
CA ALA A 650 -24.58 15.91 42.43
C ALA A 650 -24.95 15.02 43.61
N VAL A 651 -24.06 14.09 43.96
CA VAL A 651 -24.29 13.21 45.10
C VAL A 651 -24.23 14.03 46.39
N SER A 652 -25.17 13.77 47.28
CA SER A 652 -25.25 14.47 48.57
C SER A 652 -25.04 13.47 49.70
N GLY A 653 -25.21 13.94 50.93
CA GLY A 653 -25.06 13.11 52.09
C GLY A 653 -23.62 13.02 52.56
N SER A 654 -23.41 12.18 53.56
CA SER A 654 -22.09 11.99 54.16
C SER A 654 -21.37 10.80 53.54
N ILE A 655 -20.07 10.73 53.80
CA ILE A 655 -19.23 9.67 53.27
C ILE A 655 -19.37 8.42 54.14
N PRO A 656 -19.78 7.28 53.61
CA PRO A 656 -19.85 6.07 54.43
C PRO A 656 -18.50 5.78 55.07
N LEU A 657 -18.54 5.54 56.39
CA LEU A 657 -17.31 5.21 57.11
C LEU A 657 -16.61 4.00 56.50
N GLY A 658 -17.38 3.07 55.94
CA GLY A 658 -16.80 1.86 55.39
C GLY A 658 -15.82 2.10 54.25
N TYR A 659 -15.91 3.24 53.58
CA TYR A 659 -15.04 3.50 52.45
C TYR A 659 -13.57 3.49 52.85
N GLY A 660 -13.28 3.79 54.12
CA GLY A 660 -11.90 3.83 54.58
C GLY A 660 -11.23 2.48 54.76
N ALA A 661 -11.96 1.38 54.58
CA ALA A 661 -11.43 0.04 54.76
C ALA A 661 -11.02 -0.62 53.45
N MET A 662 -10.97 0.13 52.35
CA MET A 662 -10.59 -0.41 51.06
C MET A 662 -9.06 -0.38 50.97
N GLY A 663 -8.44 -1.50 51.36
CA GLY A 663 -7.00 -1.54 51.60
C GLY A 663 -6.13 -1.45 50.35
N TYR A 664 -6.66 -1.84 49.20
CA TYR A 664 -5.92 -1.76 47.95
C TYR A 664 -6.37 -0.60 47.07
N LEU A 665 -7.23 0.28 47.57
CA LEU A 665 -7.74 1.40 46.79
C LEU A 665 -6.60 2.38 46.52
N GLN A 666 -6.35 2.66 45.24
CA GLN A 666 -5.29 3.58 44.85
C GLN A 666 -5.80 4.94 44.39
N VAL A 667 -7.07 5.03 43.99
CA VAL A 667 -7.66 6.29 43.56
C VAL A 667 -9.05 6.40 44.18
N LEU A 668 -9.30 7.53 44.85
CA LEU A 668 -10.62 7.85 45.39
C LEU A 668 -10.90 9.30 45.04
N ASN A 669 -11.77 9.52 44.05
CA ASN A 669 -12.15 10.86 43.62
C ASN A 669 -13.63 11.06 43.89
N LEU A 670 -13.95 11.82 44.93
CA LEU A 670 -15.32 12.22 45.24
C LEU A 670 -15.53 13.72 45.01
N GLY A 671 -14.69 14.34 44.18
CA GLY A 671 -14.71 15.77 44.04
C GLY A 671 -15.92 16.26 43.26
N HIS A 672 -16.20 17.55 43.42
CA HIS A 672 -17.27 18.24 42.71
C HIS A 672 -18.60 17.47 42.85
N ASN A 673 -19.04 17.39 44.10
CA ASN A 673 -20.35 16.84 44.43
C ASN A 673 -20.98 17.77 45.47
N LEU A 674 -21.97 17.26 46.21
CA LEU A 674 -22.65 17.99 47.27
C LEU A 674 -22.56 17.22 48.58
N LEU A 675 -21.40 16.61 48.84
CA LEU A 675 -21.22 15.81 50.04
C LEU A 675 -21.09 16.71 51.26
N THR A 676 -21.64 16.24 52.38
CA THR A 676 -21.61 16.95 53.65
C THR A 676 -21.05 16.02 54.72
N GLY A 677 -21.01 16.50 55.96
CA GLY A 677 -20.44 15.73 57.05
C GLY A 677 -18.94 15.92 57.14
N THR A 678 -18.29 14.94 57.77
CA THR A 678 -16.85 14.97 58.02
C THR A 678 -16.14 13.92 57.20
N ILE A 679 -14.83 14.10 57.07
CA ILE A 679 -13.97 13.11 56.44
C ILE A 679 -13.75 11.99 57.45
N PRO A 680 -14.17 10.76 57.15
CA PRO A 680 -14.00 9.68 58.14
C PRO A 680 -12.56 9.50 58.54
N ASP A 681 -12.34 9.41 59.86
CA ASP A 681 -11.02 9.04 60.38
C ASP A 681 -10.59 7.68 59.89
N SER A 682 -11.54 6.84 59.45
CA SER A 682 -11.20 5.54 58.90
C SER A 682 -10.38 5.65 57.61
N PHE A 683 -10.35 6.83 56.99
CA PHE A 683 -9.53 7.02 55.80
C PHE A 683 -8.05 6.80 56.08
N GLY A 684 -7.65 6.72 57.35
CA GLY A 684 -6.30 6.31 57.68
C GLY A 684 -5.97 4.88 57.30
N GLY A 685 -6.98 4.09 56.96
CA GLY A 685 -6.80 2.73 56.50
C GLY A 685 -6.64 2.58 55.00
N LEU A 686 -6.68 3.69 54.25
CA LEU A 686 -6.47 3.65 52.80
C LEU A 686 -4.98 3.55 52.48
N LYS A 687 -4.39 2.42 52.92
CA LYS A 687 -2.94 2.28 52.89
C LYS A 687 -2.36 2.44 51.49
N ALA A 688 -3.10 2.00 50.46
CA ALA A 688 -2.57 1.98 49.10
C ALA A 688 -2.88 3.25 48.30
N ILE A 689 -3.61 4.20 48.88
CA ILE A 689 -4.15 5.30 48.09
C ILE A 689 -3.02 6.20 47.60
N GLY A 690 -3.12 6.61 46.33
CA GLY A 690 -2.20 7.58 45.77
C GLY A 690 -2.89 8.89 45.48
N VAL A 691 -4.15 8.81 45.06
CA VAL A 691 -4.93 9.99 44.65
C VAL A 691 -6.17 10.05 45.55
N LEU A 692 -6.30 11.16 46.28
CA LEU A 692 -7.47 11.41 47.12
C LEU A 692 -8.00 12.80 46.83
N ASP A 693 -9.12 12.89 46.11
CA ASP A 693 -9.72 14.15 45.73
C ASP A 693 -11.07 14.26 46.43
N LEU A 694 -11.18 15.20 47.37
CA LEU A 694 -12.42 15.49 48.09
C LEU A 694 -12.85 16.93 47.89
N SER A 695 -12.39 17.58 46.82
CA SER A 695 -12.57 19.00 46.65
C SER A 695 -13.98 19.32 46.17
N HIS A 696 -14.35 20.60 46.28
CA HIS A 696 -15.60 21.13 45.76
C HIS A 696 -16.81 20.35 46.28
N ASN A 697 -16.85 20.18 47.60
CA ASN A 697 -18.04 19.67 48.28
C ASN A 697 -18.38 20.70 49.37
N ASP A 698 -19.11 20.25 50.38
CA ASP A 698 -19.41 21.03 51.58
C ASP A 698 -19.01 20.27 52.83
N LEU A 699 -17.85 19.64 52.81
CA LEU A 699 -17.39 18.86 53.95
C LEU A 699 -16.95 19.78 55.09
N GLN A 700 -17.21 19.34 56.31
CA GLN A 700 -16.97 20.12 57.51
C GLN A 700 -15.98 19.39 58.41
N GLY A 701 -15.35 20.14 59.32
CA GLY A 701 -14.55 19.55 60.36
C GLY A 701 -13.07 19.56 60.06
N PHE A 702 -12.37 18.63 60.71
CA PHE A 702 -10.92 18.53 60.68
C PHE A 702 -10.47 17.49 59.65
N LEU A 703 -9.23 17.63 59.22
CA LEU A 703 -8.59 16.60 58.40
C LEU A 703 -8.09 15.49 59.32
N PRO A 704 -8.46 14.23 59.07
CA PRO A 704 -7.98 13.15 59.93
C PRO A 704 -6.45 13.14 60.01
N GLY A 705 -5.93 13.11 61.23
CA GLY A 705 -4.50 13.03 61.40
C GLY A 705 -3.91 11.75 60.81
N SER A 706 -4.72 10.70 60.71
CA SER A 706 -4.24 9.44 60.18
C SER A 706 -3.91 9.52 58.69
N LEU A 707 -4.41 10.55 57.99
CA LEU A 707 -3.99 10.75 56.61
C LEU A 707 -2.48 10.86 56.50
N GLY A 708 -1.81 11.34 57.56
CA GLY A 708 -0.36 11.44 57.57
C GLY A 708 0.35 10.11 57.53
N GLY A 709 -0.35 9.02 57.86
CA GLY A 709 0.21 7.70 57.78
C GLY A 709 0.11 7.03 56.43
N LEU A 710 -0.45 7.72 55.43
CA LEU A 710 -0.62 7.15 54.09
C LEU A 710 0.66 7.43 53.30
N SER A 711 1.51 6.40 53.18
CA SER A 711 2.85 6.59 52.64
C SER A 711 2.86 6.83 51.14
N PHE A 712 1.82 6.40 50.42
CA PHE A 712 1.78 6.55 48.97
C PHE A 712 0.90 7.69 48.49
N LEU A 713 0.31 8.47 49.40
CA LEU A 713 -0.58 9.57 49.03
C LEU A 713 0.27 10.69 48.43
N SER A 714 0.23 10.82 47.11
CA SER A 714 1.01 11.82 46.40
C SER A 714 0.15 12.90 45.73
N ASP A 715 -1.18 12.76 45.78
CA ASP A 715 -2.07 13.71 45.10
C ASP A 715 -3.32 13.86 45.96
N LEU A 716 -3.34 14.90 46.79
CA LEU A 716 -4.47 15.21 47.66
C LEU A 716 -5.08 16.54 47.26
N ASP A 717 -6.40 16.62 47.30
CA ASP A 717 -7.10 17.89 47.06
C ASP A 717 -8.34 17.94 47.93
N VAL A 718 -8.37 18.88 48.86
CA VAL A 718 -9.48 19.03 49.80
C VAL A 718 -10.00 20.46 49.71
N SER A 719 -9.71 21.14 48.61
CA SER A 719 -10.07 22.54 48.46
C SER A 719 -11.57 22.71 48.25
N ASN A 720 -12.04 23.93 48.49
CA ASN A 720 -13.44 24.30 48.23
C ASN A 720 -14.42 23.55 49.12
N ASN A 721 -14.06 23.42 50.40
CA ASN A 721 -14.96 22.86 51.40
C ASN A 721 -15.06 23.83 52.59
N ASN A 722 -15.71 23.40 53.67
CA ASN A 722 -15.78 24.15 54.90
C ASN A 722 -14.87 23.53 55.96
N LEU A 723 -13.71 23.01 55.53
CA LEU A 723 -12.79 22.35 56.43
C LEU A 723 -12.09 23.37 57.31
N THR A 724 -11.62 22.90 58.47
CA THR A 724 -11.01 23.78 59.45
C THR A 724 -10.00 22.97 60.28
N GLY A 725 -9.11 23.68 60.94
CA GLY A 725 -8.19 23.07 61.86
C GLY A 725 -6.83 22.79 61.26
N PRO A 726 -5.97 22.12 62.04
CA PRO A 726 -4.58 21.93 61.58
C PRO A 726 -4.51 20.95 60.43
N ILE A 727 -3.50 21.17 59.58
CA ILE A 727 -3.19 20.23 58.49
C ILE A 727 -2.31 19.13 59.08
N PRO A 728 -2.73 17.86 58.99
CA PRO A 728 -1.95 16.79 59.62
C PRO A 728 -0.47 16.91 59.30
N PHE A 729 0.35 16.71 60.34
CA PHE A 729 1.78 16.96 60.24
C PHE A 729 2.55 15.82 59.60
N GLY A 730 1.89 14.70 59.30
CA GLY A 730 2.56 13.52 58.80
C GLY A 730 2.57 13.41 57.29
N GLY A 731 3.31 12.42 56.81
CA GLY A 731 3.38 12.13 55.39
C GLY A 731 3.82 13.31 54.56
N GLN A 732 3.26 13.40 53.36
CA GLN A 732 3.56 14.45 52.39
C GLN A 732 2.55 15.59 52.44
N LEU A 733 1.74 15.65 53.50
CA LEU A 733 0.63 16.59 53.53
C LEU A 733 1.09 18.02 53.73
N THR A 734 2.22 18.22 54.41
CA THR A 734 2.78 19.56 54.60
C THR A 734 3.48 20.08 53.36
N THR A 735 3.66 19.25 52.33
CA THR A 735 4.39 19.64 51.13
C THR A 735 3.49 19.79 49.91
N PHE A 736 2.18 19.63 50.06
CA PHE A 736 1.28 19.82 48.93
C PHE A 736 1.10 21.31 48.63
N PRO A 737 0.77 21.66 47.38
CA PRO A 737 0.60 23.08 47.05
C PRO A 737 -0.57 23.70 47.81
N LEU A 738 -0.49 25.03 47.95
CA LEU A 738 -1.55 25.76 48.65
C LEU A 738 -2.91 25.54 47.99
N THR A 739 -2.94 25.33 46.68
CA THR A 739 -4.20 25.16 45.98
C THR A 739 -4.98 23.94 46.44
N ARG A 740 -4.31 22.97 47.06
CA ARG A 740 -4.98 21.75 47.51
C ARG A 740 -5.72 21.94 48.82
N TYR A 741 -5.50 23.04 49.54
CA TYR A 741 -6.21 23.33 50.76
C TYR A 741 -7.02 24.61 50.70
N ALA A 742 -6.97 25.34 49.58
CA ALA A 742 -7.56 26.68 49.51
C ALA A 742 -9.09 26.60 49.53
N ASN A 743 -9.72 27.78 49.57
CA ASN A 743 -11.17 27.89 49.56
C ASN A 743 -11.79 27.20 50.78
N ASN A 744 -11.12 27.20 51.93
CA ASN A 744 -11.62 26.53 53.13
C ASN A 744 -11.85 27.54 54.26
N SER A 745 -12.33 27.02 55.39
CA SER A 745 -12.80 27.83 56.51
C SER A 745 -11.92 27.58 57.73
N GLY A 746 -10.69 28.06 57.68
CA GLY A 746 -9.84 28.09 58.84
C GLY A 746 -8.81 26.99 58.96
N LEU A 747 -8.46 26.30 57.87
CA LEU A 747 -7.33 25.41 57.91
C LEU A 747 -6.07 26.21 58.28
N CYS A 748 -5.13 25.55 58.96
CA CYS A 748 -3.89 26.19 59.36
C CYS A 748 -2.80 25.14 59.45
N GLY A 749 -1.58 25.60 59.68
CA GLY A 749 -0.43 24.71 59.67
C GLY A 749 0.18 24.61 58.29
N VAL A 750 1.49 24.36 58.27
CA VAL A 750 2.26 24.29 57.03
C VAL A 750 1.51 23.39 56.05
N PRO A 751 1.36 23.79 54.77
CA PRO A 751 1.92 24.98 54.11
C PRO A 751 1.18 26.28 54.41
N LEU A 752 0.06 26.24 55.14
CA LEU A 752 -0.64 27.46 55.52
C LEU A 752 0.06 28.11 56.70
N PRO A 753 -0.33 29.32 57.07
CA PRO A 753 0.29 29.98 58.23
C PRO A 753 0.10 29.15 59.49
N PRO A 754 0.97 29.31 60.48
CA PRO A 754 0.89 28.43 61.66
C PRO A 754 -0.38 28.65 62.46
N CYS A 755 -0.86 27.56 63.06
CA CYS A 755 -2.08 27.63 63.86
C CYS A 755 -1.88 28.46 65.12
N SER A 756 -0.67 28.40 65.72
CA SER A 756 -0.42 29.13 66.96
C SER A 756 -0.34 30.63 66.76
N SER A 757 -0.22 31.11 65.52
CA SER A 757 -0.20 32.54 65.24
C SER A 757 -1.50 32.96 64.55
N ASN B 32 36.44 4.84 -65.50
CA ASN B 32 36.60 6.28 -65.30
C ASN B 32 35.54 6.78 -64.30
N ASP B 33 35.96 7.59 -63.33
CA ASP B 33 35.05 8.03 -62.29
C ASP B 33 34.01 9.00 -62.84
N THR B 34 34.45 10.00 -63.61
CA THR B 34 33.51 10.96 -64.19
C THR B 34 32.32 10.25 -64.83
N ALA B 35 32.58 9.16 -65.56
CA ALA B 35 31.53 8.47 -66.28
C ALA B 35 30.57 7.76 -65.32
N LEU B 36 31.10 7.12 -64.27
CA LEU B 36 30.24 6.42 -63.33
C LEU B 36 29.25 7.39 -62.68
N LEU B 37 29.74 8.52 -62.16
CA LEU B 37 28.86 9.47 -61.50
C LEU B 37 27.81 10.01 -62.47
N THR B 38 28.21 10.28 -63.72
CA THR B 38 27.24 10.67 -64.73
C THR B 38 26.19 9.59 -64.93
N ALA B 39 26.61 8.32 -64.88
CA ALA B 39 25.67 7.22 -65.04
C ALA B 39 24.74 7.11 -63.84
N PHE B 40 25.18 7.57 -62.66
CA PHE B 40 24.31 7.54 -61.50
C PHE B 40 23.21 8.60 -61.60
N LYS B 41 23.56 9.81 -62.03
CA LYS B 41 22.59 10.90 -62.08
C LYS B 41 21.51 10.66 -63.12
N GLN B 42 21.83 9.94 -64.19
CA GLN B 42 20.86 9.77 -65.29
C GLN B 42 19.96 8.56 -65.09
N THR B 43 20.52 7.42 -64.67
CA THR B 43 19.70 6.24 -64.45
C THR B 43 18.92 6.34 -63.15
N SER B 44 19.55 6.87 -62.09
CA SER B 44 18.93 6.87 -60.77
C SER B 44 18.09 8.11 -60.53
N ILE B 45 18.65 9.30 -60.69
CA ILE B 45 17.96 10.52 -60.31
C ILE B 45 16.83 10.79 -61.29
N LYS B 46 15.59 10.78 -60.77
CA LYS B 46 14.41 11.10 -61.54
C LYS B 46 13.86 12.48 -61.24
N SER B 47 14.41 13.16 -60.24
CA SER B 47 13.93 14.49 -59.85
C SER B 47 14.89 15.12 -58.86
N ASP B 48 15.30 16.36 -59.13
CA ASP B 48 16.20 17.13 -58.29
C ASP B 48 15.63 18.53 -58.15
N PRO B 49 14.48 18.66 -57.46
CA PRO B 49 13.79 19.96 -57.44
C PRO B 49 14.62 21.10 -56.86
N THR B 50 15.66 20.79 -56.10
CA THR B 50 16.52 21.80 -55.51
C THR B 50 17.76 22.09 -56.36
N ASN B 51 17.93 21.38 -57.47
CA ASN B 51 19.13 21.49 -58.31
C ASN B 51 20.40 21.20 -57.50
N PHE B 52 20.31 20.24 -56.59
CA PHE B 52 21.47 19.84 -55.81
C PHE B 52 22.61 19.39 -56.72
N LEU B 53 22.27 18.70 -57.81
CA LEU B 53 23.25 18.10 -58.71
C LEU B 53 23.47 18.93 -59.97
N GLY B 54 23.18 20.23 -59.93
CA GLY B 54 23.46 21.09 -61.07
C GLY B 54 24.94 21.24 -61.36
N ASN B 55 25.79 21.05 -60.35
CA ASN B 55 27.23 21.12 -60.53
C ASN B 55 27.78 19.96 -61.34
N TRP B 56 27.00 18.89 -61.55
CA TRP B 56 27.48 17.67 -62.18
C TRP B 56 27.45 17.85 -63.71
N ARG B 57 28.46 18.55 -64.21
CA ARG B 57 28.62 18.80 -65.64
C ARG B 57 30.10 18.80 -65.99
N TYR B 58 30.39 18.59 -67.27
CA TYR B 58 31.75 18.71 -67.77
C TYR B 58 31.74 19.29 -69.19
N ASP B 63 36.90 18.00 -63.96
CA ASP B 63 37.15 16.89 -63.04
C ASP B 63 35.94 16.68 -62.14
N PRO B 64 35.73 15.44 -61.66
CA PRO B 64 34.55 15.17 -60.82
C PRO B 64 34.65 15.74 -59.42
N CYS B 65 35.82 16.23 -59.02
CA CYS B 65 36.08 16.50 -57.61
C CYS B 65 35.42 17.77 -57.11
N THR B 66 35.13 18.71 -57.99
CA THR B 66 34.44 19.94 -57.60
C THR B 66 32.93 19.80 -57.57
N TRP B 67 32.40 18.67 -58.05
CA TRP B 67 30.96 18.47 -58.05
C TRP B 67 30.43 18.40 -56.63
N ARG B 68 29.16 18.77 -56.48
CA ARG B 68 28.56 18.85 -55.15
C ARG B 68 28.46 17.48 -54.52
N GLY B 69 28.80 17.40 -53.24
CA GLY B 69 28.81 16.14 -52.51
C GLY B 69 29.95 15.20 -52.86
N VAL B 70 30.79 15.54 -53.84
CA VAL B 70 31.88 14.69 -54.27
C VAL B 70 33.16 15.17 -53.61
N SER B 71 33.91 14.25 -53.03
CA SER B 71 35.21 14.52 -52.45
C SER B 71 36.21 13.51 -52.99
N CYS B 72 37.46 13.96 -53.18
CA CYS B 72 38.46 13.18 -53.88
C CYS B 72 39.73 13.05 -53.05
N SER B 73 40.50 12.02 -53.37
CA SER B 73 41.88 11.94 -52.95
C SER B 73 42.72 12.94 -53.75
N SER B 74 43.97 13.11 -53.33
CA SER B 74 44.87 13.98 -54.09
C SER B 74 45.08 13.48 -55.51
N ASP B 75 44.96 12.16 -55.72
CA ASP B 75 45.11 11.58 -57.04
C ASP B 75 44.03 12.04 -58.01
N GLY B 76 42.96 12.64 -57.53
CA GLY B 76 41.83 12.98 -58.37
C GLY B 76 40.80 11.90 -58.48
N ARG B 77 40.81 10.92 -57.59
CA ARG B 77 39.89 9.79 -57.63
C ARG B 77 38.86 9.93 -56.53
N VAL B 78 37.60 9.64 -56.86
CA VAL B 78 36.51 9.81 -55.91
C VAL B 78 36.65 8.81 -54.78
N ILE B 79 36.46 9.29 -53.56
CA ILE B 79 36.51 8.45 -52.36
C ILE B 79 35.30 8.64 -51.46
N GLY B 80 34.38 9.55 -51.80
CA GLY B 80 33.22 9.79 -50.97
C GLY B 80 32.15 10.62 -51.66
N LEU B 81 30.94 10.09 -51.70
CA LEU B 81 29.78 10.79 -52.25
C LEU B 81 28.81 11.04 -51.10
N ASP B 82 28.47 12.31 -50.88
CA ASP B 82 27.57 12.71 -49.81
C ASP B 82 26.46 13.56 -50.42
N LEU B 83 25.26 12.97 -50.54
CA LEU B 83 24.08 13.63 -51.07
C LEU B 83 22.95 13.62 -50.04
N ARG B 84 23.29 13.73 -48.77
CA ARG B 84 22.31 13.56 -47.71
C ARG B 84 21.29 14.69 -47.73
N ASN B 85 20.05 14.34 -47.34
CA ASN B 85 18.93 15.27 -47.28
C ASN B 85 18.91 16.20 -48.49
N GLY B 86 18.92 15.59 -49.67
CA GLY B 86 19.01 16.31 -50.92
C GLY B 86 17.71 16.44 -51.70
N GLY B 87 16.59 16.01 -51.15
CA GLY B 87 15.35 16.04 -51.89
C GLY B 87 15.39 15.25 -53.19
N LEU B 88 16.24 14.22 -53.24
CA LEU B 88 16.42 13.44 -54.46
C LEU B 88 15.39 12.32 -54.50
N THR B 89 14.67 12.23 -55.62
CA THR B 89 13.81 11.08 -55.90
C THR B 89 14.42 10.32 -57.05
N GLY B 90 14.55 9.01 -56.89
CA GLY B 90 15.16 8.19 -57.92
C GLY B 90 15.05 6.73 -57.56
N THR B 91 15.45 5.89 -58.51
CA THR B 91 15.53 4.45 -58.31
C THR B 91 17.00 4.08 -58.16
N LEU B 92 17.35 3.55 -57.00
CA LEU B 92 18.75 3.29 -56.66
C LEU B 92 19.12 1.87 -57.07
N ASN B 93 20.17 1.75 -57.88
CA ASN B 93 20.87 0.48 -58.08
C ASN B 93 22.30 0.70 -57.61
N LEU B 94 22.62 0.15 -56.43
CA LEU B 94 23.92 0.44 -55.83
C LEU B 94 25.07 0.03 -56.72
N ASN B 95 24.87 -0.97 -57.58
CA ASN B 95 25.96 -1.47 -58.42
C ASN B 95 26.51 -0.39 -59.34
N ASN B 96 25.71 0.63 -59.68
CA ASN B 96 26.22 1.71 -60.52
C ASN B 96 27.19 2.61 -59.75
N LEU B 97 26.95 2.81 -58.44
CA LEU B 97 27.84 3.62 -57.63
C LEU B 97 29.03 2.81 -57.10
N THR B 98 28.82 1.54 -56.78
CA THR B 98 29.89 0.74 -56.20
C THR B 98 31.00 0.44 -57.20
N ALA B 99 30.73 0.61 -58.50
CA ALA B 99 31.78 0.42 -59.50
C ALA B 99 32.96 1.35 -59.27
N LEU B 100 32.79 2.41 -58.49
CA LEU B 100 33.88 3.32 -58.16
C LEU B 100 34.91 2.57 -57.32
N SER B 101 36.07 2.29 -57.92
CA SER B 101 37.05 1.43 -57.28
C SER B 101 37.60 2.00 -55.98
N ASN B 102 37.47 3.31 -55.77
CA ASN B 102 38.03 3.96 -54.58
C ASN B 102 36.96 4.54 -53.66
N LEU B 103 35.69 4.31 -53.93
CA LEU B 103 34.63 4.86 -53.09
C LEU B 103 34.68 4.19 -51.72
N ARG B 104 34.92 5.00 -50.68
CA ARG B 104 34.97 4.50 -49.31
C ARG B 104 33.85 5.03 -48.44
N SER B 105 33.19 6.11 -48.83
CA SER B 105 32.05 6.66 -48.10
C SER B 105 30.92 6.92 -49.07
N LEU B 106 29.71 6.50 -48.70
CA LEU B 106 28.51 6.79 -49.48
C LEU B 106 27.40 7.20 -48.52
N TYR B 107 26.94 8.45 -48.63
CA TYR B 107 25.87 8.99 -47.81
C TYR B 107 24.71 9.37 -48.73
N LEU B 108 23.63 8.60 -48.67
CA LEU B 108 22.43 8.90 -49.43
C LEU B 108 21.20 9.02 -48.53
N GLN B 109 21.39 9.18 -47.22
CA GLN B 109 20.26 9.15 -46.30
C GLN B 109 19.44 10.44 -46.40
N GLY B 110 18.12 10.30 -46.27
CA GLY B 110 17.24 11.44 -46.26
C GLY B 110 16.76 11.88 -47.63
N ASN B 111 16.52 10.92 -48.52
CA ASN B 111 15.99 11.20 -49.84
C ASN B 111 14.78 10.32 -50.13
N ASN B 112 14.35 10.24 -51.39
CA ASN B 112 13.22 9.41 -51.78
C ASN B 112 13.70 8.37 -52.79
N PHE B 113 14.78 7.66 -52.46
CA PHE B 113 15.34 6.65 -53.34
C PHE B 113 14.55 5.37 -53.21
N SER B 114 14.00 4.89 -54.32
CA SER B 114 13.41 3.57 -54.37
C SER B 114 14.49 2.54 -54.71
N SER B 115 14.10 1.28 -54.82
CA SER B 115 15.04 0.20 -55.09
C SER B 115 14.88 -0.30 -56.52
N GLY B 116 16.00 -0.69 -57.12
CA GLY B 116 16.00 -1.23 -58.47
C GLY B 116 17.31 -1.91 -58.79
N ASP B 117 17.73 -2.83 -57.94
CA ASP B 117 19.03 -3.47 -58.07
C ASP B 117 19.05 -4.40 -59.28
N SER B 118 20.25 -4.61 -59.81
CA SER B 118 20.46 -5.56 -60.91
C SER B 118 21.51 -6.61 -60.59
N SER B 119 22.12 -6.56 -59.41
CA SER B 119 23.10 -7.55 -58.97
C SER B 119 24.19 -7.74 -60.03
N SER B 120 24.87 -6.64 -60.35
CA SER B 120 25.97 -6.66 -61.30
C SER B 120 27.31 -7.00 -60.65
N SER B 121 27.32 -7.27 -59.35
CA SER B 121 28.54 -7.58 -58.61
C SER B 121 29.71 -6.72 -59.07
N SER B 122 29.49 -5.40 -59.06
CA SER B 122 30.50 -4.46 -59.53
C SER B 122 31.74 -4.44 -58.64
N GLY B 123 31.72 -5.12 -57.51
CA GLY B 123 32.80 -5.00 -56.54
C GLY B 123 32.58 -3.78 -55.68
N CYS B 124 33.08 -3.80 -54.44
CA CYS B 124 32.77 -2.74 -53.50
C CYS B 124 33.90 -2.60 -52.49
N SER B 125 34.30 -1.35 -52.23
CA SER B 125 35.30 -1.03 -51.23
C SER B 125 34.76 -0.04 -50.19
N LEU B 126 33.44 0.07 -50.07
CA LEU B 126 32.85 0.98 -49.09
C LEU B 126 33.31 0.63 -47.68
N GLU B 127 33.48 1.66 -46.86
CA GLU B 127 33.74 1.51 -45.44
C GLU B 127 32.65 2.11 -44.57
N VAL B 128 31.99 3.16 -45.03
CA VAL B 128 30.83 3.73 -44.37
C VAL B 128 29.73 3.89 -45.41
N LEU B 129 28.52 3.43 -45.08
CA LEU B 129 27.39 3.46 -45.99
C LEU B 129 26.14 3.81 -45.20
N ASP B 130 25.44 4.86 -45.62
CA ASP B 130 24.23 5.33 -44.95
C ASP B 130 23.15 5.54 -45.99
N LEU B 131 22.18 4.61 -46.02
CA LEU B 131 21.03 4.71 -46.92
C LEU B 131 19.73 4.86 -46.14
N SER B 132 19.80 5.35 -44.91
CA SER B 132 18.62 5.41 -44.07
C SER B 132 17.64 6.48 -44.57
N SER B 133 16.38 6.33 -44.17
CA SER B 133 15.32 7.28 -44.51
C SER B 133 15.19 7.43 -46.03
N ASN B 134 14.86 6.34 -46.68
CA ASN B 134 14.52 6.31 -48.10
C ASN B 134 13.30 5.42 -48.26
N SER B 135 13.09 4.91 -49.47
CA SER B 135 11.99 3.99 -49.76
C SER B 135 12.51 2.70 -50.39
N LEU B 136 13.64 2.21 -49.89
CA LEU B 136 14.17 0.94 -50.37
C LEU B 136 13.31 -0.20 -49.85
N THR B 137 13.12 -1.22 -50.68
CA THR B 137 12.23 -2.32 -50.35
C THR B 137 12.91 -3.67 -50.60
N ASP B 138 13.81 -3.73 -51.57
CA ASP B 138 14.48 -4.97 -51.94
C ASP B 138 15.66 -5.19 -51.00
N SER B 139 15.54 -6.17 -50.11
CA SER B 139 16.57 -6.42 -49.11
C SER B 139 17.79 -7.13 -49.69
N SER B 140 17.79 -7.44 -50.99
CA SER B 140 18.99 -8.01 -51.61
C SER B 140 20.14 -7.02 -51.60
N ILE B 141 19.86 -5.72 -51.44
CA ILE B 141 20.94 -4.75 -51.30
C ILE B 141 21.73 -5.03 -50.03
N VAL B 142 21.05 -5.50 -48.98
CA VAL B 142 21.74 -5.85 -47.75
C VAL B 142 22.58 -7.10 -47.97
N ASP B 143 22.04 -8.09 -48.67
CA ASP B 143 22.81 -9.28 -49.02
C ASP B 143 24.07 -8.91 -49.80
N TYR B 144 23.92 -8.02 -50.79
CA TYR B 144 25.08 -7.61 -51.58
C TYR B 144 26.10 -6.90 -50.71
N VAL B 145 25.65 -5.94 -49.90
CA VAL B 145 26.57 -5.18 -49.06
C VAL B 145 27.29 -6.08 -48.07
N PHE B 146 26.61 -7.12 -47.59
CA PHE B 146 27.26 -8.05 -46.67
C PHE B 146 28.16 -9.04 -47.41
N SER B 147 27.82 -9.39 -48.65
CA SER B 147 28.66 -10.29 -49.44
C SER B 147 29.94 -9.59 -49.87
N THR B 148 29.80 -8.63 -50.78
CA THR B 148 30.91 -7.73 -51.13
C THR B 148 31.08 -6.73 -49.99
N CYS B 149 31.90 -5.70 -50.20
CA CYS B 149 32.17 -4.68 -49.18
C CYS B 149 32.80 -5.32 -47.94
N LEU B 150 33.93 -5.98 -48.15
CA LEU B 150 34.62 -6.66 -47.06
C LEU B 150 35.35 -5.70 -46.12
N ASN B 151 35.33 -4.39 -46.41
CA ASN B 151 35.92 -3.39 -45.54
C ASN B 151 34.86 -2.53 -44.86
N LEU B 152 33.60 -2.91 -44.92
CA LEU B 152 32.53 -2.12 -44.36
C LEU B 152 32.69 -2.00 -42.85
N VAL B 153 32.73 -0.77 -42.36
CA VAL B 153 32.88 -0.52 -40.92
C VAL B 153 31.56 -0.09 -40.28
N SER B 154 30.70 0.61 -41.01
CA SER B 154 29.40 1.02 -40.48
C SER B 154 28.40 1.09 -41.63
N VAL B 155 27.25 0.46 -41.45
CA VAL B 155 26.19 0.44 -42.45
C VAL B 155 24.88 0.78 -41.75
N ASN B 156 24.11 1.69 -42.36
CA ASN B 156 22.84 2.14 -41.78
C ASN B 156 21.76 2.00 -42.86
N PHE B 157 20.95 0.95 -42.73
CA PHE B 157 19.83 0.71 -43.62
C PHE B 157 18.49 1.10 -42.98
N SER B 158 18.51 1.84 -41.87
CA SER B 158 17.31 1.99 -41.07
C SER B 158 16.33 2.96 -41.72
N HIS B 159 15.07 2.85 -41.31
CA HIS B 159 14.00 3.72 -41.81
C HIS B 159 13.85 3.60 -43.32
N ASN B 160 13.73 2.37 -43.79
CA ASN B 160 13.35 2.08 -45.16
C ASN B 160 12.13 1.15 -45.09
N LYS B 161 11.83 0.47 -46.19
CA LYS B 161 10.75 -0.50 -46.25
C LYS B 161 11.27 -1.88 -46.66
N LEU B 162 12.50 -2.19 -46.26
CA LEU B 162 13.10 -3.48 -46.59
C LEU B 162 12.23 -4.61 -46.04
N ALA B 163 11.78 -5.49 -46.94
CA ALA B 163 10.85 -6.54 -46.59
C ALA B 163 11.55 -7.90 -46.65
N GLY B 164 10.84 -8.91 -46.16
CA GLY B 164 11.32 -10.28 -46.24
C GLY B 164 12.05 -10.73 -44.99
N LYS B 165 12.59 -11.94 -45.08
CA LYS B 165 13.32 -12.56 -43.98
C LYS B 165 14.74 -12.04 -43.92
N LEU B 166 15.30 -12.04 -42.72
CA LEU B 166 16.74 -11.87 -42.54
C LEU B 166 17.42 -13.23 -42.74
N LYS B 167 18.46 -13.26 -43.56
CA LYS B 167 19.11 -14.52 -43.88
C LYS B 167 20.63 -14.43 -43.82
N SER B 168 21.18 -13.36 -44.39
CA SER B 168 22.63 -13.23 -44.54
C SER B 168 23.20 -12.29 -43.49
N SER B 169 24.37 -12.66 -42.98
CA SER B 169 25.18 -11.82 -42.10
C SER B 169 26.44 -11.41 -42.84
N PRO B 170 27.16 -10.39 -42.34
CA PRO B 170 28.38 -9.95 -43.03
C PRO B 170 29.31 -11.12 -43.31
N SER B 171 29.93 -11.09 -44.50
CA SER B 171 30.80 -12.17 -44.93
C SER B 171 31.83 -12.49 -43.84
N ALA B 172 32.15 -13.78 -43.72
CA ALA B 172 33.16 -14.21 -42.76
C ALA B 172 34.51 -13.56 -43.03
N SER B 173 34.72 -13.01 -44.23
CA SER B 173 35.96 -12.30 -44.54
C SER B 173 35.94 -10.85 -44.07
N ASN B 174 34.78 -10.30 -43.70
CA ASN B 174 34.72 -8.98 -43.11
C ASN B 174 35.20 -9.09 -41.66
N LYS B 175 36.28 -8.39 -41.34
CA LYS B 175 36.87 -8.43 -40.02
C LYS B 175 36.86 -7.07 -39.34
N ARG B 176 36.12 -6.10 -39.89
CA ARG B 176 36.16 -4.72 -39.39
C ARG B 176 34.81 -4.16 -38.98
N ILE B 177 33.70 -4.75 -39.42
CA ILE B 177 32.39 -4.13 -39.23
C ILE B 177 32.14 -3.91 -37.74
N THR B 178 31.60 -2.75 -37.40
CA THR B 178 31.36 -2.37 -36.02
C THR B 178 29.92 -1.98 -35.71
N THR B 179 29.24 -1.29 -36.62
CA THR B 179 27.88 -0.83 -36.37
C THR B 179 26.98 -1.22 -37.54
N VAL B 180 25.84 -1.83 -37.21
CA VAL B 180 24.84 -2.23 -38.20
C VAL B 180 23.47 -1.84 -37.68
N ASP B 181 22.77 -0.98 -38.42
CA ASP B 181 21.44 -0.51 -38.04
C ASP B 181 20.46 -0.95 -39.12
N LEU B 182 19.65 -1.95 -38.82
CA LEU B 182 18.60 -2.43 -39.71
C LEU B 182 17.21 -2.06 -39.21
N SER B 183 17.13 -1.06 -38.33
CA SER B 183 15.89 -0.78 -37.61
C SER B 183 14.87 -0.10 -38.51
N ASN B 184 13.60 -0.22 -38.12
CA ASN B 184 12.49 0.47 -38.78
C ASN B 184 12.44 0.13 -40.28
N ASN B 185 12.30 -1.16 -40.55
CA ASN B 185 12.05 -1.67 -41.90
C ASN B 185 10.82 -2.57 -41.80
N ARG B 186 10.69 -3.49 -42.75
CA ARG B 186 9.58 -4.43 -42.78
C ARG B 186 10.09 -5.88 -42.73
N PHE B 187 11.23 -6.10 -42.09
CA PHE B 187 11.73 -7.46 -41.93
C PHE B 187 10.74 -8.27 -41.10
N SER B 188 10.60 -9.56 -41.44
CA SER B 188 9.54 -10.37 -40.87
C SER B 188 10.00 -11.81 -40.75
N ASP B 189 9.07 -12.66 -40.30
CA ASP B 189 9.32 -14.08 -40.10
C ASP B 189 10.39 -14.30 -39.04
N GLU B 190 11.00 -15.48 -39.04
CA GLU B 190 11.89 -15.89 -37.97
C GLU B 190 13.31 -15.42 -38.24
N ILE B 191 14.01 -15.03 -37.18
CA ILE B 191 15.44 -14.70 -37.26
C ILE B 191 16.21 -16.02 -37.33
N PRO B 192 17.24 -16.12 -38.18
CA PRO B 192 18.05 -17.35 -38.18
C PRO B 192 18.75 -17.55 -36.85
N GLU B 193 18.77 -18.80 -36.39
CA GLU B 193 19.36 -19.12 -35.09
C GLU B 193 20.78 -18.56 -34.96
N THR B 194 21.52 -18.51 -36.06
CA THR B 194 22.92 -18.08 -36.03
C THR B 194 23.13 -16.70 -36.65
N PHE B 195 22.06 -15.94 -36.89
CA PHE B 195 22.19 -14.64 -37.54
C PHE B 195 23.20 -13.76 -36.82
N ILE B 196 23.00 -13.56 -35.51
CA ILE B 196 23.88 -12.68 -34.75
C ILE B 196 25.28 -13.27 -34.67
N ALA B 197 25.40 -14.52 -34.23
CA ALA B 197 26.71 -15.11 -34.00
C ALA B 197 27.57 -15.08 -35.25
N ASP B 198 26.97 -15.18 -36.43
CA ASP B 198 27.74 -15.18 -37.67
C ASP B 198 28.38 -13.82 -37.97
N PHE B 199 28.06 -12.77 -37.21
CA PHE B 199 28.65 -11.47 -37.48
C PHE B 199 30.12 -11.45 -37.08
N PRO B 200 30.92 -10.59 -37.71
CA PRO B 200 32.33 -10.49 -37.34
C PRO B 200 32.50 -10.16 -35.86
N ASN B 201 33.68 -10.50 -35.33
CA ASN B 201 33.96 -10.29 -33.92
C ASN B 201 33.95 -8.81 -33.55
N SER B 202 34.27 -7.94 -34.51
CA SER B 202 34.41 -6.51 -34.24
C SER B 202 33.07 -5.81 -34.05
N LEU B 203 31.94 -6.52 -34.10
CA LEU B 203 30.64 -5.87 -34.00
C LEU B 203 30.46 -5.21 -32.65
N LYS B 204 30.07 -3.94 -32.66
CA LYS B 204 29.76 -3.19 -31.45
C LYS B 204 28.30 -2.79 -31.34
N HIS B 205 27.67 -2.37 -32.44
CA HIS B 205 26.28 -1.90 -32.43
CA HIS B 205 26.28 -1.90 -32.43
C HIS B 205 25.49 -2.72 -33.43
N LEU B 206 24.36 -3.28 -32.97
CA LEU B 206 23.43 -4.01 -33.84
C LEU B 206 22.03 -3.63 -33.42
N ASP B 207 21.29 -2.99 -34.33
CA ASP B 207 19.95 -2.48 -34.05
C ASP B 207 18.96 -3.15 -34.99
N LEU B 208 18.12 -4.03 -34.45
CA LEU B 208 17.12 -4.75 -35.22
C LEU B 208 15.69 -4.34 -34.86
N SER B 209 15.54 -3.20 -34.18
CA SER B 209 14.23 -2.81 -33.66
C SER B 209 13.31 -2.37 -34.80
N GLY B 210 12.03 -2.27 -34.48
CA GLY B 210 11.06 -1.70 -35.41
C GLY B 210 10.81 -2.53 -36.65
N ASN B 211 10.92 -3.85 -36.54
CA ASN B 211 10.56 -4.73 -37.66
C ASN B 211 9.42 -5.65 -37.23
N ASN B 212 9.28 -6.80 -37.87
CA ASN B 212 8.21 -7.75 -37.55
C ASN B 212 8.75 -9.17 -37.41
N VAL B 213 9.99 -9.32 -36.95
CA VAL B 213 10.60 -10.63 -36.84
C VAL B 213 10.02 -11.37 -35.65
N THR B 214 9.96 -12.69 -35.76
CA THR B 214 9.41 -13.56 -34.74
C THR B 214 10.48 -14.56 -34.33
N GLY B 215 10.17 -15.34 -33.31
CA GLY B 215 11.00 -16.47 -32.93
C GLY B 215 11.17 -16.61 -31.42
N ASP B 216 11.62 -17.80 -31.02
CA ASP B 216 11.96 -18.09 -29.64
C ASP B 216 13.30 -17.45 -29.31
N PHE B 217 13.29 -16.51 -28.37
CA PHE B 217 14.51 -15.76 -28.04
C PHE B 217 15.61 -16.69 -27.52
N SER B 218 15.25 -17.79 -26.85
CA SER B 218 16.25 -18.69 -26.30
C SER B 218 17.02 -19.45 -27.37
N ARG B 219 16.52 -19.47 -28.61
CA ARG B 219 17.16 -20.19 -29.69
C ARG B 219 18.16 -19.34 -30.46
N LEU B 220 18.27 -18.06 -30.15
CA LEU B 220 19.13 -17.14 -30.90
C LEU B 220 20.51 -17.08 -30.26
N SER B 221 21.54 -17.40 -31.04
CA SER B 221 22.91 -17.44 -30.54
C SER B 221 23.59 -16.10 -30.80
N PHE B 222 24.29 -15.59 -29.79
CA PHE B 222 25.13 -14.41 -29.92
C PHE B 222 26.60 -14.75 -30.15
N GLY B 223 26.94 -16.04 -30.27
CA GLY B 223 28.32 -16.41 -30.50
C GLY B 223 29.21 -15.98 -29.36
N LEU B 224 30.44 -15.56 -29.72
CA LEU B 224 31.39 -15.14 -28.69
C LEU B 224 31.00 -13.80 -28.07
N CYS B 225 30.39 -12.91 -28.84
CA CYS B 225 29.93 -11.62 -28.34
C CYS B 225 31.07 -10.84 -27.68
N GLU B 226 32.14 -10.65 -28.43
CA GLU B 226 33.35 -10.06 -27.85
C GLU B 226 33.25 -8.56 -27.71
N ASN B 227 32.71 -7.86 -28.71
CA ASN B 227 32.69 -6.40 -28.73
C ASN B 227 31.30 -5.80 -28.55
N LEU B 228 30.25 -6.61 -28.51
CA LEU B 228 28.90 -6.07 -28.54
C LEU B 228 28.64 -5.16 -27.35
N THR B 229 28.15 -3.95 -27.63
CA THR B 229 27.87 -2.99 -26.57
C THR B 229 26.42 -2.49 -26.64
N VAL B 230 25.84 -2.46 -27.84
CA VAL B 230 24.49 -1.97 -28.05
C VAL B 230 23.73 -3.02 -28.85
N PHE B 231 22.66 -3.55 -28.28
CA PHE B 231 21.79 -4.49 -28.97
C PHE B 231 20.34 -4.13 -28.67
N SER B 232 19.53 -4.12 -29.72
CA SER B 232 18.10 -3.87 -29.58
C SER B 232 17.32 -4.79 -30.50
N LEU B 233 16.37 -5.52 -29.94
CA LEU B 233 15.33 -6.21 -30.69
C LEU B 233 13.96 -5.61 -30.41
N SER B 234 13.94 -4.33 -30.07
CA SER B 234 12.71 -3.70 -29.60
C SER B 234 11.67 -3.64 -30.70
N GLN B 235 10.40 -3.79 -30.30
CA GLN B 235 9.27 -3.61 -31.20
C GLN B 235 9.30 -4.63 -32.35
N ASN B 236 9.29 -5.89 -31.96
CA ASN B 236 9.14 -7.00 -32.90
C ASN B 236 8.05 -7.90 -32.32
N SER B 237 8.05 -9.18 -32.71
CA SER B 237 7.11 -10.18 -32.22
C SER B 237 7.86 -11.39 -31.70
N ILE B 238 8.88 -11.15 -30.88
CA ILE B 238 9.77 -12.20 -30.40
C ILE B 238 9.25 -12.76 -29.08
N SER B 239 9.17 -14.08 -29.00
CA SER B 239 8.56 -14.79 -27.89
C SER B 239 9.63 -15.57 -27.13
N GLY B 240 9.18 -16.33 -26.13
CA GLY B 240 10.07 -17.17 -25.34
C GLY B 240 10.00 -16.90 -23.85
N ASP B 241 10.28 -17.91 -23.04
CA ASP B 241 10.27 -17.80 -21.59
C ASP B 241 11.67 -17.89 -21.00
N ARG B 242 12.71 -17.69 -21.83
CA ARG B 242 14.07 -17.95 -21.42
C ARG B 242 14.99 -17.09 -22.27
N PHE B 243 16.05 -16.58 -21.67
CA PHE B 243 17.07 -15.93 -22.48
C PHE B 243 18.00 -16.99 -23.06
N PRO B 244 18.58 -16.73 -24.24
CA PRO B 244 19.59 -17.66 -24.76
C PRO B 244 20.82 -17.64 -23.87
N VAL B 245 21.35 -18.84 -23.58
CA VAL B 245 22.56 -18.93 -22.78
C VAL B 245 23.65 -18.05 -23.38
N SER B 246 23.70 -17.97 -24.70
CA SER B 246 24.80 -17.28 -25.38
C SER B 246 24.85 -15.80 -25.01
N LEU B 247 23.71 -15.20 -24.67
CA LEU B 247 23.68 -13.76 -24.40
C LEU B 247 24.64 -13.41 -23.27
N SER B 248 24.77 -14.29 -22.27
CA SER B 248 25.66 -14.03 -21.14
C SER B 248 27.12 -13.87 -21.55
N ASN B 249 27.47 -14.16 -22.81
CA ASN B 249 28.83 -13.95 -23.28
C ASN B 249 29.13 -12.48 -23.60
N CYS B 250 28.11 -11.62 -23.60
CA CYS B 250 28.28 -10.22 -24.00
C CYS B 250 28.67 -9.38 -22.78
N LYS B 251 29.91 -9.62 -22.31
CA LYS B 251 30.37 -9.00 -21.07
C LYS B 251 30.46 -7.48 -21.18
N LEU B 252 30.56 -6.93 -22.39
CA LEU B 252 30.74 -5.51 -22.60
C LEU B 252 29.43 -4.79 -22.94
N LEU B 253 28.30 -5.44 -22.71
CA LEU B 253 27.01 -4.88 -23.12
C LEU B 253 26.70 -3.63 -22.29
N GLU B 254 26.28 -2.57 -22.96
CA GLU B 254 25.96 -1.31 -22.31
C GLU B 254 24.49 -0.91 -22.42
N THR B 255 23.82 -1.24 -23.53
CA THR B 255 22.38 -1.04 -23.65
C THR B 255 21.78 -2.29 -24.26
N LEU B 256 20.81 -2.89 -23.57
CA LEU B 256 20.08 -4.06 -24.05
C LEU B 256 18.60 -3.71 -24.02
N ASN B 257 18.00 -3.62 -25.20
CA ASN B 257 16.62 -3.15 -25.37
C ASN B 257 15.83 -4.26 -26.06
N LEU B 258 14.98 -4.93 -25.28
CA LEU B 258 14.12 -6.00 -25.79
C LEU B 258 12.65 -5.65 -25.60
N SER B 259 12.32 -4.36 -25.61
CA SER B 259 10.97 -3.94 -25.31
C SER B 259 10.03 -4.29 -26.45
N ARG B 260 8.74 -4.25 -26.14
CA ARG B 260 7.68 -4.41 -27.14
C ARG B 260 7.84 -5.70 -27.95
N ASN B 261 7.85 -6.81 -27.22
CA ASN B 261 7.81 -8.14 -27.83
C ASN B 261 6.82 -8.96 -27.02
N SER B 262 6.96 -10.30 -27.05
CA SER B 262 6.09 -11.18 -26.30
C SER B 262 6.88 -12.12 -25.39
N LEU B 263 8.01 -11.65 -24.87
CA LEU B 263 8.76 -12.43 -23.89
C LEU B 263 7.89 -12.67 -22.66
N ILE B 264 7.97 -13.88 -22.12
CA ILE B 264 7.06 -14.33 -21.09
C ILE B 264 7.85 -15.00 -19.97
N GLY B 265 7.15 -15.29 -18.87
CA GLY B 265 7.79 -15.90 -17.72
C GLY B 265 8.23 -14.86 -16.71
N LYS B 266 9.23 -15.25 -15.91
CA LYS B 266 9.78 -14.38 -14.88
C LYS B 266 11.09 -13.78 -15.36
N ILE B 267 11.41 -12.60 -14.82
CA ILE B 267 12.67 -11.94 -15.18
C ILE B 267 13.84 -12.76 -14.63
N PRO B 268 14.87 -13.03 -15.42
CA PRO B 268 15.99 -13.84 -14.91
C PRO B 268 16.58 -13.25 -13.65
N GLY B 269 16.81 -14.10 -12.66
CA GLY B 269 17.40 -13.68 -11.40
C GLY B 269 18.68 -14.45 -11.09
N ASP B 270 18.87 -14.79 -9.82
CA ASP B 270 20.06 -15.54 -9.37
C ASP B 270 21.29 -14.70 -9.71
N ASP B 271 22.34 -15.27 -10.29
CA ASP B 271 23.56 -14.54 -10.61
C ASP B 271 23.60 -14.08 -12.06
N TYR B 272 22.47 -14.13 -12.77
CA TYR B 272 22.50 -13.91 -14.22
C TYR B 272 22.97 -12.50 -14.56
N TRP B 273 22.43 -11.49 -13.88
CA TRP B 273 22.76 -10.11 -14.23
C TRP B 273 24.17 -9.72 -13.80
N GLY B 274 24.91 -10.61 -13.14
CA GLY B 274 26.32 -10.35 -12.89
C GLY B 274 27.18 -10.44 -14.13
N ASN B 275 26.68 -11.10 -15.18
CA ASN B 275 27.42 -11.22 -16.43
C ASN B 275 27.58 -9.88 -17.15
N PHE B 276 26.84 -8.85 -16.77
CA PHE B 276 26.77 -7.60 -17.51
C PHE B 276 27.22 -6.46 -16.59
N GLN B 277 28.54 -6.40 -16.36
CA GLN B 277 29.10 -5.45 -15.41
C GLN B 277 29.18 -4.03 -15.95
N ASN B 278 28.86 -3.80 -17.21
CA ASN B 278 28.93 -2.47 -17.81
C ASN B 278 27.57 -1.96 -18.28
N LEU B 279 26.50 -2.68 -18.01
CA LEU B 279 25.20 -2.34 -18.57
C LEU B 279 24.68 -1.04 -17.97
N ARG B 280 24.36 -0.08 -18.84
CA ARG B 280 23.85 1.21 -18.42
C ARG B 280 22.36 1.39 -18.68
N GLN B 281 21.80 0.73 -19.69
CA GLN B 281 20.40 0.91 -20.06
C GLN B 281 19.81 -0.44 -20.40
N LEU B 282 18.77 -0.83 -19.66
CA LEU B 282 18.06 -2.08 -19.87
C LEU B 282 16.58 -1.80 -20.02
N SER B 283 15.95 -2.42 -21.02
CA SER B 283 14.50 -2.32 -21.17
C SER B 283 13.93 -3.68 -21.49
N LEU B 284 13.06 -4.17 -20.59
CA LEU B 284 12.19 -5.31 -20.85
C LEU B 284 10.74 -4.87 -20.90
N ALA B 285 10.50 -3.61 -21.22
CA ALA B 285 9.16 -3.05 -21.14
C ALA B 285 8.25 -3.70 -22.17
N HIS B 286 6.96 -3.65 -21.88
CA HIS B 286 5.92 -4.08 -22.82
C HIS B 286 6.20 -5.45 -23.39
N ASN B 287 6.48 -6.40 -22.49
CA ASN B 287 6.46 -7.82 -22.80
C ASN B 287 5.39 -8.47 -21.92
N LEU B 288 5.51 -9.76 -21.62
CA LEU B 288 4.52 -10.48 -20.82
C LEU B 288 5.14 -11.02 -19.54
N TYR B 289 6.07 -10.28 -18.95
CA TYR B 289 6.73 -10.74 -17.75
C TYR B 289 5.79 -10.66 -16.55
N SER B 290 5.97 -11.59 -15.61
CA SER B 290 5.14 -11.67 -14.42
C SER B 290 6.02 -12.05 -13.24
N GLY B 291 5.40 -12.21 -12.08
CA GLY B 291 6.13 -12.46 -10.86
C GLY B 291 6.68 -11.18 -10.27
N GLU B 292 7.61 -11.35 -9.34
CA GLU B 292 8.26 -10.22 -8.70
C GLU B 292 9.49 -9.80 -9.49
N ILE B 293 9.95 -8.58 -9.23
CA ILE B 293 11.23 -8.09 -9.75
C ILE B 293 12.34 -8.78 -8.96
N PRO B 294 13.23 -9.54 -9.60
CA PRO B 294 14.27 -10.26 -8.86
C PRO B 294 15.14 -9.30 -8.06
N PRO B 295 15.37 -9.57 -6.78
CA PRO B 295 16.33 -8.74 -6.04
C PRO B 295 17.71 -8.76 -6.66
N GLU B 296 18.07 -9.86 -7.33
CA GLU B 296 19.38 -9.97 -7.95
C GLU B 296 19.52 -9.13 -9.20
N LEU B 297 18.43 -8.51 -9.67
CA LEU B 297 18.57 -7.53 -10.74
C LEU B 297 19.44 -6.37 -10.30
N SER B 298 19.60 -6.16 -8.99
CA SER B 298 20.42 -5.09 -8.44
C SER B 298 21.91 -5.30 -8.70
N LEU B 299 22.31 -6.44 -9.27
CA LEU B 299 23.70 -6.64 -9.63
C LEU B 299 24.16 -5.66 -10.70
N LEU B 300 23.22 -5.00 -11.38
CA LEU B 300 23.55 -3.98 -12.37
C LEU B 300 23.73 -2.60 -11.76
N CYS B 301 23.52 -2.46 -10.44
CA CYS B 301 23.38 -1.14 -9.85
C CYS B 301 24.67 -0.33 -9.80
N ARG B 302 25.82 -0.95 -10.12
CA ARG B 302 27.05 -0.15 -10.19
C ARG B 302 27.04 0.76 -11.41
N THR B 303 26.41 0.32 -12.50
CA THR B 303 26.43 1.04 -13.76
C THR B 303 25.04 1.45 -14.27
N LEU B 304 23.97 0.87 -13.77
CA LEU B 304 22.66 1.07 -14.37
C LEU B 304 22.24 2.53 -14.30
N GLU B 305 21.93 3.11 -15.45
CA GLU B 305 21.47 4.49 -15.56
C GLU B 305 20.01 4.60 -15.99
N VAL B 306 19.51 3.66 -16.78
CA VAL B 306 18.14 3.69 -17.28
C VAL B 306 17.56 2.29 -17.15
N LEU B 307 16.32 2.21 -16.66
CA LEU B 307 15.63 0.94 -16.49
C LEU B 307 14.16 1.14 -16.85
N ASP B 308 13.65 0.31 -17.75
CA ASP B 308 12.26 0.34 -18.14
C ASP B 308 11.71 -1.07 -18.07
N LEU B 309 10.91 -1.35 -17.04
CA LEU B 309 10.19 -2.61 -16.90
C LEU B 309 8.69 -2.43 -17.06
N SER B 310 8.27 -1.33 -17.69
CA SER B 310 6.86 -1.00 -17.75
C SER B 310 6.12 -1.94 -18.69
N GLY B 311 4.80 -1.94 -18.56
CA GLY B 311 3.96 -2.69 -19.48
C GLY B 311 4.10 -4.19 -19.39
N ASN B 312 4.30 -4.72 -18.19
CA ASN B 312 4.27 -6.16 -17.96
C ASN B 312 3.17 -6.45 -16.95
N SER B 313 3.25 -7.57 -16.25
CA SER B 313 2.32 -7.91 -15.18
C SER B 313 3.09 -8.20 -13.89
N LEU B 314 4.10 -7.37 -13.60
CA LEU B 314 4.91 -7.57 -12.42
C LEU B 314 4.14 -7.19 -11.16
N THR B 315 4.28 -8.00 -10.12
CA THR B 315 3.67 -7.75 -8.83
C THR B 315 4.76 -7.45 -7.80
N GLY B 316 4.31 -7.03 -6.61
CA GLY B 316 5.23 -6.79 -5.52
C GLY B 316 5.81 -5.39 -5.55
N GLN B 317 7.10 -5.28 -5.23
CA GLN B 317 7.74 -3.98 -5.09
C GLN B 317 9.11 -4.02 -5.75
N LEU B 318 9.72 -2.85 -5.86
CA LEU B 318 11.12 -2.77 -6.26
C LEU B 318 11.96 -3.22 -5.05
N PRO B 319 12.75 -4.29 -5.18
CA PRO B 319 13.42 -4.85 -3.99
C PRO B 319 14.35 -3.86 -3.32
N GLN B 320 14.55 -4.06 -2.02
CA GLN B 320 15.35 -3.15 -1.21
C GLN B 320 16.79 -3.07 -1.70
N SER B 321 17.30 -4.14 -2.30
CA SER B 321 18.69 -4.15 -2.77
C SER B 321 18.96 -3.04 -3.78
N PHE B 322 17.92 -2.47 -4.38
CA PHE B 322 18.11 -1.41 -5.37
C PHE B 322 18.55 -0.09 -4.74
N THR B 323 18.61 -0.01 -3.41
CA THR B 323 19.12 1.21 -2.78
C THR B 323 20.56 1.50 -3.18
N SER B 324 21.26 0.51 -3.73
CA SER B 324 22.64 0.68 -4.17
C SER B 324 22.74 1.20 -5.61
N CYS B 325 21.61 1.52 -6.24
CA CYS B 325 21.59 2.01 -7.63
C CYS B 325 21.87 3.51 -7.64
N GLY B 326 23.11 3.86 -7.30
CA GLY B 326 23.50 5.25 -7.18
C GLY B 326 23.51 6.03 -8.48
N SER B 327 23.62 5.35 -9.62
CA SER B 327 23.70 6.01 -10.91
C SER B 327 22.37 6.04 -11.65
N LEU B 328 21.32 5.42 -11.09
CA LEU B 328 20.05 5.30 -11.79
C LEU B 328 19.42 6.68 -11.96
N GLN B 329 19.17 7.06 -13.22
CA GLN B 329 18.59 8.36 -13.56
C GLN B 329 17.14 8.27 -14.00
N SER B 330 16.77 7.21 -14.73
CA SER B 330 15.41 7.05 -15.23
C SER B 330 14.90 5.68 -14.83
N LEU B 331 13.84 5.66 -14.02
CA LEU B 331 13.21 4.44 -13.57
C LEU B 331 11.75 4.46 -14.02
N ASN B 332 11.39 3.52 -14.89
CA ASN B 332 10.04 3.43 -15.43
C ASN B 332 9.49 2.04 -15.11
N LEU B 333 8.48 1.99 -14.23
CA LEU B 333 7.83 0.74 -13.86
C LEU B 333 6.33 0.79 -14.07
N GLY B 334 5.86 1.66 -14.98
CA GLY B 334 4.44 1.84 -15.15
C GLY B 334 3.76 0.63 -15.76
N ASN B 335 2.43 0.59 -15.61
CA ASN B 335 1.62 -0.48 -16.18
C ASN B 335 2.11 -1.85 -15.72
N ASN B 336 2.06 -2.04 -14.42
CA ASN B 336 2.32 -3.32 -13.78
C ASN B 336 1.26 -3.49 -12.69
N LYS B 337 1.54 -4.37 -11.72
CA LYS B 337 0.66 -4.57 -10.57
C LYS B 337 1.42 -4.35 -9.27
N LEU B 338 2.38 -3.43 -9.28
CA LEU B 338 3.22 -3.19 -8.11
C LEU B 338 2.43 -2.50 -7.01
N SER B 339 2.94 -2.65 -5.78
CA SER B 339 2.27 -2.12 -4.61
C SER B 339 3.29 -1.96 -3.49
N GLY B 340 2.84 -1.39 -2.39
CA GLY B 340 3.67 -1.25 -1.21
C GLY B 340 4.25 0.14 -1.02
N ASP B 341 5.26 0.21 -0.15
CA ASP B 341 5.87 1.47 0.25
C ASP B 341 7.26 1.65 -0.35
N PHE B 342 7.56 0.99 -1.47
CA PHE B 342 8.92 1.04 -2.00
C PHE B 342 9.30 2.43 -2.48
N LEU B 343 8.33 3.28 -2.82
CA LEU B 343 8.67 4.66 -3.15
C LEU B 343 9.41 5.34 -2.01
N SER B 344 9.09 4.97 -0.76
CA SER B 344 9.74 5.54 0.41
C SER B 344 10.96 4.74 0.84
N THR B 345 10.81 3.42 0.98
CA THR B 345 11.90 2.61 1.53
C THR B 345 13.03 2.41 0.54
N VAL B 346 12.79 2.65 -0.76
CA VAL B 346 13.80 2.36 -1.77
C VAL B 346 14.05 3.59 -2.65
N VAL B 347 13.02 3.99 -3.40
CA VAL B 347 13.22 5.01 -4.44
C VAL B 347 13.76 6.30 -3.84
N SER B 348 13.28 6.68 -2.65
CA SER B 348 13.74 7.93 -2.04
C SER B 348 15.23 7.89 -1.76
N LYS B 349 15.79 6.70 -1.54
CA LYS B 349 17.22 6.56 -1.28
C LYS B 349 18.06 6.56 -2.56
N LEU B 350 17.48 6.87 -3.70
CA LEU B 350 18.20 6.94 -4.97
C LEU B 350 18.44 8.41 -5.29
N SER B 351 19.70 8.84 -5.15
CA SER B 351 20.01 10.27 -5.15
C SER B 351 19.93 10.88 -6.54
N ARG B 352 20.31 10.13 -7.57
CA ARG B 352 20.49 10.69 -8.91
C ARG B 352 19.27 10.54 -9.80
N ILE B 353 18.15 10.07 -9.26
CA ILE B 353 16.97 9.81 -10.08
C ILE B 353 16.39 11.14 -10.57
N THR B 354 16.19 11.24 -11.89
CA THR B 354 15.59 12.41 -12.51
C THR B 354 14.21 12.14 -13.08
N ASN B 355 13.97 10.95 -13.60
CA ASN B 355 12.71 10.60 -14.25
C ASN B 355 12.16 9.34 -13.59
N LEU B 356 11.00 9.48 -12.96
CA LEU B 356 10.38 8.40 -12.20
C LEU B 356 8.94 8.24 -12.67
N TYR B 357 8.62 7.07 -13.21
CA TYR B 357 7.30 6.78 -13.72
C TYR B 357 6.81 5.51 -13.03
N LEU B 358 5.74 5.63 -12.24
CA LEU B 358 5.06 4.45 -11.73
C LEU B 358 3.56 4.52 -11.96
N PRO B 359 3.09 5.02 -13.10
CA PRO B 359 1.64 5.07 -13.32
C PRO B 359 1.07 3.70 -13.63
N PHE B 360 -0.23 3.55 -13.37
CA PHE B 360 -0.96 2.31 -13.64
C PHE B 360 -0.38 1.14 -12.84
N ASN B 361 -0.36 1.31 -11.53
CA ASN B 361 0.04 0.26 -10.60
C ASN B 361 -1.05 0.18 -9.52
N ASN B 362 -0.73 -0.50 -8.42
CA ASN B 362 -1.66 -0.73 -7.32
C ASN B 362 -1.10 -0.20 -6.00
N ILE B 363 -0.50 0.98 -6.05
CA ILE B 363 0.19 1.55 -4.89
C ILE B 363 -0.81 2.39 -4.10
N SER B 364 -1.03 2.02 -2.85
CA SER B 364 -2.00 2.68 -1.98
C SER B 364 -1.29 3.46 -0.89
N GLY B 365 -2.09 4.12 -0.05
CA GLY B 365 -1.56 5.05 0.93
C GLY B 365 -1.50 6.46 0.39
N SER B 366 -0.83 7.32 1.13
CA SER B 366 -0.59 8.69 0.70
C SER B 366 0.79 8.81 0.06
N VAL B 367 0.93 9.79 -0.81
CA VAL B 367 2.21 9.95 -1.51
C VAL B 367 3.32 10.11 -0.48
N PRO B 368 4.42 9.37 -0.58
CA PRO B 368 5.42 9.43 0.50
C PRO B 368 6.16 10.75 0.47
N ILE B 369 6.40 11.30 1.66
CA ILE B 369 7.05 12.60 1.75
C ILE B 369 8.53 12.47 1.41
N SER B 370 9.15 11.35 1.83
CA SER B 370 10.58 11.15 1.58
C SER B 370 10.92 11.27 0.11
N LEU B 371 9.95 11.15 -0.78
CA LEU B 371 10.19 11.34 -2.20
C LEU B 371 10.85 12.70 -2.48
N THR B 372 10.78 13.63 -1.52
CA THR B 372 11.49 14.90 -1.66
C THR B 372 12.98 14.76 -1.43
N ASN B 373 13.42 13.68 -0.79
CA ASN B 373 14.86 13.43 -0.67
C ASN B 373 15.50 13.26 -2.05
N CYS B 374 14.71 12.99 -3.09
CA CYS B 374 15.20 12.96 -4.46
C CYS B 374 15.28 14.39 -4.95
N SER B 375 16.46 14.99 -4.83
CA SER B 375 16.64 16.41 -5.11
C SER B 375 16.83 16.72 -6.59
N ASN B 376 16.96 15.70 -7.44
CA ASN B 376 17.15 15.90 -8.87
C ASN B 376 15.94 15.46 -9.69
N LEU B 377 14.80 15.25 -9.03
CA LEU B 377 13.62 14.71 -9.69
C LEU B 377 12.97 15.78 -10.56
N ARG B 378 12.95 15.56 -11.86
CA ARG B 378 12.29 16.46 -12.80
C ARG B 378 10.88 16.00 -13.18
N VAL B 379 10.68 14.68 -13.31
CA VAL B 379 9.42 14.14 -13.78
C VAL B 379 8.97 13.07 -12.78
N LEU B 380 7.76 13.23 -12.25
CA LEU B 380 7.17 12.28 -11.32
C LEU B 380 5.77 11.93 -11.84
N ASP B 381 5.58 10.67 -12.22
CA ASP B 381 4.28 10.19 -12.71
C ASP B 381 3.78 9.11 -11.75
N LEU B 382 2.73 9.44 -11.01
CA LEU B 382 2.10 8.50 -10.08
C LEU B 382 0.63 8.27 -10.42
N SER B 383 0.23 8.55 -11.66
CA SER B 383 -1.17 8.49 -12.04
C SER B 383 -1.70 7.06 -12.02
N SER B 384 -3.00 6.92 -11.85
CA SER B 384 -3.69 5.64 -11.91
C SER B 384 -3.13 4.64 -10.90
N ASN B 385 -3.04 5.07 -9.65
CA ASN B 385 -2.79 4.18 -8.53
C ASN B 385 -3.95 4.30 -7.56
N GLU B 386 -3.74 4.01 -6.27
CA GLU B 386 -4.78 4.11 -5.27
C GLU B 386 -4.38 5.07 -4.15
N PHE B 387 -3.66 6.13 -4.51
CA PHE B 387 -3.15 7.05 -3.51
C PHE B 387 -4.29 7.82 -2.86
N THR B 388 -4.20 7.98 -1.54
CA THR B 388 -5.16 8.73 -0.76
C THR B 388 -4.44 9.90 -0.09
N GLY B 389 -5.18 10.68 0.69
CA GLY B 389 -4.60 11.82 1.35
C GLY B 389 -4.57 13.05 0.44
N GLU B 390 -3.59 13.92 0.69
CA GLU B 390 -3.52 15.22 0.05
C GLU B 390 -2.38 15.27 -0.96
N VAL B 391 -2.41 16.31 -1.78
CA VAL B 391 -1.44 16.44 -2.88
C VAL B 391 -0.05 16.65 -2.30
N PRO B 392 0.99 16.10 -2.93
CA PRO B 392 2.36 16.32 -2.42
C PRO B 392 2.77 17.78 -2.53
N SER B 393 3.08 18.38 -1.38
CA SER B 393 3.52 19.77 -1.31
C SER B 393 5.00 19.92 -1.01
N GLY B 394 5.67 18.87 -0.52
CA GLY B 394 7.00 19.03 0.04
C GLY B 394 8.08 19.33 -0.98
N PHE B 395 7.91 18.83 -2.22
CA PHE B 395 9.00 18.92 -3.18
C PHE B 395 9.50 20.35 -3.36
N CYS B 396 8.63 21.33 -3.17
CA CYS B 396 8.95 22.71 -3.53
C CYS B 396 9.64 23.49 -2.43
N SER B 397 9.53 23.06 -1.17
CA SER B 397 10.07 23.79 -0.03
C SER B 397 11.35 23.16 0.51
N LEU B 398 12.21 22.67 -0.38
CA LEU B 398 13.46 22.06 0.03
C LEU B 398 14.56 23.11 0.10
N GLN B 399 15.69 22.73 0.72
CA GLN B 399 16.81 23.64 0.88
C GLN B 399 17.36 24.14 -0.46
N SER B 400 16.93 23.56 -1.57
CA SER B 400 17.37 23.96 -2.90
C SER B 400 16.17 24.40 -3.73
N SER B 401 16.43 25.30 -4.69
CA SER B 401 15.45 25.59 -5.73
C SER B 401 15.04 24.29 -6.40
N SER B 402 13.73 24.05 -6.45
CA SER B 402 13.24 22.77 -6.92
C SER B 402 13.45 22.63 -8.41
N VAL B 403 13.89 21.43 -8.83
CA VAL B 403 14.08 21.11 -10.24
C VAL B 403 12.84 20.48 -10.84
N LEU B 404 11.80 20.23 -10.04
CA LEU B 404 10.62 19.49 -10.50
C LEU B 404 9.92 20.22 -11.64
N GLU B 405 9.80 19.56 -12.78
CA GLU B 405 9.18 20.11 -13.97
C GLU B 405 7.79 19.55 -14.26
N LYS B 406 7.56 18.26 -13.98
CA LYS B 406 6.28 17.62 -14.28
C LYS B 406 5.79 16.86 -13.05
N LEU B 407 4.58 17.19 -12.61
CA LEU B 407 3.92 16.47 -11.53
C LEU B 407 2.62 15.89 -12.06
N LEU B 408 2.49 14.57 -12.03
CA LEU B 408 1.37 13.86 -12.63
C LEU B 408 0.83 12.85 -11.61
N ILE B 409 -0.37 13.11 -11.11
CA ILE B 409 -0.97 12.22 -10.11
C ILE B 409 -2.46 12.06 -10.43
N ALA B 410 -2.77 11.81 -11.70
CA ALA B 410 -4.16 11.70 -12.12
C ALA B 410 -4.73 10.32 -11.77
N ASN B 411 -6.06 10.26 -11.72
CA ASN B 411 -6.79 9.03 -11.45
C ASN B 411 -6.31 8.35 -10.17
N ASN B 412 -6.40 9.10 -9.08
CA ASN B 412 -6.14 8.57 -7.74
C ASN B 412 -7.34 8.95 -6.86
N TYR B 413 -7.14 8.94 -5.55
CA TYR B 413 -8.15 9.34 -4.59
C TYR B 413 -7.66 10.50 -3.71
N LEU B 414 -6.84 11.38 -4.28
CA LEU B 414 -6.36 12.53 -3.54
C LEU B 414 -7.53 13.44 -3.18
N SER B 415 -7.49 13.99 -1.97
CA SER B 415 -8.55 14.83 -1.46
C SER B 415 -7.94 16.11 -0.88
N GLY B 416 -8.81 16.98 -0.36
CA GLY B 416 -8.38 18.28 0.10
C GLY B 416 -8.34 19.28 -1.04
N THR B 417 -7.48 20.28 -0.93
CA THR B 417 -7.39 21.35 -1.92
C THR B 417 -6.00 21.32 -2.54
N VAL B 418 -5.86 22.04 -3.66
CA VAL B 418 -4.56 22.18 -4.31
C VAL B 418 -3.66 22.94 -3.35
N PRO B 419 -2.65 22.29 -2.76
CA PRO B 419 -1.80 22.99 -1.78
C PRO B 419 -1.17 24.23 -2.39
N VAL B 420 -1.11 25.29 -1.59
CA VAL B 420 -0.55 26.56 -2.05
C VAL B 420 0.95 26.50 -2.15
N GLU B 421 1.59 25.54 -1.47
CA GLU B 421 3.04 25.42 -1.52
C GLU B 421 3.55 25.13 -2.92
N LEU B 422 2.70 24.58 -3.80
CA LEU B 422 3.10 24.32 -5.17
C LEU B 422 3.62 25.58 -5.86
N GLY B 423 3.21 26.76 -5.38
CA GLY B 423 3.76 28.00 -5.91
C GLY B 423 5.28 28.03 -5.87
N LYS B 424 5.87 27.35 -4.89
CA LYS B 424 7.33 27.38 -4.72
C LYS B 424 8.06 26.51 -5.73
N CYS B 425 7.36 25.67 -6.49
CA CYS B 425 7.98 24.85 -7.53
C CYS B 425 8.09 25.67 -8.82
N LYS B 426 8.97 26.66 -8.78
CA LYS B 426 9.09 27.62 -9.87
C LYS B 426 9.45 26.97 -11.20
N SER B 427 9.95 25.73 -11.18
CA SER B 427 10.33 25.03 -12.39
C SER B 427 9.17 24.27 -13.03
N LEU B 428 8.01 24.21 -12.38
CA LEU B 428 6.91 23.42 -12.88
C LEU B 428 6.48 23.90 -14.27
N LYS B 429 6.36 22.94 -15.19
CA LYS B 429 5.79 23.18 -16.51
C LYS B 429 4.47 22.46 -16.74
N THR B 430 4.24 21.33 -16.06
CA THR B 430 3.04 20.53 -16.25
C THR B 430 2.53 20.06 -14.90
N ILE B 431 1.24 20.31 -14.65
CA ILE B 431 0.55 19.82 -13.46
C ILE B 431 -0.69 19.07 -13.92
N ASP B 432 -0.84 17.83 -13.47
CA ASP B 432 -1.99 16.99 -13.80
C ASP B 432 -2.50 16.35 -12.51
N LEU B 433 -3.61 16.88 -11.98
CA LEU B 433 -4.26 16.33 -10.80
C LEU B 433 -5.68 15.87 -11.13
N SER B 434 -5.92 15.48 -12.37
CA SER B 434 -7.25 15.16 -12.82
C SER B 434 -7.79 13.90 -12.15
N PHE B 435 -9.11 13.77 -12.16
CA PHE B 435 -9.81 12.59 -11.67
C PHE B 435 -9.41 12.24 -10.24
N ASN B 436 -9.42 13.26 -9.39
CA ASN B 436 -9.28 13.05 -7.94
C ASN B 436 -10.54 13.57 -7.25
N ALA B 437 -10.46 13.85 -5.96
CA ALA B 437 -11.56 14.43 -5.22
C ALA B 437 -11.20 15.80 -4.65
N LEU B 438 -10.29 16.50 -5.32
CA LEU B 438 -9.86 17.81 -4.84
C LEU B 438 -11.04 18.77 -4.81
N THR B 439 -11.02 19.68 -3.84
CA THR B 439 -12.07 20.66 -3.65
C THR B 439 -11.44 22.04 -3.42
N GLY B 440 -12.30 23.05 -3.28
CA GLY B 440 -11.85 24.38 -2.95
C GLY B 440 -11.37 25.16 -4.15
N LEU B 441 -10.90 26.37 -3.88
CA LEU B 441 -10.43 27.27 -4.92
C LEU B 441 -9.05 26.82 -5.41
N ILE B 442 -8.66 27.37 -6.55
CA ILE B 442 -7.31 27.19 -7.09
C ILE B 442 -6.47 28.37 -6.63
N PRO B 443 -5.52 28.19 -5.73
CA PRO B 443 -4.74 29.33 -5.23
C PRO B 443 -4.07 30.11 -6.36
N LYS B 444 -3.96 31.42 -6.15
CA LYS B 444 -3.28 32.27 -7.13
C LYS B 444 -1.82 31.88 -7.32
N GLU B 445 -1.22 31.22 -6.33
CA GLU B 445 0.18 30.81 -6.45
C GLU B 445 0.37 29.77 -7.55
N ILE B 446 -0.68 29.07 -7.96
CA ILE B 446 -0.60 28.22 -9.13
C ILE B 446 -0.59 29.05 -10.40
N TRP B 447 -1.53 30.00 -10.50
CA TRP B 447 -1.65 30.82 -11.69
C TRP B 447 -0.44 31.73 -11.92
N THR B 448 0.48 31.81 -10.96
CA THR B 448 1.65 32.66 -11.07
C THR B 448 2.96 31.88 -11.26
N LEU B 449 2.89 30.56 -11.34
CA LEU B 449 4.10 29.78 -11.60
C LEU B 449 4.72 30.25 -12.90
N PRO B 450 5.99 30.67 -12.91
CA PRO B 450 6.52 31.34 -14.11
C PRO B 450 6.57 30.45 -15.34
N LYS B 451 6.94 29.18 -15.20
CA LYS B 451 7.16 28.29 -16.33
C LYS B 451 5.95 27.41 -16.62
N LEU B 452 4.81 27.66 -16.00
CA LEU B 452 3.67 26.77 -16.15
C LEU B 452 3.19 26.74 -17.59
N SER B 453 2.79 25.57 -18.05
CA SER B 453 2.41 25.37 -19.44
C SER B 453 1.13 24.55 -19.57
N ASP B 454 0.99 23.54 -18.72
CA ASP B 454 -0.17 22.64 -18.74
C ASP B 454 -0.80 22.64 -17.35
N LEU B 455 -1.99 23.20 -17.25
CA LEU B 455 -2.80 23.16 -16.03
C LEU B 455 -3.94 22.19 -16.31
N VAL B 456 -3.83 20.99 -15.74
CA VAL B 456 -4.75 19.89 -16.03
C VAL B 456 -5.30 19.37 -14.71
N MET B 457 -6.61 19.50 -14.52
CA MET B 457 -7.22 19.19 -13.23
C MET B 457 -8.71 18.90 -13.39
N TRP B 458 -9.08 18.21 -14.47
CA TRP B 458 -10.50 17.99 -14.74
C TRP B 458 -11.03 16.81 -13.93
N ALA B 459 -12.35 16.80 -13.75
CA ALA B 459 -13.04 15.77 -12.98
C ALA B 459 -12.66 15.82 -11.49
N ASN B 460 -12.77 17.01 -10.91
CA ASN B 460 -12.68 17.18 -9.47
C ASN B 460 -13.93 17.97 -9.04
N ASN B 461 -13.84 18.66 -7.91
CA ASN B 461 -14.90 19.54 -7.44
C ASN B 461 -14.33 20.92 -7.10
N LEU B 462 -13.44 21.42 -7.96
CA LEU B 462 -12.84 22.73 -7.72
C LEU B 462 -13.87 23.83 -7.95
N THR B 463 -13.82 24.85 -7.09
CA THR B 463 -14.70 26.00 -7.16
C THR B 463 -13.88 27.26 -7.46
N GLY B 464 -14.56 28.39 -7.45
CA GLY B 464 -13.91 29.65 -7.78
C GLY B 464 -13.93 29.93 -9.27
N GLY B 465 -13.17 30.94 -9.66
CA GLY B 465 -13.11 31.36 -11.04
C GLY B 465 -11.71 31.35 -11.62
N ILE B 466 -11.56 31.85 -12.83
CA ILE B 466 -10.26 31.96 -13.50
C ILE B 466 -9.77 33.39 -13.31
N PRO B 467 -8.63 33.61 -12.66
CA PRO B 467 -8.21 34.98 -12.38
C PRO B 467 -8.07 35.80 -13.65
N GLU B 468 -8.21 37.12 -13.50
CA GLU B 468 -8.01 38.05 -14.59
C GLU B 468 -6.53 38.24 -14.94
N SER B 469 -5.62 37.73 -14.12
CA SER B 469 -4.18 37.86 -14.37
C SER B 469 -3.57 36.61 -14.97
N ILE B 470 -4.37 35.80 -15.67
CA ILE B 470 -3.86 34.60 -16.29
C ILE B 470 -2.86 34.97 -17.38
N CYS B 471 -1.79 34.20 -17.47
CA CYS B 471 -0.76 34.34 -18.51
C CYS B 471 -0.08 35.70 -18.49
N VAL B 472 -0.33 36.51 -17.47
CA VAL B 472 0.36 37.79 -17.28
C VAL B 472 1.37 37.70 -16.14
N ASP B 473 0.91 37.33 -14.95
CA ASP B 473 1.79 37.05 -13.82
C ASP B 473 2.21 35.58 -13.77
N GLY B 474 1.58 34.72 -14.55
CA GLY B 474 1.97 33.32 -14.65
C GLY B 474 2.41 32.96 -16.05
N GLY B 475 2.70 31.68 -16.23
CA GLY B 475 3.20 31.20 -17.50
C GLY B 475 2.15 31.28 -18.60
N ASN B 476 2.62 31.54 -19.81
CA ASN B 476 1.78 31.54 -21.00
C ASN B 476 1.42 30.09 -21.33
N LEU B 477 0.23 29.67 -20.91
CA LEU B 477 -0.14 28.27 -20.94
C LEU B 477 -0.26 27.73 -22.36
N GLU B 478 -0.02 26.42 -22.48
CA GLU B 478 -0.39 25.68 -23.68
C GLU B 478 -1.70 24.93 -23.53
N THR B 479 -2.00 24.44 -22.34
CA THR B 479 -3.24 23.70 -22.09
C THR B 479 -3.84 24.14 -20.78
N LEU B 480 -5.15 24.39 -20.79
CA LEU B 480 -5.92 24.73 -19.59
C LEU B 480 -7.17 23.86 -19.64
N ILE B 481 -7.15 22.77 -18.88
CA ILE B 481 -8.15 21.71 -18.96
C ILE B 481 -8.74 21.53 -17.58
N LEU B 482 -9.88 22.18 -17.32
CA LEU B 482 -10.53 22.17 -16.02
C LEU B 482 -11.99 21.76 -16.12
N ASN B 483 -12.33 20.96 -17.11
CA ASN B 483 -13.72 20.56 -17.32
C ASN B 483 -14.18 19.66 -16.17
N ASN B 484 -15.50 19.61 -15.99
CA ASN B 484 -16.13 18.78 -14.96
C ASN B 484 -15.68 19.19 -13.56
N ASN B 485 -15.77 20.49 -13.30
CA ASN B 485 -15.51 21.04 -11.97
C ASN B 485 -16.72 21.89 -11.60
N LEU B 486 -16.55 22.80 -10.64
CA LEU B 486 -17.62 23.70 -10.20
C LEU B 486 -17.19 25.16 -10.34
N LEU B 487 -16.39 25.47 -11.36
CA LEU B 487 -15.89 26.82 -11.53
C LEU B 487 -17.02 27.76 -11.90
N THR B 488 -16.94 28.99 -11.39
CA THR B 488 -17.95 30.01 -11.60
C THR B 488 -17.30 31.26 -12.15
N GLY B 489 -18.13 32.26 -12.46
CA GLY B 489 -17.64 33.50 -13.00
C GLY B 489 -17.40 33.44 -14.50
N SER B 490 -16.80 34.50 -15.01
CA SER B 490 -16.59 34.66 -16.45
C SER B 490 -15.19 34.22 -16.85
N LEU B 491 -15.07 33.83 -18.12
CA LEU B 491 -13.77 33.50 -18.68
C LEU B 491 -12.98 34.80 -18.85
N PRO B 492 -11.76 34.90 -18.31
CA PRO B 492 -11.04 36.17 -18.35
C PRO B 492 -10.90 36.70 -19.77
N GLU B 493 -10.95 38.02 -19.91
CA GLU B 493 -10.57 38.62 -21.17
C GLU B 493 -9.07 38.56 -21.38
N SER B 494 -8.31 38.35 -20.30
CA SER B 494 -6.87 38.11 -20.38
C SER B 494 -6.54 36.69 -20.84
N ILE B 495 -7.55 35.87 -21.14
CA ILE B 495 -7.29 34.61 -21.81
C ILE B 495 -6.64 34.86 -23.15
N SER B 496 -6.79 36.09 -23.67
CA SER B 496 -6.14 36.50 -24.92
C SER B 496 -4.63 36.62 -24.76
N LYS B 497 -4.12 36.68 -23.54
CA LYS B 497 -2.68 36.75 -23.33
C LYS B 497 -2.01 35.38 -23.46
N CYS B 498 -2.78 34.30 -23.45
CA CYS B 498 -2.23 32.94 -23.51
C CYS B 498 -2.00 32.54 -24.97
N THR B 499 -1.07 33.25 -25.60
CA THR B 499 -0.84 33.06 -27.03
C THR B 499 -0.38 31.64 -27.36
N ASN B 500 0.29 30.96 -26.42
CA ASN B 500 0.72 29.59 -26.65
C ASN B 500 -0.42 28.58 -26.59
N MET B 501 -1.62 29.03 -26.23
CA MET B 501 -2.69 28.09 -25.90
C MET B 501 -3.00 27.17 -27.06
N LEU B 502 -3.09 25.87 -26.75
CA LEU B 502 -3.48 24.85 -27.72
C LEU B 502 -4.85 24.25 -27.44
N TRP B 503 -5.20 24.06 -26.16
CA TRP B 503 -6.39 23.32 -25.78
C TRP B 503 -7.01 23.97 -24.55
N ILE B 504 -8.21 24.51 -24.70
CA ILE B 504 -9.00 25.02 -23.58
C ILE B 504 -10.18 24.08 -23.40
N SER B 505 -10.35 23.57 -22.18
CA SER B 505 -11.51 22.77 -21.83
C SER B 505 -12.05 23.25 -20.49
N LEU B 506 -13.27 23.78 -20.49
CA LEU B 506 -13.95 24.21 -19.29
C LEU B 506 -15.38 23.68 -19.28
N SER B 507 -15.61 22.56 -19.95
CA SER B 507 -16.95 22.02 -20.08
C SER B 507 -17.48 21.57 -18.72
N SER B 508 -18.80 21.60 -18.60
CA SER B 508 -19.48 21.10 -17.40
C SER B 508 -18.94 21.78 -16.14
N ASN B 509 -18.86 23.10 -16.20
CA ASN B 509 -18.59 23.92 -15.02
C ASN B 509 -19.81 24.82 -14.79
N LEU B 510 -19.64 25.93 -14.09
CA LEU B 510 -20.72 26.86 -13.83
C LEU B 510 -20.32 28.27 -14.24
N LEU B 511 -19.65 28.38 -15.39
CA LEU B 511 -19.18 29.66 -15.87
C LEU B 511 -20.34 30.45 -16.47
N THR B 512 -20.28 31.77 -16.32
CA THR B 512 -21.29 32.67 -16.85
C THR B 512 -20.59 33.76 -17.64
N GLY B 513 -21.36 34.73 -18.11
CA GLY B 513 -20.83 35.82 -18.89
C GLY B 513 -20.71 35.45 -20.35
N GLU B 514 -19.93 36.26 -21.07
CA GLU B 514 -19.78 36.14 -22.51
C GLU B 514 -18.42 35.56 -22.85
N ILE B 515 -18.36 34.85 -23.99
CA ILE B 515 -17.10 34.34 -24.51
C ILE B 515 -16.22 35.54 -24.84
N PRO B 516 -15.09 35.73 -24.18
CA PRO B 516 -14.26 36.90 -24.48
C PRO B 516 -13.85 36.93 -25.95
N VAL B 517 -14.14 38.05 -26.61
CA VAL B 517 -13.77 38.20 -28.01
C VAL B 517 -12.27 38.08 -28.21
N GLY B 518 -11.49 38.31 -27.14
CA GLY B 518 -10.05 38.18 -27.22
C GLY B 518 -9.56 36.77 -27.51
N ILE B 519 -10.43 35.76 -27.44
CA ILE B 519 -10.03 34.42 -27.83
C ILE B 519 -9.46 34.43 -29.24
N GLY B 520 -9.96 35.32 -30.11
CA GLY B 520 -9.47 35.42 -31.47
C GLY B 520 -8.01 35.83 -31.58
N LYS B 521 -7.39 36.24 -30.48
CA LYS B 521 -5.96 36.52 -30.48
C LYS B 521 -5.13 35.26 -30.32
N LEU B 522 -5.75 34.11 -30.05
CA LEU B 522 -5.03 32.85 -29.82
C LEU B 522 -4.95 32.09 -31.14
N GLU B 523 -3.80 32.18 -31.80
CA GLU B 523 -3.65 31.63 -33.14
C GLU B 523 -3.09 30.22 -33.16
N LYS B 524 -2.54 29.73 -32.05
CA LYS B 524 -2.17 28.32 -31.93
C LYS B 524 -3.32 27.48 -31.36
N LEU B 525 -4.43 28.12 -30.97
CA LEU B 525 -5.53 27.42 -30.33
C LEU B 525 -6.19 26.48 -31.32
N ALA B 526 -6.28 25.20 -30.93
CA ALA B 526 -6.88 24.18 -31.79
C ALA B 526 -8.16 23.57 -31.23
N ILE B 527 -8.32 23.53 -29.90
CA ILE B 527 -9.46 22.88 -29.27
C ILE B 527 -10.02 23.84 -28.23
N LEU B 528 -11.32 24.14 -28.33
CA LEU B 528 -12.02 25.00 -27.39
C LEU B 528 -13.32 24.32 -27.00
N GLN B 529 -13.37 23.77 -25.80
CA GLN B 529 -14.56 23.11 -25.25
C GLN B 529 -15.09 23.97 -24.11
N LEU B 530 -16.25 24.58 -24.33
CA LEU B 530 -16.94 25.36 -23.29
C LEU B 530 -18.36 24.86 -23.09
N GLY B 531 -18.66 23.65 -23.54
CA GLY B 531 -20.02 23.15 -23.47
C GLY B 531 -20.49 23.01 -22.04
N ASN B 532 -21.81 23.07 -21.86
CA ASN B 532 -22.46 22.76 -20.59
C ASN B 532 -22.10 23.77 -19.50
N ASN B 533 -22.09 25.05 -19.86
CA ASN B 533 -22.02 26.14 -18.89
C ASN B 533 -23.27 27.02 -19.08
N SER B 534 -23.22 28.26 -18.62
CA SER B 534 -24.32 29.21 -18.80
C SER B 534 -23.85 30.47 -19.50
N LEU B 535 -23.01 30.31 -20.52
CA LEU B 535 -22.47 31.46 -21.23
C LEU B 535 -23.57 32.12 -22.06
N THR B 536 -23.56 33.45 -22.07
CA THR B 536 -24.54 34.25 -22.79
C THR B 536 -23.83 35.11 -23.83
N GLY B 537 -24.61 35.93 -24.53
CA GLY B 537 -24.07 36.77 -25.58
C GLY B 537 -24.03 36.07 -26.92
N ASN B 538 -23.24 36.62 -27.82
CA ASN B 538 -23.09 36.06 -29.15
C ASN B 538 -21.95 35.06 -29.19
N ILE B 539 -21.97 34.20 -30.20
CA ILE B 539 -20.79 33.46 -30.61
C ILE B 539 -19.88 34.48 -31.26
N PRO B 540 -18.80 34.91 -30.62
CA PRO B 540 -18.00 36.00 -31.19
C PRO B 540 -17.47 35.63 -32.57
N SER B 541 -17.71 36.52 -33.53
CA SER B 541 -17.16 36.32 -34.87
C SER B 541 -15.63 36.26 -34.84
N GLU B 542 -15.00 36.80 -33.80
CA GLU B 542 -13.55 36.78 -33.70
C GLU B 542 -12.98 35.37 -33.58
N LEU B 543 -13.83 34.38 -33.24
CA LEU B 543 -13.36 33.00 -33.26
C LEU B 543 -12.85 32.60 -34.64
N GLY B 544 -13.27 33.30 -35.69
CA GLY B 544 -12.78 33.02 -37.03
C GLY B 544 -11.34 33.41 -37.24
N ASN B 545 -10.79 34.27 -36.37
CA ASN B 545 -9.37 34.61 -36.43
C ASN B 545 -8.48 33.55 -35.77
N CYS B 546 -9.06 32.56 -35.10
CA CYS B 546 -8.29 31.46 -34.51
C CYS B 546 -7.82 30.56 -35.65
N LYS B 547 -6.58 30.80 -36.10
CA LYS B 547 -6.11 30.23 -37.35
C LYS B 547 -6.06 28.70 -37.31
N ASN B 548 -5.79 28.13 -36.14
CA ASN B 548 -5.62 26.68 -36.01
C ASN B 548 -6.80 25.99 -35.35
N LEU B 549 -7.90 26.71 -35.10
CA LEU B 549 -9.06 26.11 -34.43
C LEU B 549 -9.62 24.98 -35.29
N ILE B 550 -9.69 23.78 -34.72
CA ILE B 550 -10.25 22.63 -35.45
C ILE B 550 -11.35 21.95 -34.66
N TRP B 551 -11.52 22.33 -33.39
CA TRP B 551 -12.50 21.69 -32.51
C TRP B 551 -13.13 22.78 -31.65
N LEU B 552 -14.40 23.10 -31.93
CA LEU B 552 -15.13 24.15 -31.23
C LEU B 552 -16.42 23.55 -30.69
N ASP B 553 -16.57 23.53 -29.36
CA ASP B 553 -17.73 22.96 -28.70
C ASP B 553 -18.29 23.97 -27.72
N LEU B 554 -19.46 24.52 -28.05
CA LEU B 554 -20.16 25.47 -27.19
C LEU B 554 -21.56 24.98 -26.82
N ASN B 555 -21.79 23.68 -26.87
CA ASN B 555 -23.13 23.15 -26.70
C ASN B 555 -23.65 23.41 -25.29
N SER B 556 -24.97 23.44 -25.18
CA SER B 556 -25.64 23.50 -23.87
C SER B 556 -25.24 24.75 -23.08
N ASN B 557 -25.24 25.90 -23.76
CA ASN B 557 -25.07 27.18 -23.09
C ASN B 557 -26.32 28.02 -23.34
N ASN B 558 -26.20 29.35 -23.24
CA ASN B 558 -27.32 30.26 -23.45
C ASN B 558 -26.98 31.31 -24.51
N LEU B 559 -26.25 30.90 -25.55
CA LEU B 559 -25.79 31.85 -26.56
C LEU B 559 -26.93 32.21 -27.51
N THR B 560 -27.00 33.50 -27.86
CA THR B 560 -27.99 34.00 -28.79
C THR B 560 -27.30 34.66 -29.98
N GLY B 561 -28.00 35.53 -30.70
CA GLY B 561 -27.45 36.11 -31.90
C GLY B 561 -27.53 35.12 -33.06
N ASN B 562 -26.72 35.38 -34.08
CA ASN B 562 -26.68 34.55 -35.28
C ASN B 562 -25.40 33.74 -35.32
N LEU B 563 -25.41 32.72 -36.18
CA LEU B 563 -24.23 31.93 -36.45
C LEU B 563 -23.23 32.80 -37.18
N PRO B 564 -22.09 33.16 -36.58
CA PRO B 564 -21.11 33.97 -37.29
C PRO B 564 -20.56 33.22 -38.51
N GLY B 565 -20.59 33.88 -39.66
CA GLY B 565 -20.05 33.29 -40.86
C GLY B 565 -18.55 33.07 -40.82
N GLU B 566 -17.85 33.81 -39.97
CA GLU B 566 -16.40 33.76 -39.93
C GLU B 566 -15.87 32.44 -39.38
N LEU B 567 -16.71 31.62 -38.74
CA LEU B 567 -16.23 30.35 -38.23
C LEU B 567 -15.66 29.46 -39.34
N ALA B 568 -16.04 29.71 -40.59
CA ALA B 568 -15.56 28.93 -41.72
C ALA B 568 -14.49 29.66 -42.52
N SER B 569 -14.00 30.79 -42.04
CA SER B 569 -13.10 31.61 -42.84
C SER B 569 -11.71 30.99 -42.98
N GLN B 570 -11.33 30.08 -42.08
CA GLN B 570 -10.06 29.38 -42.17
C GLN B 570 -10.16 28.09 -42.97
N ALA B 571 -11.34 27.75 -43.48
CA ALA B 571 -11.50 26.54 -44.29
C ALA B 571 -10.49 26.55 -45.44
N GLY B 572 -9.71 25.47 -45.52
CA GLY B 572 -8.69 25.34 -46.54
C GLY B 572 -7.36 25.96 -46.20
N LEU B 573 -7.23 26.57 -45.01
CA LEU B 573 -5.99 27.22 -44.60
C LEU B 573 -5.40 26.68 -43.31
N VAL B 574 -6.13 25.84 -42.57
CA VAL B 574 -5.70 25.43 -41.25
C VAL B 574 -4.43 24.60 -41.36
N MET B 575 -3.44 24.90 -40.51
CA MET B 575 -2.21 24.13 -40.39
C MET B 575 -2.27 23.22 -39.18
N PRO B 576 -1.70 22.01 -39.24
CA PRO B 576 -1.57 21.20 -38.01
C PRO B 576 -0.60 21.85 -37.05
N GLY B 577 -0.78 21.55 -35.76
CA GLY B 577 0.03 22.18 -34.73
C GLY B 577 0.46 21.25 -33.62
N SER B 578 0.88 21.83 -32.50
CA SER B 578 1.46 21.08 -31.39
C SER B 578 0.43 20.40 -30.51
N VAL B 579 -0.87 20.59 -30.76
CA VAL B 579 -1.85 19.81 -30.03
C VAL B 579 -1.73 18.33 -30.37
N SER B 580 -1.01 18.01 -31.43
CA SER B 580 -0.84 16.62 -31.83
C SER B 580 -0.06 15.84 -30.79
N GLY B 581 -0.43 14.58 -30.61
CA GLY B 581 0.37 13.66 -29.81
C GLY B 581 0.01 13.61 -28.33
N LYS B 582 -1.24 13.90 -27.97
CA LYS B 582 -1.68 13.89 -26.59
C LYS B 582 -2.68 12.76 -26.38
N GLN B 583 -2.63 12.14 -25.21
CA GLN B 583 -3.59 11.09 -24.89
C GLN B 583 -4.98 11.70 -24.83
N PHE B 584 -5.94 11.05 -25.48
CA PHE B 584 -7.33 11.47 -25.45
C PHE B 584 -8.22 10.23 -25.42
N ALA B 585 -9.45 10.44 -24.99
CA ALA B 585 -10.52 9.46 -25.11
C ALA B 585 -11.75 10.17 -25.65
N PHE B 586 -12.58 9.42 -26.38
CA PHE B 586 -13.81 9.95 -26.94
C PHE B 586 -14.93 8.98 -26.60
N VAL B 587 -15.89 9.44 -25.82
CA VAL B 587 -17.02 8.61 -25.39
C VAL B 587 -18.19 8.93 -26.31
N ARG B 588 -18.54 7.99 -27.17
CA ARG B 588 -19.67 8.15 -28.09
C ARG B 588 -20.93 7.68 -27.37
N ASN B 589 -21.84 8.60 -27.12
CA ASN B 589 -23.13 8.26 -26.51
C ASN B 589 -24.07 7.75 -27.59
N GLU B 590 -24.83 6.71 -27.25
CA GLU B 590 -25.69 6.02 -28.21
C GLU B 590 -27.09 5.86 -27.61
N GLY B 591 -27.69 6.98 -27.22
CA GLY B 591 -29.01 6.97 -26.63
C GLY B 591 -29.99 7.91 -27.30
N GLY B 592 -29.56 8.59 -28.35
CA GLY B 592 -30.40 9.49 -29.10
C GLY B 592 -29.92 10.93 -29.00
N THR B 593 -30.66 11.81 -29.67
CA THR B 593 -30.36 13.24 -29.58
C THR B 593 -30.57 13.76 -28.17
N ASP B 594 -31.27 13.02 -27.32
CA ASP B 594 -31.49 13.38 -25.93
C ASP B 594 -30.48 12.74 -24.98
N CYS B 595 -29.53 11.97 -25.49
CA CYS B 595 -28.56 11.27 -24.64
C CYS B 595 -27.14 11.66 -25.02
N GLY B 599 -19.86 13.08 -22.08
CA GLY B 599 -19.26 12.46 -23.24
C GLY B 599 -18.39 13.40 -24.04
N GLY B 600 -18.05 12.99 -25.26
CA GLY B 600 -17.20 13.78 -26.11
C GLY B 600 -15.72 13.52 -25.85
N LEU B 601 -14.92 14.52 -26.19
CA LEU B 601 -13.47 14.42 -26.08
C LEU B 601 -13.01 14.81 -24.69
N VAL B 602 -12.04 14.04 -24.17
CA VAL B 602 -11.41 14.34 -22.89
C VAL B 602 -9.92 14.07 -22.99
N GLU B 603 -9.13 14.89 -22.31
CA GLU B 603 -7.71 14.59 -22.15
C GLU B 603 -7.57 13.38 -21.24
N PHE B 604 -6.77 12.39 -21.66
CA PHE B 604 -6.78 11.08 -21.00
C PHE B 604 -5.38 10.61 -20.63
N GLU B 605 -4.44 11.53 -20.38
CA GLU B 605 -3.12 11.13 -19.92
C GLU B 605 -3.22 10.60 -18.50
N GLY B 606 -2.77 9.36 -18.30
CA GLY B 606 -2.67 8.80 -16.97
C GLY B 606 -3.96 8.32 -16.35
N ILE B 607 -5.00 8.09 -17.15
CA ILE B 607 -6.32 7.71 -16.65
C ILE B 607 -6.68 6.35 -17.23
N ARG B 608 -7.30 5.51 -16.40
CA ARG B 608 -7.77 4.21 -16.84
C ARG B 608 -9.16 4.34 -17.44
N ALA B 609 -9.40 3.59 -18.53
CA ALA B 609 -10.69 3.68 -19.21
C ALA B 609 -11.83 3.24 -18.31
N GLU B 610 -11.56 2.34 -17.36
CA GLU B 610 -12.59 1.91 -16.42
C GLU B 610 -13.17 3.11 -15.68
N ARG B 611 -12.33 4.08 -15.33
CA ARG B 611 -12.78 5.23 -14.56
C ARG B 611 -13.71 6.12 -15.37
N LEU B 612 -13.68 6.02 -16.70
CA LEU B 612 -14.59 6.78 -17.54
C LEU B 612 -15.95 6.11 -17.63
N GLU B 613 -15.97 4.79 -17.84
CA GLU B 613 -17.23 4.05 -17.85
C GLU B 613 -18.03 4.32 -16.58
N HIS B 614 -17.34 4.42 -15.44
CA HIS B 614 -17.98 4.63 -14.16
C HIS B 614 -18.18 6.11 -13.83
N PHE B 615 -17.77 7.01 -14.70
CA PHE B 615 -18.05 8.43 -14.49
C PHE B 615 -19.55 8.62 -14.48
N PRO B 616 -20.13 9.25 -13.45
CA PRO B 616 -21.60 9.31 -13.35
C PRO B 616 -22.27 9.80 -14.63
N MET B 617 -21.66 10.74 -15.34
CA MET B 617 -22.22 11.20 -16.61
C MET B 617 -22.21 10.08 -17.65
N VAL B 618 -21.11 9.34 -17.73
CA VAL B 618 -20.98 8.30 -18.76
C VAL B 618 -21.80 7.07 -18.39
N HIS B 619 -21.78 6.68 -17.11
CA HIS B 619 -22.53 5.50 -16.68
C HIS B 619 -24.03 5.68 -16.85
N SER B 620 -24.50 6.91 -17.05
CA SER B 620 -25.92 7.17 -17.18
C SER B 620 -26.45 6.67 -18.52
N CYS B 621 -26.05 7.32 -19.62
CA CYS B 621 -26.55 6.92 -20.93
C CYS B 621 -26.28 5.44 -21.15
N PRO B 622 -27.28 4.65 -21.56
CA PRO B 622 -27.11 3.18 -21.50
C PRO B 622 -25.96 2.65 -22.33
N LYS B 623 -25.81 3.12 -23.58
CA LYS B 623 -24.86 2.57 -24.51
C LYS B 623 -23.69 3.53 -24.69
N THR B 624 -22.48 3.00 -24.61
CA THR B 624 -21.27 3.81 -24.67
C THR B 624 -20.17 3.04 -25.37
N ARG B 625 -19.46 3.72 -26.26
CA ARG B 625 -18.29 3.16 -26.93
C ARG B 625 -17.14 4.15 -26.74
N ILE B 626 -16.07 3.69 -26.10
CA ILE B 626 -14.95 4.55 -25.75
C ILE B 626 -13.86 4.35 -26.80
N TYR B 627 -13.68 5.36 -27.66
CA TYR B 627 -12.51 5.43 -28.51
C TYR B 627 -11.39 6.11 -27.72
N SER B 628 -10.15 5.72 -28.01
CA SER B 628 -9.03 6.32 -27.31
C SER B 628 -7.77 6.15 -28.15
N GLY B 629 -6.82 7.06 -27.93
CA GLY B 629 -5.57 7.06 -28.65
C GLY B 629 -4.77 8.32 -28.43
N MET B 630 -4.08 8.78 -29.46
CA MET B 630 -3.29 10.01 -29.41
C MET B 630 -3.79 10.95 -30.49
N THR B 631 -3.96 12.22 -30.14
CA THR B 631 -4.48 13.20 -31.08
C THR B 631 -3.62 13.25 -32.33
N MET B 632 -4.28 13.24 -33.50
CA MET B 632 -3.57 13.14 -34.76
C MET B 632 -4.35 13.90 -35.82
N TYR B 633 -3.65 14.69 -36.62
CA TYR B 633 -4.27 15.41 -37.72
C TYR B 633 -4.37 14.51 -38.95
N MET B 634 -5.43 14.72 -39.73
CA MET B 634 -5.67 13.98 -40.96
C MET B 634 -5.20 14.74 -42.19
N PHE B 635 -4.76 16.00 -42.03
CA PHE B 635 -4.24 16.81 -43.11
C PHE B 635 -2.89 17.36 -42.70
N SER B 636 -1.99 17.48 -43.67
CA SER B 636 -0.69 18.09 -43.43
C SER B 636 -0.70 19.59 -43.66
N SER B 637 -1.69 20.09 -44.38
CA SER B 637 -1.84 21.52 -44.64
C SER B 637 -3.21 21.73 -45.25
N ASN B 638 -3.67 22.98 -45.22
CA ASN B 638 -4.88 23.37 -45.95
C ASN B 638 -6.10 22.58 -45.50
N GLY B 639 -6.22 22.40 -44.18
CA GLY B 639 -7.36 21.72 -43.61
C GLY B 639 -8.47 22.68 -43.23
N SER B 640 -9.49 22.12 -42.59
CA SER B 640 -10.62 22.90 -42.09
C SER B 640 -10.90 22.46 -40.67
N MET B 641 -11.95 23.03 -40.08
CA MET B 641 -12.40 22.58 -38.78
C MET B 641 -12.88 21.13 -38.87
N ILE B 642 -12.82 20.44 -37.75
CA ILE B 642 -13.11 19.01 -37.68
C ILE B 642 -14.37 18.73 -36.88
N TYR B 643 -14.61 19.50 -35.83
CA TYR B 643 -15.68 19.23 -34.88
C TYR B 643 -16.33 20.55 -34.53
N LEU B 644 -17.62 20.70 -34.83
CA LEU B 644 -18.36 21.92 -34.54
C LEU B 644 -19.68 21.54 -33.90
N ASP B 645 -19.83 21.84 -32.61
CA ASP B 645 -21.05 21.53 -31.87
C ASP B 645 -21.52 22.82 -31.23
N LEU B 646 -22.62 23.39 -31.77
CA LEU B 646 -23.23 24.61 -31.26
C LEU B 646 -24.65 24.34 -30.77
N SER B 647 -24.95 23.10 -30.41
CA SER B 647 -26.32 22.68 -30.13
C SER B 647 -26.76 23.12 -28.74
N TYR B 648 -28.07 23.03 -28.51
CA TYR B 648 -28.68 23.42 -27.24
C TYR B 648 -28.27 24.83 -26.83
N ASN B 649 -28.47 25.77 -27.73
CA ASN B 649 -28.40 27.20 -27.42
C ASN B 649 -29.69 27.82 -27.95
N ALA B 650 -29.69 29.15 -28.12
CA ALA B 650 -30.79 29.87 -28.71
C ALA B 650 -30.31 30.72 -29.87
N VAL B 651 -29.43 30.15 -30.70
CA VAL B 651 -28.95 30.85 -31.90
C VAL B 651 -30.05 30.88 -32.94
N SER B 652 -30.18 32.01 -33.61
CA SER B 652 -31.23 32.22 -34.61
C SER B 652 -30.60 32.67 -35.92
N GLY B 653 -31.44 32.87 -36.94
CA GLY B 653 -30.97 33.28 -38.24
C GLY B 653 -30.74 32.10 -39.16
N SER B 654 -30.01 32.38 -40.23
CA SER B 654 -29.76 31.40 -41.28
C SER B 654 -28.37 30.80 -41.12
N ILE B 655 -28.17 29.66 -41.79
CA ILE B 655 -26.89 28.96 -41.77
C ILE B 655 -25.98 29.61 -42.81
N PRO B 656 -24.82 30.13 -42.41
CA PRO B 656 -23.89 30.69 -43.42
C PRO B 656 -23.53 29.65 -44.47
N LEU B 657 -23.69 30.03 -45.74
CA LEU B 657 -23.35 29.13 -46.84
C LEU B 657 -21.92 28.64 -46.73
N GLY B 658 -21.02 29.47 -46.18
CA GLY B 658 -19.62 29.09 -46.07
C GLY B 658 -19.38 27.86 -45.24
N TYR B 659 -20.31 27.51 -44.33
CA TYR B 659 -20.12 26.33 -43.50
C TYR B 659 -19.97 25.08 -44.34
N GLY B 660 -20.62 25.02 -45.50
CA GLY B 660 -20.56 23.85 -46.35
C GLY B 660 -19.24 23.59 -47.03
N ALA B 661 -18.25 24.47 -46.85
CA ALA B 661 -16.97 24.34 -47.52
C ALA B 661 -15.88 23.81 -46.59
N MET B 662 -16.24 23.37 -45.38
CA MET B 662 -15.27 22.81 -44.44
C MET B 662 -15.06 21.34 -44.81
N GLY B 663 -14.05 21.11 -45.66
CA GLY B 663 -13.85 19.81 -46.28
C GLY B 663 -13.46 18.70 -45.33
N TYR B 664 -12.84 19.03 -44.20
CA TYR B 664 -12.44 18.03 -43.21
C TYR B 664 -13.39 17.96 -42.03
N LEU B 665 -14.50 18.69 -42.07
CA LEU B 665 -15.45 18.65 -40.97
C LEU B 665 -16.11 17.28 -40.90
N GLN B 666 -16.06 16.66 -39.73
CA GLN B 666 -16.68 15.36 -39.51
C GLN B 666 -17.91 15.41 -38.63
N VAL B 667 -17.99 16.37 -37.72
CA VAL B 667 -19.15 16.53 -36.84
C VAL B 667 -19.67 17.95 -36.98
N LEU B 668 -20.95 18.09 -37.25
CA LEU B 668 -21.62 19.39 -37.32
C LEU B 668 -22.96 19.23 -36.61
N ASN B 669 -23.06 19.77 -35.40
CA ASN B 669 -24.27 19.66 -34.59
C ASN B 669 -24.79 21.08 -34.35
N LEU B 670 -25.82 21.47 -35.09
CA LEU B 670 -26.51 22.74 -34.88
C LEU B 670 -27.91 22.52 -34.29
N GLY B 671 -28.15 21.35 -33.72
CA GLY B 671 -29.49 21.02 -33.25
C GLY B 671 -29.92 21.87 -32.07
N HIS B 672 -31.23 21.82 -31.82
CA HIS B 672 -31.83 22.48 -30.66
C HIS B 672 -31.40 23.93 -30.55
N ASN B 673 -31.67 24.67 -31.62
CA ASN B 673 -31.50 26.12 -31.63
C ASN B 673 -32.78 26.71 -32.21
N LEU B 674 -32.68 27.94 -32.71
CA LEU B 674 -33.79 28.64 -33.36
C LEU B 674 -33.43 29.02 -34.78
N LEU B 675 -32.68 28.16 -35.46
CA LEU B 675 -32.25 28.47 -36.81
C LEU B 675 -33.42 28.44 -37.77
N THR B 676 -33.38 29.35 -38.76
CA THR B 676 -34.42 29.49 -39.76
C THR B 676 -33.77 29.48 -41.14
N GLY B 677 -34.60 29.54 -42.18
CA GLY B 677 -34.10 29.52 -43.54
C GLY B 677 -34.01 28.10 -44.09
N THR B 678 -33.19 27.97 -45.13
CA THR B 678 -33.02 26.70 -45.83
C THR B 678 -31.67 26.08 -45.49
N ILE B 679 -31.57 24.79 -45.74
CA ILE B 679 -30.30 24.06 -45.62
C ILE B 679 -29.46 24.38 -46.85
N PRO B 680 -28.29 25.00 -46.70
CA PRO B 680 -27.52 25.42 -47.88
C PRO B 680 -27.17 24.24 -48.78
N ASP B 681 -27.41 24.43 -50.09
CA ASP B 681 -26.93 23.46 -51.07
C ASP B 681 -25.42 23.26 -50.96
N SER B 682 -24.70 24.27 -50.48
CA SER B 682 -23.26 24.16 -50.30
C SER B 682 -22.89 23.06 -49.32
N PHE B 683 -23.83 22.59 -48.51
CA PHE B 683 -23.54 21.48 -47.60
C PHE B 683 -23.14 20.21 -48.35
N GLY B 684 -23.37 20.16 -49.65
CA GLY B 684 -22.88 19.04 -50.45
C GLY B 684 -21.37 18.98 -50.54
N GLY B 685 -20.67 20.02 -50.08
CA GLY B 685 -19.23 20.04 -50.02
C GLY B 685 -18.64 19.56 -48.71
N LEU B 686 -19.46 19.07 -47.79
CA LEU B 686 -18.98 18.52 -46.51
C LEU B 686 -18.61 17.05 -46.68
N LYS B 687 -17.59 16.82 -47.51
CA LYS B 687 -17.28 15.47 -47.95
C LYS B 687 -16.85 14.56 -46.80
N ALA B 688 -16.30 15.14 -45.73
CA ALA B 688 -15.80 14.35 -44.60
C ALA B 688 -16.83 14.17 -43.49
N ILE B 689 -18.05 14.71 -43.65
CA ILE B 689 -18.99 14.76 -42.54
C ILE B 689 -19.46 13.35 -42.20
N GLY B 690 -19.53 13.06 -40.91
CA GLY B 690 -20.09 11.81 -40.43
C GLY B 690 -21.33 12.04 -39.59
N VAL B 691 -21.32 13.12 -38.80
CA VAL B 691 -22.45 13.50 -37.97
C VAL B 691 -23.00 14.82 -38.47
N LEU B 692 -24.28 14.86 -38.80
CA LEU B 692 -24.94 16.09 -39.24
C LEU B 692 -26.28 16.16 -38.51
N ASP B 693 -26.37 16.99 -37.48
CA ASP B 693 -27.57 17.15 -36.68
C ASP B 693 -28.09 18.57 -36.88
N LEU B 694 -29.26 18.70 -37.51
CA LEU B 694 -29.93 19.98 -37.68
C LEU B 694 -31.32 19.98 -37.04
N SER B 695 -31.58 19.03 -36.16
CA SER B 695 -32.92 18.83 -35.62
C SER B 695 -33.31 20.00 -34.71
N HIS B 696 -34.60 20.04 -34.38
CA HIS B 696 -35.15 20.97 -33.40
C HIS B 696 -34.71 22.41 -33.70
N ASN B 697 -34.96 22.84 -34.93
CA ASN B 697 -34.80 24.22 -35.34
C ASN B 697 -36.10 24.63 -36.02
N ASP B 698 -36.02 25.65 -36.87
CA ASP B 698 -37.15 26.08 -37.69
C ASP B 698 -36.71 26.18 -39.15
N LEU B 699 -35.94 25.21 -39.60
CA LEU B 699 -35.47 25.20 -40.98
C LEU B 699 -36.62 24.89 -41.93
N GLN B 700 -36.57 25.49 -43.12
CA GLN B 700 -37.63 25.38 -44.10
C GLN B 700 -37.04 24.94 -45.43
N GLY B 701 -37.92 24.53 -46.33
CA GLY B 701 -37.51 24.22 -47.69
C GLY B 701 -37.18 22.76 -47.89
N PHE B 702 -36.35 22.52 -48.91
CA PHE B 702 -36.01 21.17 -49.35
C PHE B 702 -34.67 20.74 -48.78
N LEU B 703 -34.51 19.43 -48.67
CA LEU B 703 -33.21 18.84 -48.34
C LEU B 703 -32.33 18.85 -49.58
N PRO B 704 -31.16 19.50 -49.56
CA PRO B 704 -30.32 19.55 -50.76
C PRO B 704 -30.03 18.15 -51.29
N GLY B 705 -30.17 18.00 -52.60
CA GLY B 705 -29.83 16.73 -53.23
C GLY B 705 -28.35 16.41 -53.14
N SER B 706 -27.51 17.45 -53.03
CA SER B 706 -26.07 17.23 -52.95
C SER B 706 -25.68 16.52 -51.67
N LEU B 707 -26.53 16.51 -50.64
CA LEU B 707 -26.27 15.68 -49.48
C LEU B 707 -26.17 14.22 -49.87
N GLY B 708 -26.83 13.82 -50.95
CA GLY B 708 -26.72 12.47 -51.45
C GLY B 708 -25.31 12.06 -51.82
N GLY B 709 -24.42 13.04 -52.01
CA GLY B 709 -23.04 12.79 -52.31
C GLY B 709 -22.11 12.71 -51.11
N LEU B 710 -22.66 12.77 -49.90
CA LEU B 710 -21.86 12.68 -48.67
C LEU B 710 -21.73 11.19 -48.32
N SER B 711 -20.62 10.60 -48.73
CA SER B 711 -20.49 9.14 -48.66
C SER B 711 -20.17 8.62 -47.27
N PHE B 712 -19.73 9.46 -46.35
CA PHE B 712 -19.42 9.04 -44.99
C PHE B 712 -20.49 9.43 -43.97
N LEU B 713 -21.58 10.06 -44.41
CA LEU B 713 -22.63 10.51 -43.50
C LEU B 713 -23.31 9.28 -42.90
N SER B 714 -23.14 9.09 -41.60
CA SER B 714 -23.69 7.93 -40.91
C SER B 714 -24.60 8.31 -39.74
N ASP B 715 -24.80 9.60 -39.49
CA ASP B 715 -25.65 10.02 -38.37
C ASP B 715 -26.26 11.38 -38.76
N LEU B 716 -27.46 11.33 -39.33
CA LEU B 716 -28.19 12.50 -39.76
C LEU B 716 -29.45 12.65 -38.93
N ASP B 717 -29.78 13.89 -38.57
CA ASP B 717 -31.03 14.17 -37.87
C ASP B 717 -31.54 15.53 -38.32
N VAL B 718 -32.70 15.55 -38.98
CA VAL B 718 -33.30 16.80 -39.45
C VAL B 718 -34.75 16.86 -38.96
N SER B 719 -35.04 16.15 -37.88
CA SER B 719 -36.39 16.10 -37.37
C SER B 719 -36.73 17.38 -36.61
N ASN B 720 -38.03 17.62 -36.46
CA ASN B 720 -38.54 18.78 -35.70
C ASN B 720 -38.11 20.09 -36.36
N ASN B 721 -38.35 20.19 -37.66
CA ASN B 721 -38.13 21.41 -38.41
C ASN B 721 -39.38 21.71 -39.23
N ASN B 722 -39.26 22.60 -40.20
CA ASN B 722 -40.33 22.91 -41.14
C ASN B 722 -39.98 22.42 -42.54
N LEU B 723 -39.24 21.33 -42.63
CA LEU B 723 -38.78 20.81 -43.91
C LEU B 723 -39.92 20.12 -44.64
N THR B 724 -39.80 20.08 -45.97
CA THR B 724 -40.85 19.52 -46.82
C THR B 724 -40.21 18.98 -48.08
N GLY B 725 -40.97 18.15 -48.80
CA GLY B 725 -40.56 17.69 -50.11
C GLY B 725 -39.79 16.38 -50.09
N PRO B 726 -39.23 16.01 -51.24
CA PRO B 726 -38.62 14.68 -51.37
C PRO B 726 -37.34 14.56 -50.55
N ILE B 727 -37.18 13.42 -49.90
CA ILE B 727 -35.91 13.06 -49.28
C ILE B 727 -34.98 12.60 -50.40
N PRO B 728 -33.82 13.22 -50.57
CA PRO B 728 -32.93 12.83 -51.68
C PRO B 728 -32.74 11.32 -51.75
N PHE B 729 -32.63 10.82 -52.97
CA PHE B 729 -32.58 9.39 -53.25
C PHE B 729 -31.19 8.83 -53.14
N GLY B 730 -30.16 9.66 -53.30
CA GLY B 730 -28.80 9.16 -53.37
C GLY B 730 -28.09 9.13 -52.03
N GLY B 731 -27.02 8.33 -51.98
CA GLY B 731 -26.20 8.29 -50.78
C GLY B 731 -26.91 7.60 -49.64
N GLN B 732 -26.76 8.18 -48.45
CA GLN B 732 -27.23 7.56 -47.22
C GLN B 732 -28.55 8.12 -46.72
N LEU B 733 -29.14 9.09 -47.41
CA LEU B 733 -30.31 9.78 -46.86
C LEU B 733 -31.54 8.88 -46.77
N THR B 734 -31.67 7.92 -47.67
CA THR B 734 -32.77 6.96 -47.59
C THR B 734 -32.54 5.88 -46.54
N THR B 735 -31.38 5.87 -45.89
CA THR B 735 -30.98 4.75 -45.05
C THR B 735 -31.18 4.99 -43.57
N PHE B 736 -31.75 6.12 -43.18
CA PHE B 736 -31.81 6.47 -41.78
C PHE B 736 -33.17 6.11 -41.17
N PRO B 737 -33.21 5.88 -39.85
CA PRO B 737 -34.50 5.59 -39.20
C PRO B 737 -35.49 6.73 -39.36
N LEU B 738 -36.78 6.37 -39.30
CA LEU B 738 -37.83 7.36 -39.49
C LEU B 738 -37.75 8.48 -38.47
N THR B 739 -37.25 8.19 -37.26
CA THR B 739 -37.18 9.20 -36.22
C THR B 739 -36.42 10.44 -36.68
N ARG B 740 -35.50 10.28 -37.62
CA ARG B 740 -34.62 11.38 -38.02
C ARG B 740 -35.22 12.27 -39.11
N TYR B 741 -36.45 11.98 -39.55
CA TYR B 741 -37.18 12.85 -40.45
C TYR B 741 -38.49 13.32 -39.83
N ALA B 742 -38.75 12.96 -38.57
CA ALA B 742 -40.07 13.13 -37.99
C ALA B 742 -40.38 14.59 -37.72
N ASN B 743 -41.68 14.89 -37.63
CA ASN B 743 -42.16 16.19 -37.17
C ASN B 743 -41.68 17.33 -38.07
N ASN B 744 -41.74 17.09 -39.37
CA ASN B 744 -41.49 18.12 -40.37
C ASN B 744 -42.81 18.47 -41.07
N SER B 745 -42.74 19.42 -41.98
CA SER B 745 -43.94 19.94 -42.66
C SER B 745 -44.10 19.33 -44.04
N GLY B 746 -44.13 18.01 -44.09
CA GLY B 746 -44.46 17.29 -45.30
C GLY B 746 -43.31 16.68 -46.06
N LEU B 747 -42.24 16.26 -45.40
CA LEU B 747 -41.24 15.44 -46.07
C LEU B 747 -41.91 14.19 -46.63
N CYS B 748 -41.34 13.66 -47.71
CA CYS B 748 -41.89 12.48 -48.35
C CYS B 748 -40.78 11.72 -49.06
N GLY B 749 -41.10 10.50 -49.48
CA GLY B 749 -40.10 9.62 -50.06
C GLY B 749 -39.49 8.71 -49.03
N VAL B 750 -39.06 7.54 -49.48
CA VAL B 750 -38.51 6.51 -48.61
C VAL B 750 -37.45 7.12 -47.70
N PRO B 751 -37.39 6.76 -46.42
CA PRO B 751 -38.21 5.76 -45.73
C PRO B 751 -39.62 6.23 -45.37
N LEU B 752 -39.99 7.45 -45.72
CA LEU B 752 -41.34 7.95 -45.51
C LEU B 752 -42.23 7.55 -46.67
N PRO B 753 -43.55 7.74 -46.56
CA PRO B 753 -44.44 7.33 -47.64
C PRO B 753 -44.07 8.05 -48.93
N PRO B 754 -44.37 7.46 -50.08
CA PRO B 754 -43.93 8.05 -51.35
C PRO B 754 -44.62 9.38 -51.64
N CYS B 755 -43.88 10.26 -52.31
CA CYS B 755 -44.42 11.56 -52.67
C CYS B 755 -45.53 11.44 -53.71
N SER B 756 -45.48 10.41 -54.56
CA SER B 756 -46.43 10.28 -55.65
C SER B 756 -47.82 9.87 -55.20
N SER B 757 -47.99 9.44 -53.95
CA SER B 757 -49.28 8.98 -53.45
C SER B 757 -50.00 10.04 -52.61
N GLY B 758 -49.36 11.18 -52.35
CA GLY B 758 -49.97 12.24 -51.57
C GLY B 758 -50.38 13.42 -52.43
C1 NAG C . 19.64 -35.96 54.01
C2 NAG C . 18.98 -34.84 54.85
C3 NAG C . 20.02 -34.36 55.86
C4 NAG C . 20.61 -35.51 56.67
C5 NAG C . 21.01 -36.67 55.75
C6 NAG C . 21.47 -37.90 56.51
C7 NAG C . 17.36 -33.14 54.12
C8 NAG C . 17.10 -32.08 53.09
N2 NAG C . 18.53 -33.79 53.99
O3 NAG C . 19.38 -33.42 56.70
O4 NAG C . 21.75 -34.97 57.32
O5 NAG C . 19.93 -37.02 54.89
O6 NAG C . 20.52 -38.28 57.47
O7 NAG C . 16.54 -33.39 55.00
H2 NAG C . 18.21 -35.18 55.32
H3 NAG C . 20.74 -33.95 55.37
H4 NAG C . 19.94 -35.82 57.29
H5 NAG C . 21.75 -36.38 55.19
H61 NAG C . 21.62 -38.62 55.86
H62 NAG C . 22.33 -37.71 56.90
H81 NAG C . 16.38 -31.50 53.39
H82 NAG C . 17.91 -31.56 52.96
H83 NAG C . 16.85 -32.51 52.25
HN2 NAG C . 19.05 -33.56 53.35
HO3 NAG C . 19.98 -33.06 57.20
HO6 NAG C . 20.88 -38.85 57.99
C1 NAG C . 21.58 -34.89 58.74
C2 NAG C . 22.92 -34.45 59.36
C3 NAG C . 22.79 -34.29 60.88
C4 NAG C . 21.60 -33.40 61.22
C5 NAG C . 20.35 -33.92 60.50
C6 NAG C . 19.12 -33.06 60.75
C7 NAG C . 24.12 -36.66 59.14
C8 NAG C . 22.94 -37.43 59.69
N2 NAG C . 24.02 -35.31 59.02
O3 NAG C . 23.99 -33.74 61.35
O4 NAG C . 21.44 -33.45 62.62
O5 NAG C . 20.59 -33.97 59.11
O6 NAG C . 19.40 -31.73 60.41
O7 NAG C . 25.12 -37.26 58.79
H2 NAG C . 23.11 -33.58 58.96
H3 NAG C . 22.63 -35.16 61.26
H4 NAG C . 21.80 -32.50 60.92
H5 NAG C . 20.15 -34.81 60.82
H61 NAG C . 18.38 -33.42 60.23
H62 NAG C . 18.88 -33.14 61.69
H81 NAG C . 23.19 -38.36 59.77
H82 NAG C . 22.72 -37.07 60.56
H83 NAG C . 22.19 -37.33 59.08
HN2 NAG C . 24.71 -34.91 58.69
HO3 NAG C . 23.96 -33.71 62.20
HO4 NAG C . 20.92 -32.82 62.86
HO6 NAG C . 18.74 -31.24 60.65
C1 NAG D . 7.13 -21.35 49.75
C2 NAG D . 6.10 -20.64 50.62
C3 NAG D . 6.74 -19.37 51.21
C4 NAG D . 8.07 -19.68 51.88
C5 NAG D . 8.94 -20.62 51.05
C6 NAG D . 10.17 -21.15 51.77
C7 NAG D . 3.76 -21.00 49.81
C8 NAG D . 3.64 -22.21 50.68
N2 NAG D . 4.93 -20.32 49.84
O3 NAG D . 5.82 -18.82 52.11
O4 NAG D . 8.73 -18.44 52.02
O5 NAG D . 8.19 -21.72 50.59
O6 NAG D . 10.87 -22.04 50.95
O7 NAG D . 2.83 -20.65 49.11
H2 NAG D . 5.81 -21.22 51.35
H3 NAG D . 6.94 -18.78 50.48
H4 NAG D . 7.86 -20.12 52.73
H5 NAG D . 9.26 -20.11 50.28
H61 NAG D . 10.71 -20.38 52.03
H62 NAG D . 9.88 -21.57 52.60
H81 NAG D . 2.82 -22.68 50.47
H82 NAG D . 4.40 -22.79 50.53
H83 NAG D . 3.62 -21.93 51.62
HN2 NAG D . 5.00 -19.62 49.34
HO3 NAG D . 6.15 -18.10 52.42
HO6 NAG D . 11.55 -22.32 51.37
C1 NAG D . 8.66 -17.93 53.36
C2 NAG D . 9.44 -16.61 53.37
C3 NAG D . 9.33 -15.92 54.73
C4 NAG D . 7.87 -15.81 55.14
C5 NAG D . 7.21 -17.18 55.08
C6 NAG D . 5.74 -17.15 55.45
C7 NAG D . 11.38 -16.50 51.85
C8 NAG D . 12.84 -16.85 51.72
N2 NAG D . 10.82 -16.84 53.03
O3 NAG D . 9.95 -14.67 54.63
O4 NAG D . 7.86 -15.29 56.45
O5 NAG D . 7.33 -17.70 53.77
O6 NAG D . 5.29 -18.45 55.75
O7 NAG D . 10.78 -15.97 50.94
H2 NAG D . 9.05 -16.02 52.71
H3 NAG D . 9.78 -16.48 55.39
H4 NAG D . 7.43 -15.21 54.52
H5 NAG D . 7.65 -17.77 55.70
H61 NAG D . 5.63 -16.55 56.20
H62 NAG D . 5.24 -16.76 54.71
H81 NAG D . 13.17 -16.54 50.87
H82 NAG D . 13.33 -16.44 52.44
H83 NAG D . 12.93 -17.83 51.78
HN2 NAG D . 11.31 -17.22 53.61
HO3 NAG D . 9.75 -14.22 55.32
HO4 NAG D . 7.08 -14.98 56.63
HO6 NAG D . 4.47 -18.41 55.96
C1 NAG E . 8.96 -19.89 21.49
C2 NAG E . 7.52 -20.24 21.13
C3 NAG E . 6.56 -19.20 21.72
C4 NAG E . 6.85 -18.92 23.18
C5 NAG E . 8.36 -18.74 23.44
C6 NAG E . 8.67 -18.61 24.92
C7 NAG E . 7.11 -21.39 18.97
C8 NAG E . 6.97 -21.13 17.51
N2 NAG E . 7.33 -20.28 19.70
O3 NAG E . 5.27 -19.70 21.53
O4 NAG E . 6.20 -17.69 23.45
O5 NAG E . 9.06 -19.82 22.89
O6 NAG E . 9.88 -17.93 25.07
O7 NAG E . 7.05 -22.52 19.43
H2 NAG E . 7.33 -21.12 21.51
H3 NAG E . 6.73 -18.38 21.25
H4 NAG E . 6.52 -19.67 23.69
H5 NAG E . 8.66 -17.93 23.00
H61 NAG E . 7.94 -18.15 25.34
H62 NAG E . 8.70 -19.50 25.31
H81 NAG E . 6.76 -21.96 17.05
H82 NAG E . 6.26 -20.48 17.36
H83 NAG E . 7.81 -20.77 17.16
HN2 NAG E . 7.36 -19.53 19.29
HO3 NAG E . 4.73 -19.20 21.98
HO6 NAG E . 10.05 -17.87 25.91
C1 NAG E . 5.05 -17.87 24.28
C2 NAG E . 4.85 -16.55 25.02
C3 NAG E . 3.63 -16.66 25.93
C4 NAG E . 2.40 -17.16 25.18
C5 NAG E . 2.72 -18.33 24.25
C6 NAG E . 1.64 -18.58 23.22
C7 NAG E . 6.99 -15.39 25.35
C8 NAG E . 8.14 -15.21 26.30
N2 NAG E . 6.03 -16.23 25.78
O3 NAG E . 3.40 -15.37 26.47
O4 NAG E . 1.49 -17.53 26.21
O5 NAG E . 3.91 -18.14 23.52
O6 NAG E . 0.54 -19.23 23.78
O7 NAG E . 6.93 -14.83 24.27
H2 NAG E . 4.69 -15.84 24.38
H3 NAG E . 3.83 -17.31 26.61
H4 NAG E . 2.09 -16.44 24.61
H5 NAG E . 2.83 -19.10 24.85
H61 NAG E . 1.40 -17.73 22.83
H62 NAG E . 2.03 -19.10 22.50
H81 NAG E . 8.69 -14.47 25.99
H82 NAG E . 7.79 -15.01 27.18
H83 NAG E . 8.66 -16.02 26.32
HN2 NAG E . 6.13 -16.59 26.55
HO3 NAG E . 2.72 -15.41 26.97
HO6 NAG E . 0.04 -19.49 23.15
C1 BMA E . 0.17 -17.01 25.95
C2 BMA E . -0.73 -17.57 27.05
C3 BMA E . -2.08 -16.82 27.16
C4 BMA E . -1.96 -15.30 27.08
C5 BMA E . -1.01 -14.85 25.99
C6 BMA E . -0.69 -13.36 25.99
O2 BMA E . -0.03 -17.53 28.27
O3 BMA E . -2.69 -17.28 28.33
O4 BMA E . -3.27 -14.87 26.79
O5 BMA E . 0.21 -15.60 25.95
O6 BMA E . 0.20 -13.23 24.91
H2 BMA E . -0.93 -18.48 26.76
H3 BMA E . -2.59 -17.08 26.37
H4 BMA E . -1.66 -14.93 27.92
H5 BMA E . -1.47 -15.02 25.15
H61 BMA E . -1.49 -12.84 25.88
H62 BMA E . -0.28 -13.09 26.83
HO2 BMA E . 0.68 -17.10 28.15
HO4 BMA E . -3.81 -15.26 27.32
C1 MAN E . -3.66 -18.27 27.94
C2 MAN E . -4.88 -18.10 28.85
C3 MAN E . -4.44 -18.32 30.30
C4 MAN E . -3.74 -19.66 30.45
C5 MAN E . -2.62 -19.80 29.42
C6 MAN E . -1.98 -21.17 29.41
O2 MAN E . -5.80 -19.08 28.46
O3 MAN E . -5.58 -18.21 31.11
O4 MAN E . -3.25 -19.73 31.77
O5 MAN E . -3.12 -19.55 28.11
O6 MAN E . -0.69 -21.06 28.87
H2 MAN E . -5.24 -17.21 28.73
H3 MAN E . -3.79 -17.62 30.52
H4 MAN E . -4.40 -20.37 30.28
H5 MAN E . -1.93 -19.16 29.64
H61 MAN E . -1.98 -21.52 30.31
H62 MAN E . -2.55 -21.77 28.88
HO3 MAN E . -5.33 -18.23 31.92
HO4 MAN E . -2.97 -20.52 31.93
HO6 MAN E . -0.32 -21.83 28.92
C1 MAN E . -6.67 -18.60 27.41
C2 MAN E . -8.09 -18.66 27.95
C3 MAN E . -8.33 -20.10 28.41
C4 MAN E . -8.08 -21.07 27.26
C5 MAN E . -6.72 -20.79 26.59
C6 MAN E . -6.56 -21.56 25.29
O2 MAN E . -9.01 -18.39 26.92
O3 MAN E . -9.67 -20.15 28.86
O4 MAN E . -8.12 -22.37 27.82
O5 MAN E . -6.56 -19.42 26.29
O6 MAN E . -5.45 -21.06 24.59
H2 MAN E . -8.15 -17.99 28.64
H3 MAN E . -7.72 -20.31 29.13
H4 MAN E . -8.76 -20.92 26.59
H5 MAN E . -6.02 -21.08 27.21
H61 MAN E . -6.46 -22.50 25.50
H62 MAN E . -7.37 -21.46 24.79
HO3 MAN E . -9.77 -20.89 29.25
HO4 MAN E . -7.84 -22.93 27.25
HO6 MAN E . -5.28 -21.59 23.95
C1 MAN E . -9.22 -16.99 26.57
C2 MAN E . -9.67 -16.13 27.75
C3 MAN E . -11.04 -16.57 28.29
C4 MAN E . -12.05 -16.70 27.16
C5 MAN E . -11.45 -17.59 26.07
C6 MAN E . -12.35 -17.81 24.89
O2 MAN E . -9.73 -14.80 27.28
O3 MAN E . -11.44 -15.61 29.25
O4 MAN E . -13.23 -17.27 27.71
O5 MAN E . -10.25 -16.98 25.61
O6 MAN E . -11.90 -18.95 24.19
H2 MAN E . -9.02 -16.25 28.46
H3 MAN E . -10.93 -17.44 28.70
H4 MAN E . -12.25 -15.83 26.80
H5 MAN E . -11.27 -18.47 26.45
H61 MAN E . -13.26 -17.90 25.20
H62 MAN E . -12.34 -17.01 24.33
HO2 MAN E . -9.95 -14.30 27.93
HO3 MAN E . -12.16 -15.89 29.62
HO4 MAN E . -13.86 -17.23 27.15
HO6 MAN E . -12.20 -18.91 23.40
C1 MAN E . 0.65 -11.88 24.76
C2 MAN E . 1.59 -11.91 23.55
C3 MAN E . 2.81 -12.77 23.87
C4 MAN E . 3.49 -12.19 25.11
C5 MAN E . 2.50 -12.17 26.27
C6 MAN E . 3.09 -11.48 27.51
O2 MAN E . 1.93 -10.58 23.25
O3 MAN E . 3.67 -12.79 22.75
O4 MAN E . 4.63 -12.98 25.38
O5 MAN E . 1.33 -11.46 25.91
O6 MAN E . 3.64 -10.25 27.11
H2 MAN E . 1.11 -12.31 22.79
H3 MAN E . 2.51 -13.68 24.06
H4 MAN E . 3.76 -11.28 24.91
H5 MAN E . 2.29 -13.08 26.52
H61 MAN E . 2.38 -11.36 28.16
H62 MAN E . 3.74 -12.07 27.90
HO2 MAN E . 2.29 -10.57 22.48
HO4 MAN E . 5.12 -12.58 25.96
C1 MAN E . 3.17 -13.68 21.71
C2 MAN E . 4.37 -14.25 20.95
C3 MAN E . 5.13 -13.10 20.30
C4 MAN E . 4.20 -12.32 19.38
C5 MAN E . 2.95 -11.87 20.15
C6 MAN E . 1.90 -11.29 19.22
O2 MAN E . 3.92 -15.10 19.92
O3 MAN E . 6.20 -13.65 19.60
O4 MAN E . 4.92 -11.23 18.86
O5 MAN E . 2.34 -12.97 20.82
O6 MAN E . 1.06 -12.33 18.76
H2 MAN E . 4.88 -14.75 21.60
H3 MAN E . 5.45 -12.50 21.00
H4 MAN E . 3.91 -12.92 18.66
H5 MAN E . 3.23 -11.20 20.80
H61 MAN E . 1.40 -10.60 19.70
H62 MAN E . 2.36 -10.85 18.49
HO3 MAN E . 6.62 -13.02 19.22
HO4 MAN E . 4.45 -10.83 18.29
HO6 MAN E . 0.56 -12.01 18.16
C1 MAN E . 3.30 -16.30 20.43
C2 MAN E . 3.76 -17.47 19.56
C3 MAN E . 3.26 -17.28 18.13
C4 MAN E . 1.76 -17.03 18.11
C5 MAN E . 1.42 -15.89 19.08
C6 MAN E . -0.08 -15.68 19.20
O2 MAN E . 3.25 -18.65 20.14
O3 MAN E . 3.60 -18.43 17.39
O4 MAN E . 1.40 -16.71 16.79
O5 MAN E . 1.92 -16.20 20.37
O6 MAN E . -0.28 -14.43 19.81
H2 MAN E . 4.74 -17.48 19.57
H3 MAN E . 3.71 -16.49 17.78
H4 MAN E . 1.31 -17.84 18.40
H5 MAN E . 1.80 -15.07 18.75
H61 MAN E . -0.48 -15.72 18.32
H62 MAN E . -0.46 -16.40 19.73
HO2 MAN E . 3.46 -19.30 19.64
HO3 MAN E . 3.45 -18.26 16.58
HO4 MAN E . 0.55 -16.63 16.72
HO6 MAN E . -1.12 -14.29 19.84
C1 MAN E . 4.29 -9.62 28.23
C2 MAN E . 4.59 -8.18 27.84
C3 MAN E . 5.55 -8.19 26.65
C4 MAN E . 6.85 -8.89 27.07
C5 MAN E . 6.52 -10.30 27.59
C6 MAN E . 7.75 -10.90 28.26
O2 MAN E . 5.17 -7.56 28.96
O3 MAN E . 5.79 -6.87 26.26
O4 MAN E . 7.68 -8.96 25.93
O5 MAN E . 5.49 -10.27 28.56
O6 MAN E . 7.37 -12.03 29.00
H2 MAN E . 3.77 -7.74 27.58
H3 MAN E . 5.14 -8.69 25.92
H4 MAN E . 7.25 -8.37 27.78
H5 MAN E . 6.24 -10.85 26.85
H61 MAN E . 8.39 -11.12 27.57
H62 MAN E . 8.16 -10.22 28.81
HO3 MAN E . 6.29 -6.87 25.58
HO4 MAN E . 8.39 -9.36 26.14
HO6 MAN E . 8.07 -12.41 29.27
C1 MAN E . 4.19 -6.72 29.61
C2 MAN E . 4.93 -5.69 30.45
C3 MAN E . 5.76 -6.42 31.50
C4 MAN E . 4.85 -7.28 32.37
C5 MAN E . 4.02 -8.22 31.49
C6 MAN E . 2.95 -8.94 32.28
O2 MAN E . 3.95 -4.85 31.03
O3 MAN E . 6.45 -5.46 32.26
O4 MAN E . 5.68 -7.99 33.27
O5 MAN E . 3.37 -7.48 30.46
O6 MAN E . 2.16 -7.98 32.95
H2 MAN E . 5.52 -5.16 29.88
H3 MAN E . 6.39 -7.00 31.04
H4 MAN E . 4.24 -6.69 32.86
H5 MAN E . 4.62 -8.88 31.11
H61 MAN E . 2.41 -9.47 31.67
H62 MAN E . 3.38 -9.54 32.90
HO2 MAN E . 4.35 -4.28 31.52
HO3 MAN E . 7.08 -5.85 32.66
HO4 MAN E . 5.20 -8.37 33.86
HO6 MAN E . 1.66 -8.39 33.50
C1 NAG F . 4.55 2.72 8.98
C2 NAG F . 5.09 4.03 8.41
C3 NAG F . 5.79 4.82 9.51
C4 NAG F . 4.87 4.96 10.73
C5 NAG F . 4.26 3.61 11.12
C6 NAG F . 3.23 3.73 12.23
C7 NAG F . 5.98 4.25 6.07
C8 NAG F . 4.90 5.23 5.72
N2 NAG F . 6.00 3.75 7.32
O3 NAG F . 6.16 6.07 8.99
O4 NAG F . 5.70 5.44 11.77
O5 NAG F . 3.64 3.00 10.02
O6 NAG F . 2.09 4.43 11.75
O7 NAG F . 6.81 3.95 5.22
H2 NAG F . 4.36 4.56 8.06
H3 NAG F . 6.56 4.31 9.80
H4 NAG F . 4.16 5.56 10.47
H5 NAG F . 4.98 3.06 11.45
H61 NAG F . 3.00 2.84 12.52
H62 NAG F . 3.64 4.18 12.99
H81 NAG F . 4.88 5.37 4.76
H82 NAG F . 4.05 4.88 6.02
H83 NAG F . 5.08 6.08 6.16
HN2 NAG F . 6.64 3.20 7.50
HO3 NAG F . 6.52 6.52 9.61
HO6 NAG F . 1.51 4.43 12.37
C1 NAG F . 5.19 6.69 12.26
C2 NAG F . 5.90 6.92 13.61
C3 NAG F . 5.51 8.28 14.16
C4 NAG F . 5.81 9.36 13.12
C5 NAG F . 5.08 9.02 11.82
C6 NAG F . 5.34 9.98 10.69
C7 NAG F . 6.46 4.98 15.03
C8 NAG F . 5.86 3.94 15.92
N2 NAG F . 5.57 5.84 14.50
O3 NAG F . 6.23 8.49 15.35
O4 NAG F . 5.39 10.60 13.66
O5 NAG F . 5.49 7.74 11.38
O6 NAG F . 5.28 11.30 11.17
O7 NAG F . 7.66 5.02 14.78
H2 NAG F . 6.86 6.93 13.48
H3 NAG F . 4.56 8.29 14.33
H4 NAG F . 6.76 9.37 12.95
H5 NAG F . 4.12 9.03 12.01
H61 NAG F . 6.21 9.77 10.31
H62 NAG F . 4.70 9.82 9.99
H81 NAG F . 6.56 3.36 16.26
H82 NAG F . 5.42 4.38 16.67
H83 NAG F . 5.22 3.41 15.43
HN2 NAG F . 4.74 5.75 14.72
HO3 NAG F . 6.00 9.25 15.66
HO6 NAG F . 5.58 11.82 10.56
C1 NAG G . -15.98 10.96 14.45
C2 NAG G . -14.58 10.51 14.89
C3 NAG G . -13.61 11.70 14.83
C4 NAG G . -13.66 12.40 13.48
C5 NAG G . -15.10 12.74 13.11
C6 NAG G . -15.31 13.26 11.70
C7 NAG G . -13.61 9.25 16.78
C8 NAG G . -13.88 8.78 18.19
N2 NAG G . -14.61 9.96 16.22
O3 NAG G . -12.33 11.23 15.14
O4 NAG G . -12.87 13.57 13.64
O5 NAG G . -15.90 11.59 13.19
O6 NAG G . -14.81 12.32 10.77
O7 NAG G . -12.55 9.00 16.21
H2 NAG G . -14.28 9.83 14.27
H3 NAG G . -13.93 12.34 15.50
H4 NAG G . -13.31 11.81 12.80
H5 NAG G . -15.37 13.43 13.73
H61 NAG G . -16.25 13.43 11.57
H62 NAG G . -14.86 14.12 11.62
H81 NAG G . -13.16 8.20 18.48
H83 NAG G . -14.71 8.29 18.29
HN2 NAG G . -15.33 10.10 16.68
HO3 NAG G . -11.82 11.92 15.22
HO6 NAG G . -14.84 12.67 10.00
C1 NAG G . -12.31 13.98 12.38
C2 NAG G . -11.55 15.31 12.60
C3 NAG G . -10.98 15.79 11.27
C4 NAG G . -10.10 14.70 10.68
C5 NAG G . -10.89 13.39 10.59
C6 NAG G . -10.09 12.21 10.09
C7 NAG G . -13.52 16.89 12.93
C8 NAG G . -14.12 16.57 11.59
N2 NAG G . -12.36 16.28 13.31
O3 NAG G . -10.28 16.99 11.51
O4 NAG G . -9.66 15.13 9.41
O5 NAG G . -11.41 13.04 11.86
O6 NAG G . -8.98 12.00 10.92
O7 NAG G . -14.07 17.70 13.66
H2 NAG G . -10.80 15.15 13.20
H3 NAG G . -11.72 15.96 10.66
H4 NAG G . -9.34 14.58 11.29
H5 NAG G . -11.61 13.54 9.96
H61 NAG G . -10.67 11.43 10.06
H62 NAG G . -9.82 12.39 9.17
H81 NAG G . -15.05 16.38 11.70
H82 NAG G . -14.00 17.33 11.00
H83 NAG G . -13.66 15.80 11.22
HN2 NAG G . -12.06 16.50 14.08
HO3 NAG G . -10.01 17.28 10.75
HO6 NAG G . -8.58 11.29 10.67
C1 NAG H . -16.60 14.27 27.40
C2 NAG H . -15.11 14.56 27.46
C3 NAG H . -14.80 15.82 26.67
C4 NAG H . -15.35 15.74 25.24
C5 NAG H . -16.84 15.45 25.34
C6 NAG H . -17.57 15.26 24.01
C7 NAG H . -13.36 14.67 29.19
C8 NAG H . -13.09 14.99 30.62
N2 NAG H . -14.64 14.82 28.80
O3 NAG H . -13.42 16.04 26.68
O4 NAG H . -14.88 17.00 24.82
O5 NAG H . -17.03 14.23 26.05
O6 NAG H . -16.79 14.49 23.13
O7 NAG H . -12.46 14.31 28.43
H2 NAG H . -14.66 13.78 27.10
H3 NAG H . -15.27 16.54 27.12
H4 NAG H . -15.06 15.03 24.65
H5 NAG H . -17.23 16.22 25.77
H61 NAG H . -18.43 14.85 24.20
H62 NAG H . -17.76 16.14 23.65
H81 NAG H . -12.16 15.25 30.73
H82 NAG H . -13.66 15.73 30.90
H83 NAG H . -13.28 14.21 31.16
HN2 NAG H . -15.22 15.06 29.38
HO3 NAG H . -13.27 16.81 26.34
HO6 NAG H . -17.22 14.42 22.40
C1 NAG H . -15.65 17.63 23.80
C2 NAG H . -15.22 19.10 23.74
C3 NAG H . -16.30 19.78 22.92
C4 NAG H . -16.29 19.14 21.53
C5 NAG H . -16.33 17.61 21.58
C6 NAG H . -15.95 16.91 20.29
C7 NAG H . -15.76 19.72 26.10
C8 NAG H . -15.11 20.31 27.33
N2 NAG H . -14.93 19.62 25.05
O3 NAG H . -16.04 21.16 22.89
O4 NAG H . -17.41 19.64 20.84
O5 NAG H . -15.43 17.10 22.55
O6 NAG H . -17.08 16.81 19.46
O7 NAG H . -16.94 19.41 26.09
H2 NAG H . -14.37 19.25 23.30
H3 NAG H . -17.17 19.64 23.33
H4 NAG H . -15.44 19.40 21.13
H5 NAG H . -17.24 17.40 21.82
H61 NAG H . -15.25 17.42 19.86
H62 NAG H . -15.59 16.04 20.50
H81 NAG H . -15.69 20.19 28.09
H82 NAG H . -14.27 19.85 27.49
H83 NAG H . -14.96 21.25 27.18
HN2 NAG H . -14.12 19.88 25.17
HO3 NAG H . -16.73 21.54 22.57
HO4 NAG H . -17.67 19.05 20.26
HO6 NAG H . -17.05 16.06 19.06
C1 NAG I . -26.03 17.49 33.54
C2 NAG I . -27.18 18.39 33.08
C3 NAG I . -26.70 19.46 32.11
C4 NAG I . -25.49 20.20 32.66
C5 NAG I . -24.43 19.17 33.09
C6 NAG I . -23.20 19.79 33.69
C7 NAG I . -29.23 17.02 33.11
C8 NAG I . -30.13 16.20 32.23
N2 NAG I . -28.19 17.58 32.46
O3 NAG I . -27.78 20.32 31.85
O4 NAG I . -25.05 21.06 31.62
O5 NAG I . -24.98 18.29 34.05
O6 NAG I . -23.61 20.53 34.82
O7 NAG I . -29.43 17.15 34.31
H2 NAG I . -27.53 18.85 33.86
H3 NAG I . -26.41 19.01 31.29
H4 NAG I . -25.75 20.72 33.45
H5 NAG I . -24.17 18.69 32.29
H61 NAG I . -22.57 19.09 33.93
H62 NAG I . -22.76 20.34 33.03
H81 NAG I . -30.83 15.80 32.77
H82 NAG I . -30.53 16.78 31.56
H83 NAG I . -29.61 15.51 31.80
HN2 NAG I . -28.12 17.44 31.62
HO3 NAG I . -27.51 20.92 31.31
C1 NAG I . -24.70 22.37 32.14
C2 NAG I . -24.09 23.18 31.00
C3 NAG I . -23.69 24.58 31.48
C4 NAG I . -24.88 25.25 32.18
C5 NAG I . -25.47 24.30 33.22
C6 NAG I . -26.69 24.88 33.93
C7 NAG I . -21.83 22.20 31.11
C8 NAG I . -20.77 21.50 30.30
N2 NAG I . -22.94 22.51 30.43
O3 NAG I . -23.24 25.32 30.39
O4 NAG I . -24.40 26.43 32.78
O5 NAG I . -25.82 23.07 32.62
O6 NAG I . -26.28 25.95 34.75
O7 NAG I . -21.66 22.45 32.29
H2 NAG I . -24.76 23.27 30.30
H3 NAG I . -22.99 24.46 32.15
H4 NAG I . -25.55 25.43 31.51
H5 NAG I . -24.81 24.13 33.92
H61 NAG I . -27.32 25.16 33.26
H62 NAG I . -27.11 24.17 34.44
H81 NAG I . -20.10 21.14 30.90
H82 NAG I . -21.18 20.79 29.79
H83 NAG I . -20.36 22.14 29.70
HN2 NAG I . -22.99 22.30 29.60
HO3 NAG I . -23.04 26.10 30.66
HO4 NAG I . -25.05 26.92 32.99
HO6 NAG I . -26.94 26.18 35.23
C1 MAN I . -22.61 20.45 35.85
C2 MAN I . -23.28 20.88 37.15
C3 MAN I . -23.79 22.30 36.99
C4 MAN I . -22.65 23.23 36.56
C5 MAN I . -21.93 22.66 35.34
C6 MAN I . -20.68 23.44 35.00
O2 MAN I . -22.33 20.76 38.17
O3 MAN I . -24.36 22.69 38.21
O4 MAN I . -23.24 24.49 36.30
O5 MAN I . -21.55 21.31 35.57
O6 MAN I . -20.13 22.93 33.80
H2 MAN I . -24.03 20.27 37.33
H3 MAN I . -24.45 22.31 36.29
H4 MAN I . -22.01 23.29 37.29
H5 MAN I . -22.54 22.72 34.58
H61 MAN I . -20.91 24.38 34.91
H62 MAN I . -20.06 23.37 35.73
HO2 MAN I . -22.72 20.94 38.91
HO3 MAN I . -24.79 23.42 38.09
HO4 MAN I . -22.63 25.03 36.03
HO6 MAN I . -19.43 23.38 33.62
C1 NAG J . -10.39 -13.68 53.32
C2 NAG J . -11.02 -13.24 54.64
C3 NAG J . -11.71 -14.42 55.31
C4 NAG J . -12.59 -15.23 54.36
C5 NAG J . -11.92 -15.43 53.00
C6 NAG J . -12.85 -15.97 51.93
C7 NAG J . -9.86 -11.41 55.89
C8 NAG J . -10.84 -10.43 55.35
N2 NAG J . -10.01 -12.70 55.52
O3 NAG J . -12.45 -13.88 56.38
O4 NAG J . -12.74 -16.46 55.05
O5 NAG J . -11.39 -14.21 52.51
O6 NAG J . -13.85 -15.03 51.67
O7 NAG J . -8.97 -11.06 56.64
H2 NAG J . -11.68 -12.56 54.45
H3 NAG J . -11.02 -15.04 55.59
H4 NAG J . -13.42 -14.75 54.19
H5 NAG J . -11.20 -16.06 53.14
H61 NAG J . -12.32 -16.17 51.14
H62 NAG J . -13.21 -16.82 52.23
H81 NAG J . -10.60 -9.53 55.64
H82 NAG J . -10.84 -10.46 54.38
H83 NAG J . -11.72 -10.64 55.68
HN2 NAG J . -9.45 -13.27 55.84
HO3 NAG J . -13.23 -14.22 56.35
HO6 NAG J . -14.33 -15.31 51.03
C1 NAG J . -13.99 -17.15 54.88
C2 NAG J . -14.37 -17.63 56.29
C3 NAG J . -15.61 -18.52 56.19
C4 NAG J . -16.72 -17.77 55.46
C5 NAG J . -16.20 -17.19 54.14
C6 NAG J . -17.25 -16.38 53.38
C7 NAG J . -12.42 -17.85 57.84
C8 NAG J . -12.65 -16.45 58.33
N2 NAG J . -13.27 -18.33 56.90
O3 NAG J . -15.99 -18.90 57.48
O4 NAG J . -17.77 -18.69 55.25
O5 NAG J . -15.07 -16.38 54.38
O6 NAG J . -16.82 -16.17 52.06
O7 NAG J . -11.51 -18.52 58.29
H2 NAG J . -14.59 -16.87 56.85
H3 NAG J . -15.39 -19.30 55.65
H4 NAG J . -17.01 -17.03 56.03
H5 NAG J . -15.95 -17.92 53.56
H61 NAG J . -18.08 -16.87 53.42
H62 NAG J . -17.39 -15.55 53.86
H81 NAG J . -11.89 -16.16 58.84
H82 NAG J . -12.77 -15.86 57.56
H83 NAG J . -13.45 -16.43 58.88
HN2 NAG J . -13.15 -19.13 56.62
HO3 NAG J . -16.66 -19.43 57.41
HO4 NAG J . -18.48 -18.26 55.06
HO6 NAG J . -17.46 -15.81 51.64
C1 NAG K . -10.97 30.21 45.89
C2 NAG K . -10.52 29.53 44.58
C3 NAG K . -10.42 30.56 43.44
C4 NAG K . -11.74 31.29 43.23
C5 NAG K . -12.18 31.85 44.59
C6 NAG K . -13.53 32.54 44.53
C7 NAG K . -9.07 27.56 44.31
C8 NAG K . -7.67 27.06 44.48
N2 NAG K . -9.26 28.85 44.67
O3 NAG K . -10.01 29.87 42.28
O4 NAG K . -11.50 32.31 42.27
O5 NAG K . -12.21 30.83 45.59
O6 NAG K . -14.49 31.70 43.94
O7 NAG K . -9.96 26.84 43.90
H2 NAG K . -11.22 28.87 44.43
H3 NAG K . -9.77 31.21 43.71
H4 NAG K . -12.42 30.67 42.89
H5 NAG K . -11.51 32.50 44.86
H61 NAG K . -13.78 32.79 45.44
H62 NAG K . -13.43 33.37 44.04
H81 NAG K . -7.65 26.10 44.30
H82 NAG K . -7.09 27.52 43.85
H83 NAG K . -7.37 27.22 45.39
HN2 NAG K . -8.58 29.30 44.97
HO3 NAG K . -9.97 30.44 41.65
HO6 NAG K . -15.22 32.14 43.85
C1 NAG K . -12.34 32.19 41.08
C2 NAG K . -12.67 33.61 40.58
C3 NAG K . -13.57 33.53 39.36
C4 NAG K . -12.88 32.72 38.27
C5 NAG K . -12.48 31.36 38.83
C6 NAG K . -11.70 30.52 37.84
C7 NAG K . -12.66 35.43 42.24
C8 NAG K . -13.49 36.12 43.27
N2 NAG K . -13.28 34.41 41.60
O3 NAG K . -13.86 34.83 38.93
O4 NAG K . -13.79 32.60 37.20
O5 NAG K . -11.71 31.50 40.02
O6 NAG K . -10.36 30.95 37.83
O7 NAG K . -11.51 35.77 42.00
H2 NAG K . -11.83 34.02 40.34
H3 NAG K . -14.40 33.08 39.60
H4 NAG K . -12.08 33.20 37.99
H5 NAG K . -13.29 30.88 39.07
H61 NAG K . -11.78 29.59 38.09
H62 NAG K . -12.12 30.62 36.97
H81 NAG K . -13.07 36.96 43.51
H82 NAG K . -14.37 36.30 42.92
H83 NAG K . -13.55 35.56 44.06
HN2 NAG K . -14.09 34.22 41.83
HO3 NAG K . -14.36 34.79 38.25
HO4 NAG K . -13.35 32.42 36.49
HO6 NAG K . -9.94 30.51 37.22
C1 NAG L . 8.71 9.39 -53.86
C2 NAG L . 7.76 10.52 -54.27
C3 NAG L . 6.41 9.98 -54.70
C4 NAG L . 6.55 8.87 -55.74
C5 NAG L . 7.54 7.83 -55.18
C6 NAG L . 7.79 6.64 -56.08
C7 NAG L . 8.11 12.71 -53.07
C8 NAG L . 8.86 13.22 -54.26
N2 NAG L . 7.62 11.44 -53.16
O3 NAG L . 5.67 11.07 -55.22
O4 NAG L . 5.26 8.34 -55.95
O5 NAG L . 8.78 8.44 -54.89
O6 NAG L . 8.82 5.86 -55.53
O7 NAG L . 7.93 13.39 -52.09
H2 NAG L . 8.15 10.97 -55.04
H3 NAG L . 5.98 9.59 -53.93
H4 NAG L . 6.92 9.23 -56.57
H5 NAG L . 7.13 7.48 -54.36
H61 NAG L . 6.96 6.14 -56.17
H62 NAG L . 8.01 6.97 -56.96
H81 NAG L . 9.29 14.06 -54.02
H82 NAG L . 9.54 12.58 -54.51
H83 NAG L . 8.25 13.37 -54.99
HN2 NAG L . 7.17 11.14 -52.49
HO3 NAG L . 4.91 10.77 -55.48
HO6 NAG L . 8.97 5.21 -56.06
C1 NAG L . 4.80 8.61 -57.30
C2 NAG L . 3.87 7.47 -57.73
C3 NAG L . 3.46 7.68 -59.19
C4 NAG L . 2.77 9.03 -59.33
C5 NAG L . 3.66 10.14 -58.73
C6 NAG L . 2.97 11.49 -58.73
C7 NAG L . 4.09 5.25 -56.66
C8 NAG L . 4.92 4.00 -56.64
N2 NAG L . 4.50 6.18 -57.56
O3 NAG L . 2.60 6.63 -59.57
O4 NAG L . 2.54 9.25 -60.71
O5 NAG L . 4.05 9.81 -57.41
O6 NAG L . 3.71 12.42 -58.00
O7 NAG L . 3.15 5.41 -55.91
H2 NAG L . 3.08 7.47 -57.17
H3 NAG L . 4.25 7.68 -59.73
H4 NAG L . 1.94 9.00 -58.83
H5 NAG L . 4.47 10.21 -59.26
H61 NAG L . 2.85 11.76 -59.66
H62 NAG L . 2.07 11.36 -58.36
H81 NAG L . 4.44 3.32 -56.14
H82 NAG L . 5.06 3.70 -57.55
H83 NAG L . 5.77 4.17 -56.22
HN2 NAG L . 5.19 6.01 -58.05
HO3 NAG L . 2.35 6.77 -60.36
HO4 NAG L . 1.96 9.86 -60.80
HO6 NAG L . 3.27 13.15 -57.97
C1 NAG M . 20.72 5.68 -39.08
C2 NAG M . 21.13 6.03 -37.64
C3 NAG M . 19.90 6.45 -36.86
C4 NAG M . 19.11 7.54 -37.59
C5 NAG M . 18.85 7.09 -39.03
C6 NAG M . 18.12 8.10 -39.90
C7 NAG M . 22.64 4.98 -36.01
C8 NAG M . 23.25 3.66 -35.60
N2 NAG M . 21.82 4.90 -37.07
O3 NAG M . 20.34 6.89 -35.60
O4 NAG M . 17.90 7.74 -36.88
O5 NAG M . 20.09 6.79 -39.66
O6 NAG M . 18.94 9.22 -40.13
O7 NAG M . 22.91 6.02 -35.42
H2 NAG M . 21.75 6.78 -37.65
H3 NAG M . 19.32 5.69 -36.78
H4 NAG M . 19.66 8.34 -37.60
H5 NAG M . 18.28 6.31 -39.00
H61 NAG M . 17.86 7.66 -40.73
H62 NAG M . 17.30 8.34 -39.46
H81 NAG M . 23.75 3.78 -34.77
H82 NAG M . 22.55 3.01 -35.46
H83 NAG M . 23.85 3.35 -36.29
HN2 NAG M . 21.69 4.14 -37.42
HO3 NAG M . 19.65 7.08 -35.13
HO6 NAG M . 18.48 9.80 -40.56
C1 NAG M . 17.75 9.15 -36.61
C2 NAG M . 16.26 9.50 -36.46
C3 NAG M . 16.11 10.99 -36.14
C4 NAG M . 16.95 11.34 -34.91
C5 NAG M . 18.40 10.89 -35.14
C6 NAG M . 19.31 11.18 -33.97
C7 NAG M . 14.22 8.77 -37.72
C8 NAG M . 13.48 8.59 -36.43
N2 NAG M . 15.51 9.21 -37.66
O3 NAG M . 14.76 11.29 -35.96
O4 NAG M . 16.87 12.74 -34.74
O5 NAG M . 18.42 9.49 -35.41
O6 NAG M . 19.33 12.56 -33.74
O7 NAG M . 13.66 8.56 -38.79
H2 NAG M . 15.90 8.96 -35.75
H3 NAG M . 16.47 11.49 -36.89
H4 NAG M . 16.58 10.88 -34.15
H5 NAG M . 18.76 11.35 -35.90
H61 NAG M . 18.98 10.69 -33.20
H62 NAG M . 20.18 10.83 -34.16
H81 NAG M . 12.54 8.43 -36.61
H82 NAG M . 13.84 7.83 -35.95
H83 NAG M . 13.58 9.38 -35.88
HN2 NAG M . 15.93 9.31 -38.40
HO3 NAG M . 14.68 12.14 -35.89
HO4 NAG M . 17.16 12.94 -33.97
HO6 NAG M . 19.87 12.72 -33.10
C1 NAG N . 14.04 0.88 -26.66
C2 NAG N . 14.22 2.22 -25.96
C3 NAG N . 12.99 3.11 -26.18
C4 NAG N . 12.54 3.17 -27.62
C5 NAG N . 12.53 1.79 -28.24
C6 NAG N . 12.27 1.84 -29.73
C7 NAG N . 15.57 2.30 -23.90
C8 NAG N . 15.52 2.10 -22.41
N2 NAG N . 14.41 2.08 -24.55
O3 NAG N . 13.32 4.39 -25.70
O4 NAG N . 11.22 3.62 -27.52
O5 NAG N . 13.75 1.12 -28.01
O6 NAG N . 12.15 0.54 -30.24
O7 NAG N . 16.60 2.64 -24.47
C1 NAG N . 11.02 4.96 -28.01
C2 NAG N . 9.54 5.02 -28.38
C3 NAG N . 9.17 6.41 -28.91
C4 NAG N . 9.60 7.50 -27.95
C5 NAG N . 11.01 7.27 -27.41
C6 NAG N . 11.27 8.12 -26.17
C7 NAG N . 8.59 2.85 -29.03
C8 NAG N . 8.36 1.92 -30.18
N2 NAG N . 9.22 4.00 -29.34
O3 NAG N . 7.78 6.40 -29.07
O4 NAG N . 9.52 8.70 -28.71
O5 NAG N . 11.27 5.93 -27.03
O6 NAG N . 12.61 7.98 -25.75
O7 NAG N . 8.24 2.56 -27.89
H2 NAG N . 9.03 4.86 -27.58
H3 NAG N . 9.65 6.55 -29.74
H4 NAG N . 9.00 7.47 -27.19
H5 NAG N . 11.62 7.51 -28.14
H61 NAG N . 11.06 9.04 -26.38
H62 NAG N . 10.65 7.84 -25.48
H81 NAG N . 7.72 1.25 -29.92
H82 NAG N . 8.01 2.43 -30.93
H83 NAG N . 9.20 1.50 -30.43
HN2 NAG N . 9.45 4.13 -30.16
HO3 NAG N . 7.56 7.09 -29.50
HO6 NAG N . 12.67 8.32 -24.98
C1 BMA N . 8.89 9.76 -27.93
C2 BMA N . 8.92 11.02 -28.80
C3 BMA N . 8.02 12.12 -28.18
C4 BMA N . 6.62 11.63 -27.78
C5 BMA N . 6.69 10.31 -27.02
C6 BMA N . 5.32 9.72 -26.73
O2 BMA N . 8.57 10.71 -30.11
O3 BMA N . 7.98 13.20 -29.06
O4 BMA N . 6.10 12.65 -26.96
O5 BMA N . 7.54 9.37 -27.65
O6 BMA N . 5.57 8.43 -26.21
H2 BMA N . 9.83 11.35 -28.76
H3 BMA N . 8.46 12.37 -27.36
H4 BMA N . 6.05 11.51 -28.55
H5 BMA N . 7.08 10.49 -26.15
H61 BMA N . 4.83 10.27 -26.09
H62 BMA N . 4.79 9.67 -27.54
HO2 BMA N . 8.38 9.88 -30.14
HO4 BMA N . 6.35 13.40 -27.27
C1 MAN N . 8.88 14.18 -28.52
C2 MAN N . 8.46 15.56 -29.01
C3 MAN N . 8.41 15.54 -30.53
C4 MAN N . 9.78 15.14 -31.08
C5 MAN N . 10.25 13.83 -30.42
C6 MAN N . 11.71 13.52 -30.72
O2 MAN N . 9.42 16.46 -28.55
O3 MAN N . 8.02 16.81 -30.96
O4 MAN N . 9.62 15.00 -32.47
O5 MAN N . 10.17 13.92 -29.00
O6 MAN N . 12.33 13.10 -29.53
H2 MAN N . 7.58 15.77 -28.64
H3 MAN N . 7.76 14.88 -30.82
H4 MAN N . 10.41 15.84 -30.85
H5 MAN N . 9.69 13.13 -30.76
H61 MAN N . 11.74 12.85 -31.41
H62 MAN N . 12.13 14.33 -31.08
HO3 MAN N . 7.97 16.80 -31.81
HO4 MAN N . 10.39 14.88 -32.83
HO6 MAN N . 13.10 12.79 -29.74
C1 MAN N . 9.16 16.87 -27.19
C2 MAN N . 9.03 18.38 -27.20
C3 MAN N . 10.34 18.96 -27.76
C4 MAN N . 11.49 18.50 -26.87
C5 MAN N . 11.50 16.97 -26.76
C6 MAN N . 12.52 16.48 -25.76
O2 MAN N . 8.83 18.86 -25.90
O3 MAN N . 10.20 20.36 -27.78
O4 MAN N . 12.68 18.99 -27.45
O5 MAN N . 10.23 16.49 -26.35
O6 MAN N . 12.79 15.12 -26.01
H2 MAN N . 8.26 18.59 -27.76
H3 MAN N . 10.48 18.63 -28.66
H4 MAN N . 11.36 18.87 -25.98
H5 MAN N . 11.72 16.61 -27.63
H61 MAN N . 13.31 17.03 -25.83
H62 MAN N . 12.16 16.61 -24.86
HO3 MAN N . 10.76 20.67 -28.35
HO4 MAN N . 13.33 18.82 -26.94
HO6 MAN N . 13.34 14.85 -25.43
C1 MAN N . 7.51 18.64 -25.37
C2 MAN N . 6.47 19.45 -26.13
C3 MAN N . 6.82 20.93 -26.07
C4 MAN N . 6.98 21.37 -24.62
C5 MAN N . 7.90 20.42 -23.86
C6 MAN N . 7.89 20.71 -22.37
O2 MAN N . 5.22 19.20 -25.52
O3 MAN N . 5.81 21.64 -26.75
O4 MAN N . 7.48 22.70 -24.64
O5 MAN N . 7.49 19.07 -24.03
O6 MAN N . 8.80 19.85 -21.72
H2 MAN N . 6.47 19.16 -27.06
H3 MAN N . 7.68 21.06 -26.51
H4 MAN N . 6.10 21.34 -24.20
H5 MAN N . 8.80 20.54 -24.19
H61 MAN N . 8.11 21.64 -22.23
H62 MAN N . 6.99 20.58 -22.04
HO2 MAN N . 4.61 19.53 -26.02
HO3 MAN N . 5.97 22.47 -26.66
HO4 MAN N . 7.46 23.02 -23.86
HO6 MAN N . 8.67 19.92 -20.88
C1 MAN N . 4.32 7.82 -25.88
C2 MAN N . 4.67 6.61 -25.01
C3 MAN N . 5.50 5.63 -25.83
C4 MAN N . 4.97 5.35 -27.23
C5 MAN N . 4.45 6.62 -27.92
C6 MAN N . 3.55 6.24 -29.09
O2 MAN N . 3.47 6.05 -24.55
O3 MAN N . 5.54 4.42 -25.10
O4 MAN N . 6.08 4.77 -27.90
O5 MAN N . 3.66 7.39 -27.03
O6 MAN N . 2.54 5.38 -28.59
H2 MAN N . 5.18 6.92 -24.25
H3 MAN N . 6.37 6.06 -25.93
H4 MAN N . 4.20 4.77 -27.16
H5 MAN N . 5.20 7.14 -28.24
H61 MAN N . 3.18 7.04 -29.48
H62 MAN N . 4.09 5.80 -29.77
HO2 MAN N . 3.67 5.41 -24.02
HO4 MAN N . 5.79 4.37 -28.60
C1 MAN N . 1.81 4.76 -29.66
C2 MAN N . 0.61 4.07 -29.01
C3 MAN N . 1.09 2.92 -28.13
C4 MAN N . 1.95 1.97 -28.95
C5 MAN N . 3.11 2.77 -29.56
C6 MAN N . 3.97 1.89 -30.44
O2 MAN N . -0.19 3.59 -30.06
O3 MAN N . -0.04 2.28 -27.60
O4 MAN N . 2.40 0.94 -28.08
O5 MAN N . 2.61 3.84 -30.34
O6 MAN N . 3.79 2.25 -31.79
H2 MAN N . 0.14 4.72 -28.48
H3 MAN N . 1.64 3.29 -27.41
H4 MAN N . 1.42 1.59 -29.66
H5 MAN N . 3.67 3.11 -28.85
H61 MAN N . 4.90 1.98 -30.17
H62 MAN N . 3.73 0.97 -30.28
HO3 MAN N . 0.22 1.62 -27.12
HO4 MAN N . 2.87 0.39 -28.52
HO6 MAN N . 4.35 1.82 -32.26
C1 MAN N . -1.34 4.46 -30.18
C2 MAN N . -2.39 3.73 -31.02
C3 MAN N . -1.86 3.48 -32.42
C4 MAN N . -1.32 4.77 -33.04
C5 MAN N . -0.34 5.45 -32.08
C6 MAN N . 0.13 6.79 -32.58
O2 MAN N . -3.53 4.55 -31.02
O3 MAN N . -2.92 2.93 -33.17
O4 MAN N . -0.69 4.40 -34.25
O5 MAN N . -0.97 5.64 -30.83
O6 MAN N . -0.97 7.54 -33.01
H2 MAN N . -2.58 2.88 -30.59
H3 MAN N . -1.11 2.86 -32.36
H4 MAN N . -2.07 5.37 -33.19
H5 MAN N . 0.45 4.87 -32.00
H61 MAN N . 0.61 7.23 -31.86
H62 MAN N . 0.77 6.65 -33.30
HO2 MAN N . -4.18 4.08 -31.31
HO3 MAN N . -2.66 2.87 -33.98
HO4 MAN N . -0.39 5.09 -34.63
HO6 MAN N . -0.69 8.31 -33.28
C1 MAN O . 7.67 5.07 -23.80
C2 MAN O . 8.35 3.71 -23.58
C3 MAN O . 7.40 2.68 -22.98
C4 MAN O . 6.73 3.27 -21.74
C5 MAN O . 5.94 4.52 -22.18
C6 MAN O . 5.25 5.19 -21.01
O2 MAN O . 9.46 3.95 -22.74
O3 MAN O . 8.10 1.51 -22.69
O4 MAN O . 5.92 2.27 -21.17
O5 MAN O . 6.80 5.48 -22.76
O6 MAN O . 6.22 5.86 -20.24
H2 MAN O . 8.64 3.38 -24.45
H3 MAN O . 6.71 2.50 -23.64
H4 MAN O . 7.40 3.53 -21.09
H5 MAN O . 5.27 4.24 -22.83
H61 MAN O . 4.58 5.81 -21.36
H62 MAN O . 4.78 4.51 -20.50
HO3 MAN O . 7.63 1.04 -22.16
HO4 MAN O . 5.59 2.55 -20.43
HO6 MAN O . 5.81 6.32 -19.65
C1 MAN O . 10.35 4.91 -23.35
C2 MAN O . 11.75 4.65 -22.80
C3 MAN O . 11.73 4.80 -21.28
C4 MAN O . 11.18 6.17 -20.88
C5 MAN O . 9.85 6.44 -21.60
C6 MAN O . 9.40 7.88 -21.42
O2 MAN O . 12.60 5.57 -23.42
O3 MAN O . 13.04 4.59 -20.82
O4 MAN O . 11.00 6.17 -19.48
O5 MAN O . 9.99 6.22 -23.00
O6 MAN O . 8.01 7.91 -21.30
H2 MAN O . 12.02 3.74 -23.02
H3 MAN O . 11.12 4.14 -20.91
H4 MAN O . 11.83 6.83 -21.15
H5 MAN O . 9.17 5.86 -21.22
H61 MAN O . 9.84 8.24 -20.62
H62 MAN O . 9.72 8.41 -22.17
HO2 MAN O . 13.34 5.56 -23.00
HO3 MAN O . 13.00 4.50 -19.98
HO4 MAN O . 10.64 6.89 -19.24
HO6 MAN O . 7.77 8.71 -21.19
C1 NAG P . -5.03 -3.10 -9.26
C2 NAG P . -6.07 -4.00 -8.61
C3 NAG P . -6.98 -4.59 -9.67
C4 NAG P . -7.55 -3.48 -10.56
C5 NAG P . -6.44 -2.56 -11.05
C6 NAG P . -6.93 -1.38 -11.86
C7 NAG P . -5.31 -5.07 -6.50
C8 NAG P . -4.52 -6.23 -5.97
N2 NAG P . -5.39 -5.03 -7.85
O3 NAG P . -7.99 -5.33 -9.02
O4 NAG P . -8.17 -4.15 -11.64
O5 NAG P . -5.69 -2.08 -9.96
O6 NAG P . -7.56 -0.45 -11.01
O7 NAG P . -5.80 -4.24 -5.75
H2 NAG P . -6.64 -3.49 -8.00
H3 NAG P . -6.44 -5.16 -10.25
H4 NAG P . -8.18 -2.96 -10.04
H5 NAG P . -5.87 -3.09 -11.63
H61 NAG P . -6.17 -0.98 -12.31
H62 NAG P . -7.52 -1.70 -12.55
H81 NAG P . -4.60 -6.25 -5.01
H82 NAG P . -4.87 -7.05 -6.35
H83 NAG P . -3.58 -6.12 -6.22
HN2 NAG P . -5.01 -5.65 -8.30
HO3 NAG P . -8.49 -5.67 -9.61
HO6 NAG P . -7.85 0.19 -11.48
C1 NAG P . -9.49 -3.61 -11.90
C2 NAG P . -9.93 -4.15 -13.27
C3 NAG P . -11.35 -3.68 -13.59
C4 NAG P . -12.29 -4.00 -12.44
C5 NAG P . -11.71 -3.48 -11.13
C6 NAG P . -12.54 -3.84 -9.91
C7 NAG P . -8.18 -4.59 -14.93
C8 NAG P . -7.27 -3.95 -15.95
N2 NAG P . -9.00 -3.74 -14.29
O3 NAG P . -11.75 -4.28 -14.80
O4 NAG P . -13.54 -3.42 -12.73
O5 NAG P . -10.41 -4.01 -10.93
O6 NAG P . -12.49 -5.24 -9.72
O7 NAG P . -8.15 -5.79 -14.73
H2 NAG P . -9.96 -5.11 -13.24
H3 NAG P . -11.33 -2.71 -13.69
H4 NAG P . -12.36 -4.98 -12.39
H5 NAG P . -11.67 -2.52 -11.20
H61 NAG P . -12.19 -3.36 -9.15
H62 NAG P . -13.45 -3.52 -10.05
H81 NAG P . -6.75 -4.64 -16.40
H82 NAG P . -7.82 -3.48 -16.60
H83 NAG P . -6.69 -3.33 -15.50
HN2 NAG P . -8.96 -2.90 -14.49
HO3 NAG P . -12.48 -3.92 -15.04
HO6 NAG P . -13.04 -5.44 -9.09
C1 NAG Q . -17.38 15.62 -6.39
C2 NAG Q . -16.82 14.46 -7.21
C3 NAG Q . -17.74 13.24 -7.12
C4 NAG Q . -18.12 12.88 -5.69
C5 NAG Q . -18.63 14.13 -4.97
C6 NAG Q . -18.84 13.95 -3.49
C7 NAG Q . -15.57 14.62 -9.34
C8 NAG Q . -15.73 15.03 -10.78
N2 NAG Q . -16.69 14.78 -8.61
O3 NAG Q . -17.10 12.18 -7.77
O4 NAG Q . -19.13 11.90 -5.83
O5 NAG Q . -17.70 15.18 -5.09
O6 NAG Q . -17.61 13.56 -2.90
O7 NAG Q . -14.52 14.21 -8.89
H2 NAG Q . -15.94 14.29 -6.83
H3 NAG Q . -18.57 13.50 -7.57
H4 NAG Q . -17.35 12.57 -5.22
H5 NAG Q . -19.48 14.35 -5.39
H61 NAG Q . -19.17 14.78 -3.12
H62 NAG Q . -19.54 13.28 -3.35
H81 NAG Q . -15.01 14.64 -11.30
H82 NAG Q . -16.58 14.70 -11.12
H83 NAG Q . -15.69 15.99 -10.85
HN2 NAG Q . -17.40 15.08 -9.00
HO3 NAG Q . -17.66 11.54 -7.87
HO6 NAG Q . -17.78 13.28 -2.10
C1 NAG Q . -19.06 10.94 -4.76
C2 NAG Q . -20.21 9.94 -4.96
C3 NAG Q . -20.22 8.93 -3.82
C4 NAG Q . -18.85 8.25 -3.75
C5 NAG Q . -17.74 9.31 -3.68
C6 NAG Q . -16.34 8.72 -3.69
C7 NAG Q . -22.16 11.43 -4.31
C8 NAG Q . -21.58 11.74 -2.96
N2 NAG Q . -21.49 10.61 -5.15
O3 NAG Q . -21.24 8.01 -4.04
O4 NAG Q . -18.85 7.42 -2.61
O5 NAG Q . -17.85 10.21 -4.76
O6 NAG Q . -16.10 8.07 -4.91
O7 NAG Q . -23.24 11.92 -4.63
H2 NAG Q . -20.07 9.46 -5.79
H3 NAG Q . -20.36 9.41 -2.99
H4 NAG Q . -18.74 7.74 -4.57
H5 NAG Q . -17.84 9.78 -2.84
H61 NAG Q . -15.70 9.44 -3.53
H62 NAG Q . -16.25 8.12 -2.93
H81 NAG Q . -21.65 12.69 -2.79
H82 NAG Q . -22.06 11.25 -2.28
H83 NAG Q . -20.64 11.48 -2.95
HN2 NAG Q . -21.85 10.46 -5.90
HO3 NAG Q . -21.21 7.42 -3.43
HO4 NAG Q . -18.22 6.84 -2.69
HO6 NAG Q . -15.30 7.78 -4.91
C1 NAG R . -29.94 29.17 -19.74
C2 NAG R . -30.87 30.00 -18.85
C3 NAG R . -31.36 29.17 -17.68
C4 NAG R . -32.02 27.91 -18.23
C5 NAG R . -31.04 27.19 -19.18
C6 NAG R . -31.61 25.94 -19.81
C7 NAG R . -29.07 31.28 -17.74
C8 NAG R . -28.57 32.67 -17.48
N2 NAG R . -30.20 31.22 -18.46
O3 NAG R . -32.24 29.95 -16.91
O4 NAG R . -32.42 27.10 -17.15
O5 NAG R . -30.65 28.06 -20.21
O6 NAG R . -32.95 26.21 -20.16
O7 NAG R . -28.49 30.29 -17.32
H2 NAG R . -31.66 30.28 -19.35
H3 NAG R . -30.60 28.90 -17.13
H4 NAG R . -32.80 28.19 -18.75
H5 NAG R . -30.27 26.92 -18.64
H61 NAG R . -31.07 25.69 -20.57
H62 NAG R . -31.54 25.20 -19.17
H81 NAG R . -27.79 32.63 -16.91
H82 NAG R . -28.36 33.10 -18.32
H83 NAG R . -29.27 33.17 -17.02
HN2 NAG R . -30.56 31.96 -18.71
HO3 NAG R . -32.50 29.49 -16.25
C1 NAG R . -33.79 26.70 -17.39
C2 NAG R . -34.14 25.45 -16.54
C3 NAG R . -35.60 25.07 -16.76
C4 NAG R . -36.52 26.26 -16.53
C5 NAG R . -36.02 27.45 -17.37
C6 NAG R . -36.84 28.72 -17.20
C7 NAG R . -33.35 23.41 -17.78
C8 NAG R . -32.26 22.39 -17.79
N2 NAG R . -33.24 24.35 -16.81
O3 NAG R . -35.90 24.00 -15.90
O4 NAG R . -37.81 25.87 -16.93
O5 NAG R . -34.68 27.74 -17.03
O6 NAG R . -38.10 28.54 -17.80
O7 NAG R . -34.26 23.35 -18.60
H2 NAG R . -34.01 25.68 -15.60
H3 NAG R . -35.70 24.81 -17.70
H4 NAG R . -36.48 26.50 -15.60
H5 NAG R . -36.08 27.22 -18.30
H61 NAG R . -36.92 28.90 -16.25
H62 NAG R . -36.35 29.46 -17.57
H81 NAG R . -32.32 21.86 -18.60
H82 NAG R . -31.40 22.84 -17.74
H83 NAG R . -32.36 21.81 -17.01
HN2 NAG R . -32.55 24.30 -16.29
HO3 NAG R . -36.73 23.81 -16.00
HO4 NAG R . -38.38 26.42 -16.60
HO6 NAG R . -38.53 29.28 -17.74
C1 MAN R . -33.19 25.89 -21.53
C2 MAN R . -33.03 27.16 -22.36
C3 MAN R . -34.07 28.19 -21.94
C4 MAN R . -35.48 27.61 -21.85
C5 MAN R . -35.46 26.29 -21.08
C6 MAN R . -36.80 25.58 -21.09
O2 MAN R . -33.19 26.80 -23.71
O3 MAN R . -34.02 29.26 -22.87
O4 MAN R . -36.29 28.57 -21.21
O5 MAN R . -34.50 25.41 -21.66
O6 MAN R . -37.10 25.20 -19.75
H2 MAN R . -32.15 27.51 -22.20
H3 MAN R . -33.83 28.48 -21.04
H4 MAN R . -35.79 27.43 -22.76
H5 MAN R . -35.24 26.48 -20.16
H61 MAN R . -37.46 26.17 -21.46
H62 MAN R . -36.74 24.80 -21.67
HO2 MAN R . -33.12 27.51 -24.17
HO3 MAN R . -34.52 29.88 -22.59
HO4 MAN R . -36.97 28.20 -20.88
HO6 MAN R . -37.77 24.68 -19.78
C1 NAG S . -3.27 26.11 -49.40
C2 NAG S . -4.06 27.03 -50.31
C3 NAG S . -3.13 28.10 -50.86
C4 NAG S . -2.30 28.79 -49.77
C5 NAG S . -1.74 27.77 -48.78
C6 NAG S . -1.13 28.37 -47.53
C7 NAG S . -5.99 25.92 -51.45
C8 NAG S . -6.91 26.41 -50.38
N2 NAG S . -4.68 26.26 -51.35
O3 NAG S . -3.98 29.00 -51.52
O4 NAG S . -1.25 29.45 -50.46
O5 NAG S . -2.74 26.88 -48.35
O6 NAG S . -1.26 27.47 -46.46
O7 NAG S . -6.41 25.26 -52.39
H2 NAG S . -4.76 27.47 -49.81
H3 NAG S . -2.48 27.68 -51.44
H4 NAG S . -2.90 29.38 -49.29
H5 NAG S . -1.03 27.30 -49.25
H61 NAG S . -0.20 28.60 -47.71
H62 NAG S . -1.58 29.22 -47.35
H81 NAG S . -7.76 25.94 -50.45
H82 NAG S . -6.52 26.23 -49.51
H83 NAG S . -7.05 27.36 -50.48
HN2 NAG S . -4.15 25.98 -51.97
HO3 NAG S . -3.63 29.78 -51.46
HO6 NAG S . -1.06 27.87 -45.74
C1 NAG S . -1.13 30.86 -50.14
C2 NAG S . -1.68 31.66 -51.34
C3 NAG S . -1.63 33.16 -51.04
C4 NAG S . -2.28 33.47 -49.70
C5 NAG S . -1.63 32.60 -48.63
C6 NAG S . -2.17 32.82 -47.23
C7 NAG S . -1.35 30.84 -53.71
C8 NAG S . -2.80 30.55 -53.85
N2 NAG S . -0.91 31.36 -52.53
O3 NAG S . -2.27 33.82 -52.10
O4 NAG S . -2.07 34.84 -49.45
O5 NAG S . -1.80 31.24 -48.97
O6 NAG S . -1.40 32.11 -46.29
O7 NAG S . -0.58 30.63 -54.64
H2 NAG S . -2.60 31.40 -51.48
H3 NAG S . -0.70 33.43 -50.99
H4 NAG S . -3.22 33.25 -49.76
H5 NAG S . -0.68 32.81 -48.58
H61 NAG S . -2.18 33.77 -47.05
H62 NAG S . -3.11 32.53 -47.21
H81 NAG S . -3.03 30.49 -54.79
H82 NAG S . -3.01 29.71 -53.41
H83 NAG S . -3.32 31.27 -53.45
HN2 NAG S . -0.07 31.53 -52.47
HO3 NAG S . -2.23 34.66 -51.96
HO4 NAG S . -2.59 35.08 -48.81
HO6 NAG S . -1.76 32.19 -45.53
C1 NAG T . -42.36 14.16 -32.76
C2 NAG T . -41.32 13.54 -31.83
C3 NAG T . -42.02 12.78 -30.70
C4 NAG T . -43.04 13.66 -30.00
C5 NAG T . -43.99 14.26 -31.05
C6 NAG T . -44.98 15.24 -30.45
C7 NAG T . -39.09 12.88 -32.63
C8 NAG T . -38.35 11.82 -33.40
N2 NAG T . -40.42 12.67 -32.52
O3 NAG T . -41.03 12.31 -29.82
O4 NAG T . -43.75 12.87 -29.07
O5 NAG T . -43.26 14.94 -32.03
O6 NAG T . -44.29 16.07 -29.55
O7 NAG T . -38.51 13.84 -32.16
H2 NAG T . -40.82 14.28 -31.45
H3 NAG T . -42.51 12.03 -31.10
H4 NAG T . -42.56 14.38 -29.56
H5 NAG T . -44.49 13.52 -31.44
H61 NAG T . -45.39 15.74 -31.18
H62 NAG T . -45.69 14.74 -30.02
H81 NAG T . -37.41 12.06 -33.46
H82 NAG T . -38.45 10.97 -32.95
H83 NAG T . -38.73 11.76 -34.30
HN2 NAG T . -40.75 11.97 -32.88
HO3 NAG T . -41.42 11.81 -29.23
C1 NAG T . -43.39 13.27 -27.73
C2 NAG T . -44.63 13.08 -26.83
C3 NAG T . -44.29 13.38 -25.37
C4 NAG T . -43.07 12.57 -24.95
C5 NAG T . -41.92 12.81 -25.92
C6 NAG T . -40.69 11.98 -25.64
C7 NAG T . -46.81 13.49 -27.94
C8 NAG T . -47.79 14.56 -28.31
N2 NAG T . -45.72 13.92 -27.28
O3 NAG T . -45.42 13.10 -24.60
O4 NAG T . -42.75 12.98 -23.63
O5 NAG T . -42.34 12.50 -27.24
O6 NAG T . -40.95 10.63 -25.96
O7 NAG T . -46.99 12.32 -28.25
H2 NAG T . -44.91 12.16 -26.91
H3 NAG T . -44.05 14.32 -25.32
H4 NAG T . -43.31 11.63 -24.97
H5 NAG T . -41.68 13.75 -25.85
H61 NAG T . -39.94 12.34 -26.15
H62 NAG T . -40.45 12.08 -24.70
H81 NAG T . -48.58 14.15 -28.71
H82 NAG T . -48.05 15.04 -27.50
H83 NAG T . -47.38 15.17 -28.93
HN2 NAG T . -45.65 14.76 -27.11
HO3 NAG T . -45.22 13.23 -23.79
HO4 NAG T . -42.31 12.36 -23.26
HO6 NAG T . -40.28 10.16 -25.73
C1 FUC T . -45.22 16.96 -28.89
C2 FUC T . -44.49 17.59 -27.71
C3 FUC T . -43.33 18.45 -28.20
C4 FUC T . -43.83 19.48 -29.22
C5 FUC T . -44.60 18.75 -30.32
C6 FUC T . -45.23 19.68 -31.33
O2 FUC T . -44.07 16.58 -26.84
O3 FUC T . -42.73 19.05 -27.08
O4 FUC T . -44.62 20.44 -28.55
O5 FUC T . -45.65 17.96 -29.77
H2 FUC T . -45.13 18.17 -27.27
H3 FUC T . -42.71 17.88 -28.67
H4 FUC T . -43.06 19.89 -29.64
H5 FUC T . -43.97 18.18 -30.79
H61 FUC T . -45.70 19.17 -32.01
H62 FUC T . -45.88 20.26 -30.89
H63 FUC T . -44.56 20.23 -31.75
HO2 FUC T . -43.66 16.94 -26.19
HO3 FUC T . -41.98 19.38 -27.31
HO4 FUC T . -44.79 21.06 -29.09
C01 A1JMF U . -4.13 -0.45 38.89
C02 A1JMF U . -3.63 0.05 37.55
C03 A1JMF U . -2.61 1.17 37.88
C04 A1JMF U . -1.74 1.48 36.69
C05 A1JMF U . -1.19 2.84 36.97
C06 A1JMF U . -2.41 3.61 37.23
C07 A1JMF U . -3.15 2.61 38.20
C08 A1JMF U . -2.68 2.70 39.69
C09 A1JMF U . -2.82 4.07 40.15
C10 A1JMF U . -1.80 4.98 39.45
C11 A1JMF U . -1.95 4.96 37.80
C12 A1JMF U . -0.62 5.59 37.12
C13 A1JMF U . -0.53 6.96 37.63
C15 A1JMF U . -0.67 7.16 39.15
C16 A1JMF U . -1.86 6.46 39.88
C17 A1JMF U . -1.79 6.62 41.45
C18 A1JMF U . -0.57 7.39 41.98
C19 A1JMF U . -0.18 8.65 41.16
C20 A1JMF U . -0.63 8.58 39.68
C22 A1JMF U . -3.26 6.97 39.42
C23 A1JMF U . -4.51 2.80 37.77
C24 A1JMF U . -3.06 -1.18 36.77
C25 A1JMF U . -4.07 -2.40 36.72
C26 A1JMF U . -5.49 -2.00 36.15
C27 A1JMF U . -5.35 -1.74 34.65
C28 A1JMF U . -6.60 -3.05 36.50
C29 A1JMF U . -6.07 -4.49 36.48
C30 A1JMF U . -7.88 -2.93 35.64
O14 A1JMF U . -0.34 7.86 36.81
O21 A1JMF U . 1.23 8.77 41.22
O31 A1JMF U . -3.46 -3.35 35.90
O32 A1JMF U . -1.80 -1.49 37.28
H012 A1JMF U . -4.90 -1.03 38.78
H013 A1JMF U . -3.44 -0.96 39.35
H011 A1JMF U . -4.39 0.29 39.47
H021 A1JMF U . -4.37 0.39 37.01
H031 A1JMF U . -1.95 1.02 38.58
H041 A1JMF U . -1.05 0.80 36.83
H042 A1JMF U . -2.43 1.52 36.02
H051 A1JMF U . -0.79 3.00 37.83
H052 A1JMF U . -0.91 3.38 36.21
H061 A1JMF U . -2.63 3.58 36.28
H082 A1JMF U . -1.74 2.46 39.84
H081 A1JMF U . -3.16 2.15 40.32
H091 A1JMF U . -3.75 4.17 39.93
H092 A1JMF U . -2.69 3.89 41.10
H101 A1JMF U . -0.97 4.56 39.74
H111 A1JMF U . -2.79 5.14 37.35
H122 A1JMF U . 0.26 5.17 37.26
H121 A1JMF U . -0.53 5.62 36.15
H151 A1JMF U . 0.17 6.76 39.38
H172 A1JMF U . -1.83 5.75 41.90
H171 A1JMF U . -2.59 7.03 41.80
H182 A1JMF U . -0.71 7.61 42.90
H181 A1JMF U . 0.19 6.79 42.04
H191 A1JMF U . -0.57 9.44 41.58
H201 A1JMF U . -0.05 9.14 39.13
H202 A1JMF U . -1.49 9.01 39.59
H223 A1JMF U . -4.01 6.41 39.67
H221 A1JMF U . -3.51 7.85 39.76
H222 A1JMF U . -3.37 7.06 38.45
H233 A1JMF U . -4.97 2.27 38.42
H231 A1JMF U . -4.58 3.77 37.86
H232 A1JMF U . -4.45 2.45 36.86
H241 A1JMF U . -2.89 -0.86 35.87
H251 A1JMF U . -4.17 -2.75 37.62
H261 A1JMF U . -5.74 -1.15 36.57
H272 A1JMF U . -4.72 -1.04 34.44
H273 A1JMF U . -5.05 -2.53 34.16
H271 A1JMF U . -6.18 -1.48 34.23
H281 A1JMF U . -6.88 -2.87 37.41
H293 A1JMF U . -6.76 -5.16 36.47
H292 A1JMF U . -5.52 -4.69 35.71
H291 A1JMF U . -5.51 -4.72 37.24
H303 A1JMF U . -8.58 -3.56 35.87
H302 A1JMF U . -8.31 -2.07 35.68
H301 A1JMF U . -7.73 -3.07 34.69
H211 A1JMF U . 1.47 9.51 40.87
H311 A1JMF U . -2.66 -3.47 36.12
H321 A1JMF U . -1.45 -2.14 36.88
C1 NAG V . 20.85 -41.08 17.37
C2 NAG V . 19.92 -42.29 17.45
C3 NAG V . 20.72 -43.54 17.06
C4 NAG V . 21.41 -43.36 15.71
C5 NAG V . 22.17 -42.03 15.66
C6 NAG V . 22.73 -41.71 14.29
C7 NAG V . 18.04 -42.37 19.04
C8 NAG V . 17.70 -42.56 20.48
N2 NAG V . 19.36 -42.45 18.76
O3 NAG V . 19.84 -44.63 17.04
O4 NAG V . 22.28 -44.46 15.55
O5 NAG V . 21.32 -40.97 16.05
O6 NAG V . 21.67 -41.36 13.43
O7 NAG V . 17.18 -42.16 18.19
H2 NAG V . 19.19 -42.16 16.82
H3 NAG V . 21.41 -43.66 17.73
H4 NAG V . 20.72 -43.34 15.02
H5 NAG V . 22.92 -42.10 16.29
H61 NAG V . 23.38 -40.99 14.39
H62 NAG V . 23.22 -42.48 13.97
H81 NAG V . 16.74 -42.66 20.57
H82 NAG V . 18.13 -43.36 20.81
H83 NAG V . 18.00 -41.79 20.99
HN2 NAG V . 19.91 -42.60 19.41
HO3 NAG V . 20.28 -45.33 16.82
HO4 NAG V . 22.69 -44.40 14.81
HO6 NAG V . 22.01 -41.09 12.70
C1 NAG W . -9.61 -17.17 -4.75
C2 NAG W . -8.50 -16.84 -5.75
C3 NAG W . -9.00 -16.96 -7.18
C4 NAG W . -9.56 -18.35 -7.41
C5 NAG W . -10.68 -18.60 -6.40
C6 NAG W . -11.24 -20.00 -6.47
C7 NAG W . -6.62 -15.29 -5.39
C8 NAG W . -6.26 -13.85 -5.19
N2 NAG W . -7.94 -15.53 -5.55
O3 NAG W . -7.96 -16.65 -8.06
O4 NAG W . -10.01 -18.43 -8.74
O5 NAG W . -10.21 -18.41 -5.08
O6 NAG W . -10.18 -20.93 -6.37
O7 NAG W . -5.77 -16.18 -5.38
H2 NAG W . -7.80 -17.49 -5.58
H3 NAG W . -9.73 -16.32 -7.31
H4 NAG W . -8.85 -19.00 -7.26
H5 NAG W . -11.39 -17.96 -6.59
H61 NAG W . -11.89 -20.12 -5.76
H62 NAG W . -11.73 -20.10 -7.30
H81 NAG W . -5.32 -13.78 -4.98
H82 NAG W . -6.43 -13.37 -6.02
H83 NAG W . -6.78 -13.48 -4.47
HN2 NAG W . -8.48 -14.86 -5.54
HO3 NAG W . -8.25 -16.70 -8.85
HO4 NAG W . -10.14 -19.24 -8.94
HO6 NAG W . -10.51 -21.71 -6.31
S SO4 X . 11.29 -9.97 27.67
O1 SO4 X . 12.65 -9.50 27.26
O2 SO4 X . 10.93 -11.19 26.90
O3 SO4 X . 11.28 -10.32 29.14
O4 SO4 X . 10.30 -8.87 27.41
S SO4 Y . 6.25 -18.68 28.99
O1 SO4 Y . 7.69 -18.37 28.72
O2 SO4 Y . 5.70 -19.51 27.88
O3 SO4 Y . 6.16 -19.45 30.28
O4 SO4 Y . 5.46 -17.42 29.12
C1 PGE Z . 15.43 -6.78 22.87
O1 PGE Z . 14.18 -6.39 23.40
C2 PGE Z . 15.40 -6.68 21.37
O2 PGE Z . 14.28 -7.38 20.90
C3 PGE Z . 13.94 -7.18 19.55
C4 PGE Z . 12.48 -6.93 19.29
O4 PGE Z . 10.21 -6.19 23.28
C6 PGE Z . 10.80 -5.52 22.19
C5 PGE Z . 11.23 -6.59 21.20
O3 PGE Z . 11.94 -5.98 20.17
H1 PGE Z . 15.67 -7.69 23.10
H12 PGE Z . 16.16 -6.22 23.19
HO1 PGE Z . 13.58 -6.85 23.00
H2 PGE Z . 16.23 -7.04 21.00
H22 PGE Z . 15.36 -5.74 21.11
H3 PGE Z . 14.22 -7.95 19.03
H32 PGE Z . 14.44 -6.42 19.20
H4 PGE Z . 12.01 -7.78 19.37
H42 PGE Z . 12.38 -6.65 18.36
HO4 PGE Z . 10.05 -5.62 23.89
H6 PGE Z . 11.58 -5.00 22.45
H62 PGE Z . 10.19 -4.91 21.75
H5 PGE Z . 10.46 -7.05 20.87
H52 PGE Z . 11.79 -7.25 21.66
S SO4 AA . -1.76 22.57 41.20
O1 SO4 AA . -1.56 22.47 39.71
O2 SO4 AA . -3.14 22.10 41.54
O3 SO4 AA . -0.74 21.73 41.90
O4 SO4 AA . -1.60 24.00 41.62
S SO4 BA . 3.47 -2.02 -31.14
O1 SO4 BA . 4.27 -1.11 -32.02
O2 SO4 BA . 2.46 -2.76 -31.97
O3 SO4 BA . 4.37 -3.00 -30.46
O4 SO4 BA . 2.76 -1.20 -30.10
C01 A1JMF CA . -11.20 13.35 -35.11
C02 A1JMF CA . -11.18 12.53 -33.82
C03 A1JMF CA . -12.19 11.37 -34.06
C04 A1JMF CA . -12.12 10.32 -32.99
C05 A1JMF CA . -13.38 9.53 -33.16
C06 A1JMF CA . -14.42 10.56 -33.05
C07 A1JMF CA . -13.75 11.70 -33.96
C08 A1JMF CA . -14.09 11.59 -35.49
C09 A1JMF CA . -15.52 11.40 -35.69
C10 A1JMF CA . -15.97 10.04 -35.14
C11 A1JMF CA . -15.72 9.92 -33.53
C12 A1JMF CA . -15.96 8.40 -33.02
C13 A1JMF CA . -17.35 8.08 -33.36
C15 A1JMF CA . -17.77 8.32 -34.83
C16 A1JMF CA . -17.44 9.72 -35.43
C17 A1JMF CA . -17.70 9.76 -36.98
C18 A1JMF CA . -19.11 9.32 -37.37
C19 A1JMF CA . -19.54 7.97 -36.73
C20 A1JMF CA . -19.22 7.94 -35.19
C22 A1JMF CA . -18.25 10.86 -34.78
C23 A1JMF CA . -14.00 12.83 -33.13
C24 A1JMF CA . -9.70 12.09 -33.55
C25 A1JMF CA . -8.68 13.33 -33.50
C26 A1JMF CA . -9.05 14.38 -32.38
C27 A1JMF CA . -8.70 13.78 -31.01
C28 A1JMF CA . -8.37 15.79 -32.61
C29 A1JMF CA . -6.96 15.67 -33.19
C30 A1JMF CA . -8.39 16.70 -31.37
O14 A1JMF CA . -18.07 7.65 -32.47
O21 A1JMF CA . -18.86 6.93 -37.37
O31 A1JMF CA . -7.42 12.76 -33.25
O32 A1JMF CA . -9.36 11.11 -34.47
H012 A1JMF CA . -10.62 14.12 -35.03
H013 A1JMF CA . -10.89 12.82 -35.86
H011 A1JMF CA . -12.10 13.65 -35.31
H021 A1JMF CA . -11.44 13.06 -33.05
H031 A1JMF CA . -12.13 10.84 -34.87
H041 A1JMF CA . -11.36 9.82 -33.33
H042 A1JMF CA . -12.18 10.90 -32.22
H051 A1JMF CA . -13.61 9.25 -34.06
H052 A1JMF CA . -13.69 9.01 -32.40
H061 A1JMF CA . -14.26 10.61 -32.10
H082 A1JMF CA . -13.67 10.87 -35.97
H081 A1JMF CA . -13.87 12.37 -36.02
H091 A1JMF CA . -15.81 12.21 -35.22
H092 A1JMF CA . -15.52 11.53 -36.65
H101 A1JMF CA . -15.38 9.42 -35.60
H111 A1JMF CA . -16.01 10.61 -32.91
H122 A1JMF CA . -15.41 7.68 -33.36
H121 A1JMF CA . -15.83 8.17 -32.09
H151 A1JMF CA . -17.22 7.63 -35.23
H172 A1JMF CA . -17.06 9.21 -37.48
H171 A1JMF CA . -17.52 10.62 -37.37
H182 A1JMF CA . -19.75 10.02 -37.17
H181 A1JMF CA . -19.20 9.28 -38.35
H191 A1JMF CA . -20.48 7.83 -36.87
H201 A1JMF CA . -19.43 7.07 -34.85
H202 A1JMF CA . -19.84 8.52 -34.73
H223 A1JMF CA . -18.08 11.75 -35.14
H221 A1JMF CA . -19.22 10.77 -34.85
H222 A1JMF CA . -18.11 10.98 -33.83
H233 A1JMF CA . -13.74 13.55 -33.73
H231 A1JMF CA . -14.94 12.71 -32.96
H232 A1JMF CA . -13.39 12.64 -32.39
H241 A1JMF CA . -9.72 11.65 -32.69
H251 A1JMF CA . -8.69 13.77 -34.36
H261 A1JMF CA . -10.01 14.50 -32.40
H272 A1JMF CA . -9.14 12.93 -30.85
H273 A1JMF CA . -7.75 13.61 -30.91
H271 A1JMF CA . -8.95 14.35 -30.27
H281 A1JMF CA . -8.92 16.23 -33.28
H293 A1JMF CA . -6.45 16.49 -33.15
H292 A1JMF CA . -6.40 15.02 -32.75
H291 A1JMF CA . -6.93 15.42 -34.13
H303 A1JMF CA . -7.97 17.56 -31.49
H302 A1JMF CA . -9.28 16.92 -31.03
H301 A1JMF CA . -7.94 16.33 -30.59
H211 A1JMF CA . -19.14 6.18 -37.09
H311 A1JMF CA . -7.25 12.17 -33.83
H321 A1JMF CA . -8.57 10.83 -34.34
C1 NAG DA . 37.04 -5.73 -30.05
C2 NAG DA . 37.29 -6.75 -28.91
C3 NAG DA . 38.65 -7.42 -29.02
C4 NAG DA . 38.81 -7.95 -30.45
C5 NAG DA . 38.68 -6.76 -31.41
C6 NAG DA . 38.98 -7.11 -32.84
C7 NAG DA . 37.85 -5.07 -27.17
C8 NAG DA . 37.44 -4.59 -25.80
N2 NAG DA . 37.12 -6.10 -27.63
O3 NAG DA . 38.68 -8.45 -28.08
O4 NAG DA . 40.08 -8.56 -30.52
O5 NAG DA . 37.35 -6.27 -31.31
O6 NAG DA . 38.03 -8.02 -33.35
O7 NAG DA . 38.78 -4.56 -27.78
H2 NAG DA . 36.64 -7.46 -29.00
H3 NAG DA . 39.35 -6.77 -28.86
H4 NAG DA . 38.12 -8.60 -30.63
H5 NAG DA . 39.31 -6.07 -31.16
H61 NAG DA . 39.01 -6.29 -33.36
H62 NAG DA . 39.88 -7.49 -32.89
H81 NAG DA . 37.83 -3.73 -25.63
H82 NAG DA . 36.48 -4.53 -25.76
H83 NAG DA . 37.75 -5.23 -25.13
HN2 NAG DA . 36.49 -6.40 -27.13
HO3 NAG DA . 38.00 -8.95 -28.21
HO4 NAG DA . 40.67 -8.02 -30.25
HO6 NAG DA . 38.29 -8.29 -34.11
C1 NAG EA . -24.10 18.85 -18.10
C2 NAG EA . -24.80 17.62 -18.67
C3 NAG EA . -25.74 17.07 -17.59
C4 NAG EA . -24.97 16.77 -16.32
C5 NAG EA . -24.18 18.01 -15.89
C6 NAG EA . -23.27 17.72 -14.70
C7 NAG EA . -25.23 17.39 -21.09
C8 NAG EA . -26.18 17.77 -22.18
N2 NAG EA . -25.55 17.85 -19.87
O3 NAG EA . -26.39 15.94 -18.11
O4 NAG EA . -25.90 16.39 -15.34
O5 NAG EA . -23.38 18.48 -16.95
O6 NAG EA . -24.06 17.34 -13.59
O7 NAG EA . -24.22 16.73 -21.32
H2 NAG EA . -24.09 17.00 -18.92
H3 NAG EA . -26.39 17.76 -17.38
H4 NAG EA . -24.35 16.05 -16.53
H5 NAG EA . -24.82 18.70 -15.63
H61 NAG EA . -22.64 17.03 -14.95
H62 NAG EA . -22.75 18.52 -14.51
H81 NAG EA . -25.97 17.27 -22.99
H82 NAG EA . -27.09 17.57 -21.91
H83 NAG EA . -26.11 18.72 -22.37
HN2 NAG EA . -26.27 18.33 -19.79
HO3 NAG EA . -27.05 15.77 -17.61
HO6 NAG EA . -23.54 17.16 -12.95
S SO4 FA . -33.09 6.35 -32.80
O1 SO4 FA . -32.56 5.36 -31.82
O2 SO4 FA . -31.98 7.26 -33.26
O3 SO4 FA . -33.65 5.61 -33.98
O4 SO4 FA . -34.16 7.17 -32.14
S SO4 GA . 3.14 0.63 -48.03
O1 SO4 GA . 4.08 0.83 -49.18
O2 SO4 GA . 1.90 -0.05 -48.52
O3 SO4 GA . 3.81 -0.22 -46.99
O4 SO4 GA . 2.79 1.96 -47.43
S SO4 HA . 22.10 13.25 -40.91
O1 SO4 HA . 22.69 14.59 -41.20
O2 SO4 HA . 21.26 12.80 -42.06
O3 SO4 HA . 23.21 12.26 -40.69
O4 SO4 HA . 21.24 13.32 -39.68
S SO4 IA . 10.55 4.93 -32.99
O1 SO4 IA . 11.21 5.59 -34.17
O2 SO4 IA . 10.29 3.50 -33.33
O3 SO4 IA . 11.48 5.02 -31.81
O4 SO4 IA . 9.26 5.62 -32.65
C1 PGE JA . 0.04 -3.07 -25.61
O1 PGE JA . 1.19 -2.60 -26.27
C2 PGE JA . 0.23 -2.96 -24.13
O2 PGE JA . 1.47 -3.54 -23.76
C3 PGE JA . 1.61 -4.92 -24.03
C4 PGE JA . 2.78 -5.59 -23.35
O4 PGE JA . 1.96 -7.41 -26.60
C6 PGE JA . 2.88 -8.13 -25.80
C5 PGE JA . 3.61 -7.12 -24.94
O3 PGE JA . 2.87 -6.93 -23.75
H1 PGE JA . -0.76 -2.56 -25.84
H12 PGE JA . -0.15 -3.99 -25.82
HO1 PGE JA . 1.06 -2.63 -27.11
H2 PGE JA . 0.20 -2.03 -23.87
H22 PGE JA . -0.50 -3.41 -23.67
H3 PGE JA . 0.80 -5.38 -23.75
H32 PGE JA . 1.70 -5.06 -24.99
H4 PGE JA . 3.59 -5.09 -23.57
H42 PGE JA . 2.66 -5.50 -22.38
HO4 PGE JA . 1.48 -7.98 -27.02
H6 PGE JA . 2.44 -8.78 -25.24
H62 PGE JA . 3.52 -8.62 -26.34
H5 PGE JA . 4.50 -7.44 -24.74
H52 PGE JA . 3.70 -6.29 -25.42
C ACT KA . 29.39 -11.45 -32.22
O ACT KA . 29.56 -12.46 -31.48
OXT ACT KA . 30.01 -10.37 -32.18
CH3 ACT KA . 28.27 -11.58 -33.29
H1 ACT KA . 28.21 -10.81 -33.86
H2 ACT KA . 27.39 -11.71 -32.92
H3 ACT KA . 28.41 -12.34 -33.89
#